data_5XJ3
#
_entry.id   5XJ3
#
_cell.length_a   91.959
_cell.length_b   114.240
_cell.length_c   150.120
_cell.angle_alpha   90.00
_cell.angle_beta   90.00
_cell.angle_gamma   90.00
#
_symmetry.space_group_name_H-M   'P 2 21 21'
#
loop_
_entity.id
_entity.type
_entity.pdbx_description
1 polymer ipilimumab-VH
2 polymer ipilimumab-VL
3 polymer 'Cytotoxic T-lymphocyte protein 4'
#
loop_
_entity_poly.entity_id
_entity_poly.type
_entity_poly.pdbx_seq_one_letter_code
_entity_poly.pdbx_strand_id
1 'polypeptide(L)'
;QVQLVESGGGVVQPGRSLRLSCAASGFTFSSYTMHWVRQAPGKGLEWVTFISYDGNNKYYADSVKGRFTISRDNSKNTLY
LQMNSLRAEDTAIYYCARTGWLGPFDYWGQGTLVTVSS
;
A,D,G,J
2 'polypeptide(L)'
;EIVLTQSPGTLSLSPGERATLSCRASQSVGSSYLAWYQQKPGQAPRLLIYGAFSRATGIPDRFSGSGSGTDFTLTISRLE
PEDFAVYYCQQYGSSPWTFGQGTKVEIKR
;
B,E,H,K
3 'polypeptide(L)'
;MKAMHVAQPAVVLASSRGIASFVCEYASPGKATEVRVTVLRQADSQVTEVCAATYMMGNELTFLDDSICTGTSSGNQVNL
TIQGLRAMDTGLYICKVELMYPPPYYLGIGNGTQIYVIDPEPCPDSD
;
C,F,I,L
#
# COMPACT_ATOMS: atom_id res chain seq x y z
N GLN A 1 -14.75 -21.23 -27.09
CA GLN A 1 -15.65 -21.46 -28.22
C GLN A 1 -15.58 -20.32 -29.22
N VAL A 2 -14.83 -19.28 -28.88
CA VAL A 2 -14.69 -18.11 -29.76
C VAL A 2 -13.84 -18.44 -30.98
N GLN A 3 -14.38 -18.16 -32.16
CA GLN A 3 -13.71 -18.48 -33.42
C GLN A 3 -13.64 -17.30 -34.38
N LEU A 4 -12.43 -17.04 -34.88
CA LEU A 4 -12.20 -16.00 -35.87
C LEU A 4 -11.52 -16.60 -37.09
N VAL A 5 -12.25 -16.74 -38.18
CA VAL A 5 -11.70 -17.34 -39.39
C VAL A 5 -11.62 -16.34 -40.52
N GLU A 6 -10.45 -16.21 -41.14
CA GLU A 6 -10.29 -15.26 -42.22
C GLU A 6 -10.18 -15.98 -43.57
N SER A 7 -10.50 -15.25 -44.64
CA SER A 7 -10.46 -15.80 -46.00
C SER A 7 -10.38 -14.67 -47.03
N GLY A 8 -10.10 -15.05 -48.27
CA GLY A 8 -10.01 -14.08 -49.36
C GLY A 8 -8.57 -13.88 -49.82
N GLY A 9 -7.63 -14.37 -49.02
CA GLY A 9 -6.21 -14.23 -49.34
C GLY A 9 -5.79 -15.11 -50.51
N GLY A 10 -4.67 -14.76 -51.13
CA GLY A 10 -4.15 -15.53 -52.24
C GLY A 10 -3.00 -14.82 -52.93
N VAL A 11 -2.77 -15.16 -54.20
CA VAL A 11 -1.71 -14.55 -54.99
C VAL A 11 -2.26 -13.51 -55.95
N VAL A 12 -1.98 -12.24 -55.68
CA VAL A 12 -2.44 -11.15 -56.53
C VAL A 12 -1.24 -10.43 -57.12
N GLN A 13 -1.46 -9.55 -58.09
CA GLN A 13 -0.38 -8.83 -58.73
C GLN A 13 -0.50 -7.33 -58.45
N PRO A 14 0.64 -6.60 -58.50
CA PRO A 14 0.67 -5.17 -58.17
C PRO A 14 -0.33 -4.35 -58.96
N GLY A 15 -1.12 -3.53 -58.27
CA GLY A 15 -2.07 -2.65 -58.91
C GLY A 15 -3.50 -3.18 -58.89
N ARG A 16 -3.68 -4.39 -58.37
CA ARG A 16 -5.01 -4.96 -58.29
C ARG A 16 -5.64 -4.71 -56.92
N SER A 17 -6.82 -5.25 -56.73
CA SER A 17 -7.54 -5.09 -55.47
C SER A 17 -7.94 -6.44 -54.91
N LEU A 18 -8.19 -6.47 -53.61
CA LEU A 18 -8.60 -7.69 -52.92
C LEU A 18 -9.62 -7.36 -51.85
N ARG A 19 -10.33 -8.37 -51.38
CA ARG A 19 -11.21 -8.21 -50.25
C ARG A 19 -11.04 -9.37 -49.29
N LEU A 20 -10.75 -9.06 -48.03
CA LEU A 20 -10.58 -10.10 -47.04
C LEU A 20 -11.76 -10.12 -46.08
N SER A 21 -12.21 -11.31 -45.72
CA SER A 21 -13.36 -11.43 -44.83
C SER A 21 -13.01 -12.23 -43.60
N CYS A 22 -13.57 -11.82 -42.46
CA CYS A 22 -13.31 -12.52 -41.21
C CYS A 22 -14.61 -12.90 -40.52
N ALA A 23 -15.03 -14.15 -40.71
CA ALA A 23 -16.21 -14.67 -40.03
C ALA A 23 -15.92 -14.89 -38.55
N ALA A 24 -16.82 -14.42 -37.70
CA ALA A 24 -16.66 -14.53 -36.26
C ALA A 24 -17.82 -15.28 -35.63
N SER A 25 -17.52 -16.08 -34.61
CA SER A 25 -18.56 -16.84 -33.91
C SER A 25 -18.18 -17.12 -32.46
N GLY A 26 -19.17 -17.51 -31.65
CA GLY A 26 -18.93 -17.89 -30.27
C GLY A 26 -19.04 -16.74 -29.28
N PHE A 27 -19.28 -15.55 -29.80
CA PHE A 27 -19.40 -14.36 -28.96
C PHE A 27 -20.26 -13.32 -29.67
N THR A 28 -20.89 -12.43 -28.90
CA THR A 28 -21.69 -11.37 -29.51
C THR A 28 -20.74 -10.38 -30.20
N PHE A 29 -21.04 -10.08 -31.47
CA PHE A 29 -20.08 -9.40 -32.33
C PHE A 29 -20.07 -7.89 -32.13
N SER A 30 -21.25 -7.31 -31.91
CA SER A 30 -21.39 -5.86 -31.83
C SER A 30 -20.92 -5.26 -30.50
N SER A 31 -20.19 -6.04 -29.71
CA SER A 31 -19.73 -5.57 -28.40
C SER A 31 -18.22 -5.45 -28.33
N TYR A 32 -17.55 -5.59 -29.47
CA TYR A 32 -16.10 -5.55 -29.50
C TYR A 32 -15.58 -4.74 -30.67
N THR A 33 -14.40 -4.16 -30.51
CA THR A 33 -13.72 -3.50 -31.63
C THR A 33 -12.82 -4.51 -32.31
N MET A 34 -12.52 -4.26 -33.58
CA MET A 34 -11.75 -5.21 -34.35
C MET A 34 -10.50 -4.60 -34.96
N HIS A 35 -9.54 -5.47 -35.27
CA HIS A 35 -8.26 -5.04 -35.82
C HIS A 35 -7.84 -5.93 -36.97
N TRP A 36 -7.14 -5.33 -37.93
CA TRP A 36 -6.40 -6.11 -38.91
C TRP A 36 -4.91 -5.89 -38.67
N VAL A 37 -4.23 -6.98 -38.36
CA VAL A 37 -2.78 -6.98 -38.14
C VAL A 37 -2.12 -7.84 -39.20
N ARG A 38 -1.00 -7.40 -39.75
CA ARG A 38 -0.31 -8.20 -40.77
C ARG A 38 1.12 -8.50 -40.37
N GLN A 39 1.68 -9.54 -40.98
CA GLN A 39 3.05 -9.93 -40.71
C GLN A 39 3.76 -10.36 -41.99
N ALA A 40 4.69 -9.54 -42.44
CA ALA A 40 5.49 -9.85 -43.62
C ALA A 40 6.35 -11.08 -43.34
N PRO A 41 6.63 -11.88 -44.40
CA PRO A 41 7.44 -13.09 -44.25
C PRO A 41 8.80 -12.82 -43.64
N GLY A 42 9.10 -13.49 -42.54
CA GLY A 42 10.38 -13.34 -41.86
C GLY A 42 10.51 -12.04 -41.10
N LYS A 43 9.41 -11.32 -40.95
CA LYS A 43 9.43 -10.03 -40.26
C LYS A 43 8.43 -9.99 -39.10
N GLY A 44 8.44 -8.90 -38.35
CA GLY A 44 7.63 -8.78 -37.15
C GLY A 44 6.20 -8.36 -37.41
N LEU A 45 5.41 -8.28 -36.35
CA LEU A 45 4.01 -7.90 -36.45
C LEU A 45 3.87 -6.41 -36.76
N GLU A 46 2.89 -6.09 -37.60
CA GLU A 46 2.60 -4.70 -37.94
C GLU A 46 1.10 -4.46 -37.93
N TRP A 47 0.67 -3.45 -37.17
CA TRP A 47 -0.74 -3.11 -37.09
C TRP A 47 -1.19 -2.41 -38.36
N VAL A 48 -2.33 -2.81 -38.90
CA VAL A 48 -2.83 -2.22 -40.13
C VAL A 48 -4.07 -1.36 -39.90
N THR A 49 -5.18 -1.96 -39.52
CA THR A 49 -6.41 -1.18 -39.36
C THR A 49 -7.16 -1.49 -38.06
N PHE A 50 -8.13 -0.62 -37.75
CA PHE A 50 -8.96 -0.74 -36.56
C PHE A 50 -10.36 -0.18 -36.79
N ILE A 51 -11.38 -0.97 -36.47
CA ILE A 51 -12.75 -0.50 -36.58
C ILE A 51 -13.50 -0.64 -35.26
N SER A 52 -14.41 0.29 -35.01
CA SER A 52 -15.12 0.35 -33.73
C SER A 52 -16.36 -0.54 -33.73
N TYR A 53 -17.10 -0.47 -32.63
CA TYR A 53 -18.28 -1.30 -32.42
C TYR A 53 -19.32 -1.09 -33.51
N ASP A 54 -19.82 0.14 -33.61
CA ASP A 54 -20.80 0.51 -34.61
C ASP A 54 -20.21 0.58 -36.01
N GLY A 55 -18.89 0.71 -36.09
CA GLY A 55 -18.22 0.80 -37.37
C GLY A 55 -18.16 2.24 -37.86
N ASN A 56 -18.49 3.18 -36.98
CA ASN A 56 -18.46 4.59 -37.32
C ASN A 56 -17.04 5.12 -37.43
N ASN A 57 -16.15 4.62 -36.57
CA ASN A 57 -14.79 5.11 -36.51
C ASN A 57 -13.76 4.09 -37.01
N LYS A 58 -13.01 4.49 -38.02
CA LYS A 58 -11.99 3.62 -38.62
C LYS A 58 -10.62 4.29 -38.58
N TYR A 59 -9.66 3.63 -37.95
CA TYR A 59 -8.31 4.16 -37.87
C TYR A 59 -7.32 3.29 -38.62
N TYR A 60 -6.52 3.93 -39.45
CA TYR A 60 -5.55 3.24 -40.30
C TYR A 60 -4.15 3.68 -39.94
N ALA A 61 -3.22 2.74 -39.94
CA ALA A 61 -1.81 3.10 -39.80
C ALA A 61 -1.36 3.78 -41.08
N ASP A 62 -0.15 4.32 -41.09
CA ASP A 62 0.38 4.84 -42.34
C ASP A 62 0.78 3.67 -43.23
N SER A 63 1.28 3.99 -44.42
CA SER A 63 1.55 3.02 -45.49
C SER A 63 0.24 2.44 -46.05
N VAL A 64 -0.87 2.74 -45.39
CA VAL A 64 -2.19 2.32 -45.86
C VAL A 64 -3.24 3.39 -45.56
N LYS A 65 -3.78 3.99 -46.62
CA LYS A 65 -4.86 4.97 -46.49
C LYS A 65 -5.38 5.31 -47.88
N GLY A 66 -6.68 5.24 -48.07
CA GLY A 66 -7.28 5.36 -49.39
C GLY A 66 -7.15 4.05 -50.13
N ARG A 67 -5.97 3.43 -49.98
CA ARG A 67 -5.72 2.10 -50.49
C ARG A 67 -6.56 1.08 -49.73
N PHE A 68 -6.40 1.06 -48.42
CA PHE A 68 -7.13 0.10 -47.60
C PHE A 68 -8.34 0.77 -46.95
N THR A 69 -9.47 0.07 -46.97
CA THR A 69 -10.66 0.52 -46.28
C THR A 69 -11.30 -0.65 -45.53
N ILE A 70 -11.55 -0.45 -44.24
CA ILE A 70 -12.05 -1.53 -43.40
C ILE A 70 -13.57 -1.42 -43.23
N SER A 71 -14.24 -2.56 -43.22
CA SER A 71 -15.69 -2.59 -43.08
C SER A 71 -16.13 -3.59 -42.01
N ARG A 72 -17.37 -3.48 -41.57
CA ARG A 72 -17.90 -4.35 -40.53
C ARG A 72 -19.38 -4.66 -40.71
N ASP A 73 -19.69 -5.94 -40.88
CA ASP A 73 -21.07 -6.40 -40.98
C ASP A 73 -21.49 -7.06 -39.67
N ASN A 74 -22.29 -6.34 -38.88
CA ASN A 74 -22.79 -6.85 -37.61
C ASN A 74 -23.94 -7.82 -37.80
N SER A 75 -24.63 -7.69 -38.92
CA SER A 75 -25.78 -8.54 -39.22
C SER A 75 -25.35 -9.95 -39.58
N LYS A 76 -24.17 -10.09 -40.18
CA LYS A 76 -23.68 -11.39 -40.60
C LYS A 76 -22.42 -11.79 -39.83
N ASN A 77 -22.06 -10.97 -38.84
CA ASN A 77 -20.90 -11.23 -37.98
C ASN A 77 -19.61 -11.45 -38.78
N THR A 78 -19.29 -10.50 -39.63
CA THR A 78 -18.07 -10.61 -40.45
C THR A 78 -17.31 -9.30 -40.56
N LEU A 79 -15.99 -9.42 -40.64
CA LEU A 79 -15.10 -8.27 -40.79
C LEU A 79 -14.64 -8.16 -42.24
N TYR A 80 -14.29 -6.96 -42.67
CA TYR A 80 -13.84 -6.77 -44.04
C TYR A 80 -12.59 -5.90 -44.14
N LEU A 81 -11.67 -6.32 -45.00
CA LEU A 81 -10.51 -5.50 -45.37
C LEU A 81 -10.41 -5.37 -46.88
N GLN A 82 -10.87 -4.23 -47.39
CA GLN A 82 -10.79 -3.94 -48.82
C GLN A 82 -9.42 -3.34 -49.12
N MET A 83 -8.66 -4.02 -49.97
CA MET A 83 -7.28 -3.64 -50.24
C MET A 83 -7.08 -3.22 -51.69
N ASN A 84 -7.06 -1.93 -51.94
CA ASN A 84 -6.75 -1.41 -53.27
C ASN A 84 -5.29 -1.00 -53.35
N SER A 85 -4.79 -0.83 -54.58
CA SER A 85 -3.42 -0.40 -54.83
C SER A 85 -2.40 -1.30 -54.16
N LEU A 86 -2.51 -2.61 -54.42
CA LEU A 86 -1.66 -3.58 -53.77
C LEU A 86 -0.20 -3.48 -54.21
N ARG A 87 0.70 -3.56 -53.24
CA ARG A 87 2.11 -3.38 -53.47
C ARG A 87 2.91 -4.57 -52.97
N ALA A 88 4.20 -4.61 -53.30
CA ALA A 88 5.05 -5.72 -52.88
C ALA A 88 5.34 -5.64 -51.39
N GLU A 89 5.08 -4.49 -50.79
CA GLU A 89 5.27 -4.35 -49.34
C GLU A 89 4.06 -4.93 -48.61
N ASP A 90 2.98 -5.16 -49.35
CA ASP A 90 1.74 -5.62 -48.76
C ASP A 90 1.70 -7.13 -48.57
N THR A 91 2.66 -7.84 -49.15
CA THR A 91 2.68 -9.28 -49.04
C THR A 91 2.96 -9.68 -47.58
N ALA A 92 1.97 -10.33 -46.97
CA ALA A 92 2.04 -10.68 -45.56
C ALA A 92 0.92 -11.63 -45.17
N ILE A 93 1.03 -12.17 -43.97
CA ILE A 93 -0.06 -12.95 -43.40
C ILE A 93 -0.97 -11.99 -42.64
N TYR A 94 -2.25 -11.97 -43.01
CA TYR A 94 -3.19 -11.05 -42.40
C TYR A 94 -4.11 -11.74 -41.42
N TYR A 95 -3.97 -11.37 -40.15
CA TYR A 95 -4.83 -11.84 -39.08
C TYR A 95 -5.84 -10.76 -38.69
N CYS A 96 -7.06 -11.17 -38.37
CA CYS A 96 -7.99 -10.26 -37.72
C CYS A 96 -7.98 -10.58 -36.23
N ALA A 97 -7.86 -9.55 -35.41
CA ALA A 97 -7.77 -9.75 -33.97
C ALA A 97 -8.81 -8.92 -33.26
N ARG A 98 -9.50 -9.52 -32.29
CA ARG A 98 -10.50 -8.76 -31.55
C ARG A 98 -9.89 -8.18 -30.28
N THR A 99 -10.30 -6.98 -29.92
CA THR A 99 -9.82 -6.33 -28.71
C THR A 99 -10.43 -6.92 -27.45
N GLY A 100 -9.58 -7.25 -26.49
CA GLY A 100 -10.05 -7.56 -25.16
C GLY A 100 -10.73 -6.31 -24.60
N TRP A 101 -11.74 -6.52 -23.77
CA TRP A 101 -12.45 -5.42 -23.13
C TRP A 101 -11.53 -4.58 -22.26
N LEU A 102 -10.40 -5.16 -21.87
CA LEU A 102 -9.41 -4.46 -21.06
C LEU A 102 -8.29 -3.88 -21.92
N GLY A 103 -8.41 -4.04 -23.23
CA GLY A 103 -7.44 -3.44 -24.13
C GLY A 103 -6.73 -4.31 -25.15
N PRO A 104 -5.94 -5.30 -24.68
CA PRO A 104 -5.07 -6.07 -25.58
C PRO A 104 -5.81 -6.89 -26.64
N PHE A 105 -5.06 -7.49 -27.55
CA PHE A 105 -5.65 -8.33 -28.58
C PHE A 105 -5.77 -9.76 -28.05
N ASP A 106 -6.87 -10.04 -27.36
CA ASP A 106 -7.02 -11.33 -26.69
C ASP A 106 -7.08 -12.51 -27.66
N TYR A 107 -7.97 -12.43 -28.63
CA TYR A 107 -8.16 -13.53 -29.57
C TYR A 107 -7.83 -13.15 -31.01
N TRP A 108 -7.11 -14.04 -31.68
CA TRP A 108 -6.66 -13.84 -33.05
C TRP A 108 -7.22 -14.94 -33.97
N GLY A 109 -7.03 -14.76 -35.26
CA GLY A 109 -7.37 -15.80 -36.24
C GLY A 109 -6.09 -16.40 -36.79
N GLN A 110 -6.20 -17.47 -37.57
CA GLN A 110 -5.02 -18.16 -38.08
C GLN A 110 -4.46 -17.52 -39.34
N GLY A 111 -5.10 -16.43 -39.78
CA GLY A 111 -4.56 -15.57 -40.82
C GLY A 111 -4.63 -16.09 -42.25
N THR A 112 -4.62 -15.16 -43.20
CA THR A 112 -4.56 -15.53 -44.61
C THR A 112 -3.33 -14.95 -45.31
N LEU A 113 -2.70 -15.79 -46.13
CA LEU A 113 -1.51 -15.38 -46.85
C LEU A 113 -1.86 -14.53 -48.07
N VAL A 114 -1.33 -13.32 -48.12
CA VAL A 114 -1.44 -12.48 -49.29
C VAL A 114 -0.07 -12.26 -49.91
N THR A 115 0.08 -12.62 -51.17
CA THR A 115 1.34 -12.41 -51.87
C THR A 115 1.12 -11.52 -53.09
N VAL A 116 2.10 -10.67 -53.38
CA VAL A 116 1.98 -9.75 -54.50
C VAL A 116 3.10 -9.97 -55.51
N SER A 117 2.71 -10.41 -56.71
CA SER A 117 3.66 -10.68 -57.79
C SER A 117 4.45 -9.45 -58.21
N GLU B 1 4.06 8.79 -32.58
CA GLU B 1 3.85 7.38 -32.27
C GLU B 1 4.80 6.93 -31.16
N ILE B 2 4.47 5.79 -30.55
CA ILE B 2 5.28 5.22 -29.47
C ILE B 2 6.07 4.02 -29.97
N VAL B 3 7.39 4.18 -30.06
CA VAL B 3 8.24 3.13 -30.59
C VAL B 3 8.69 2.16 -29.49
N LEU B 4 8.44 0.87 -29.70
CA LEU B 4 8.88 -0.16 -28.77
C LEU B 4 10.11 -0.88 -29.33
N THR B 5 11.12 -1.03 -28.48
CA THR B 5 12.34 -1.73 -28.88
C THR B 5 12.64 -2.86 -27.89
N GLN B 6 12.60 -4.09 -28.38
CA GLN B 6 12.81 -5.25 -27.52
C GLN B 6 14.25 -5.71 -27.60
N SER B 7 14.66 -6.53 -26.63
CA SER B 7 16.02 -7.05 -26.59
C SER B 7 16.13 -8.25 -25.65
N PRO B 8 17.00 -9.22 -26.00
CA PRO B 8 17.84 -9.27 -27.19
C PRO B 8 17.06 -9.59 -28.46
N GLY B 9 17.67 -9.36 -29.62
CA GLY B 9 17.04 -9.68 -30.88
C GLY B 9 16.76 -11.17 -31.00
N THR B 10 17.73 -11.97 -30.54
CA THR B 10 17.59 -13.41 -30.52
C THR B 10 18.22 -13.96 -29.24
N LEU B 11 17.73 -15.10 -28.78
CA LEU B 11 18.20 -15.68 -27.51
C LEU B 11 18.02 -17.19 -27.49
N SER B 12 19.12 -17.91 -27.26
CA SER B 12 19.08 -19.37 -27.27
C SER B 12 19.46 -19.96 -25.93
N LEU B 13 18.53 -20.68 -25.32
CA LEU B 13 18.74 -21.28 -24.02
C LEU B 13 18.19 -22.71 -23.95
N SER B 14 18.93 -23.59 -23.30
CA SER B 14 18.49 -24.97 -23.11
C SER B 14 17.31 -25.03 -22.14
N PRO B 15 16.49 -26.10 -22.24
CA PRO B 15 15.29 -26.22 -21.40
C PRO B 15 15.56 -26.16 -19.90
N GLY B 16 14.72 -25.43 -19.17
CA GLY B 16 14.83 -25.36 -17.73
C GLY B 16 15.64 -24.16 -17.25
N GLU B 17 15.90 -23.24 -18.16
CA GLU B 17 16.69 -22.06 -17.84
C GLU B 17 15.85 -20.80 -17.77
N ARG B 18 16.41 -19.80 -17.10
CA ARG B 18 15.68 -18.55 -16.91
C ARG B 18 15.89 -17.61 -18.10
N ALA B 19 14.81 -17.37 -18.83
CA ALA B 19 14.86 -16.49 -20.00
C ALA B 19 14.24 -15.13 -19.71
N THR B 20 15.01 -14.07 -19.91
CA THR B 20 14.52 -12.72 -19.62
C THR B 20 14.58 -11.79 -20.83
N LEU B 21 13.42 -11.27 -21.20
CA LEU B 21 13.27 -10.38 -22.36
C LEU B 21 12.94 -8.98 -21.89
N SER B 22 13.48 -7.96 -22.55
CA SER B 22 13.24 -6.58 -22.15
C SER B 22 12.54 -5.76 -23.25
N CYS B 23 11.64 -4.88 -22.84
CA CYS B 23 10.87 -4.06 -23.77
C CYS B 23 10.95 -2.59 -23.39
N ARG B 24 11.70 -1.82 -24.18
CA ARG B 24 11.94 -0.41 -23.87
C ARG B 24 11.17 0.54 -24.79
N ALA B 25 10.33 1.36 -24.18
CA ALA B 25 9.50 2.31 -24.91
C ALA B 25 10.20 3.63 -25.16
N SER B 26 9.78 4.34 -26.20
CA SER B 26 10.36 5.63 -26.54
C SER B 26 9.95 6.68 -25.52
N GLN B 27 8.83 6.43 -24.85
CA GLN B 27 8.34 7.32 -23.82
C GLN B 27 7.61 6.54 -22.74
N SER B 28 7.09 7.24 -21.73
CA SER B 28 6.38 6.58 -20.66
C SER B 28 5.07 5.99 -21.15
N VAL B 29 4.92 4.68 -20.95
CA VAL B 29 3.65 4.01 -21.22
C VAL B 29 3.02 3.58 -19.91
N GLY B 30 1.79 3.99 -19.69
CA GLY B 30 1.06 3.62 -18.48
C GLY B 30 1.06 2.11 -18.34
N SER B 31 1.64 1.62 -17.24
CA SER B 31 1.84 0.18 -17.07
C SER B 31 0.52 -0.56 -16.87
N SER B 32 -0.44 -0.26 -17.74
CA SER B 32 -1.75 -0.90 -17.73
C SER B 32 -2.18 -1.12 -19.17
N TYR B 33 -1.30 -0.77 -20.09
CA TYR B 33 -1.56 -0.88 -21.51
C TYR B 33 -0.44 -1.64 -22.23
N LEU B 34 0.40 -2.30 -21.44
CA LEU B 34 1.51 -3.07 -22.00
C LEU B 34 1.16 -4.55 -22.05
N ALA B 35 1.31 -5.16 -23.22
CA ALA B 35 0.98 -6.55 -23.43
C ALA B 35 2.14 -7.34 -24.02
N TRP B 36 2.16 -8.64 -23.72
CA TRP B 36 3.12 -9.56 -24.30
C TRP B 36 2.39 -10.67 -25.05
N TYR B 37 2.81 -10.89 -26.30
CA TYR B 37 2.26 -11.92 -27.16
C TYR B 37 3.30 -12.99 -27.49
N GLN B 38 2.86 -14.24 -27.53
CA GLN B 38 3.70 -15.35 -27.95
C GLN B 38 3.24 -15.85 -29.32
N GLN B 39 4.17 -15.92 -30.26
CA GLN B 39 3.85 -16.44 -31.58
C GLN B 39 4.70 -17.67 -31.88
N LYS B 40 4.05 -18.76 -32.22
CA LYS B 40 4.74 -20.02 -32.49
C LYS B 40 4.87 -20.25 -33.99
N PRO B 41 5.90 -21.02 -34.40
CA PRO B 41 6.13 -21.34 -35.82
C PRO B 41 4.88 -21.86 -36.52
N GLY B 42 4.42 -21.13 -37.54
CA GLY B 42 3.26 -21.52 -38.30
C GLY B 42 1.97 -21.38 -37.50
N GLN B 43 1.97 -20.44 -36.55
CA GLN B 43 0.81 -20.20 -35.72
C GLN B 43 0.53 -18.71 -35.56
N ALA B 44 -0.68 -18.40 -35.09
CA ALA B 44 -1.07 -17.03 -34.79
C ALA B 44 -0.51 -16.60 -33.45
N PRO B 45 -0.37 -15.28 -33.23
CA PRO B 45 0.07 -14.78 -31.92
C PRO B 45 -0.84 -15.24 -30.78
N ARG B 46 -0.27 -15.37 -29.58
CA ARG B 46 -1.00 -15.81 -28.41
C ARG B 46 -0.80 -14.81 -27.27
N LEU B 47 -1.88 -14.35 -26.67
CA LEU B 47 -1.78 -13.36 -25.59
C LEU B 47 -1.18 -13.99 -24.34
N LEU B 48 0.02 -13.54 -23.98
CA LEU B 48 0.66 -13.98 -22.74
C LEU B 48 0.32 -13.06 -21.58
N ILE B 49 0.65 -11.78 -21.73
CA ILE B 49 0.49 -10.83 -20.63
C ILE B 49 -0.32 -9.63 -21.06
N TYR B 50 -1.18 -9.13 -20.17
CA TYR B 50 -1.81 -7.84 -20.39
C TYR B 50 -1.66 -6.99 -19.14
N GLY B 51 -1.78 -5.68 -19.28
CA GLY B 51 -1.61 -4.78 -18.15
C GLY B 51 -0.26 -4.92 -17.48
N ALA B 52 0.76 -5.20 -18.29
CA ALA B 52 2.15 -5.33 -17.84
C ALA B 52 2.41 -6.54 -16.92
N PHE B 53 1.54 -6.74 -15.94
CA PHE B 53 1.76 -7.81 -14.96
C PHE B 53 0.72 -8.91 -15.07
N SER B 54 -0.52 -8.53 -15.34
CA SER B 54 -1.63 -9.47 -15.35
C SER B 54 -1.42 -10.56 -16.39
N ARG B 55 -1.62 -11.80 -15.98
CA ARG B 55 -1.44 -12.95 -16.84
C ARG B 55 -2.74 -13.33 -17.52
N ALA B 56 -2.70 -13.43 -18.84
CA ALA B 56 -3.87 -13.82 -19.62
C ALA B 56 -4.37 -15.18 -19.16
N THR B 57 -5.68 -15.40 -19.25
CA THR B 57 -6.28 -16.63 -18.75
C THR B 57 -5.80 -17.85 -19.54
N GLY B 58 -5.49 -18.92 -18.83
CA GLY B 58 -5.04 -20.16 -19.44
C GLY B 58 -3.56 -20.16 -19.78
N ILE B 59 -2.84 -19.18 -19.26
CA ILE B 59 -1.40 -19.08 -19.51
C ILE B 59 -0.58 -19.63 -18.34
N PRO B 60 0.36 -20.54 -18.66
CA PRO B 60 1.27 -21.18 -17.70
C PRO B 60 1.90 -20.22 -16.69
N ASP B 61 2.31 -20.76 -15.56
CA ASP B 61 2.74 -19.96 -14.41
C ASP B 61 4.17 -19.41 -14.59
N ARG B 62 4.93 -20.03 -15.47
CA ARG B 62 6.33 -19.66 -15.65
C ARG B 62 6.51 -18.29 -16.30
N PHE B 63 5.42 -17.76 -16.86
CA PHE B 63 5.45 -16.45 -17.49
C PHE B 63 5.07 -15.35 -16.51
N SER B 64 6.04 -14.49 -16.19
CA SER B 64 5.78 -13.37 -15.30
C SER B 64 6.17 -12.06 -15.96
N GLY B 65 5.25 -11.10 -15.96
CA GLY B 65 5.48 -9.79 -16.53
C GLY B 65 5.68 -8.71 -15.49
N SER B 66 6.65 -7.83 -15.72
CA SER B 66 6.95 -6.74 -14.80
C SER B 66 7.42 -5.49 -15.57
N GLY B 67 7.73 -4.41 -14.85
CA GLY B 67 8.25 -3.21 -15.46
C GLY B 67 7.59 -1.90 -15.01
N SER B 68 8.30 -0.79 -15.20
CA SER B 68 7.77 0.53 -14.83
C SER B 68 7.25 1.28 -16.06
N GLY B 69 7.37 2.60 -16.07
CA GLY B 69 6.82 3.42 -17.15
C GLY B 69 7.39 3.12 -18.53
N THR B 70 8.70 3.27 -18.68
CA THR B 70 9.35 3.16 -19.98
C THR B 70 9.99 1.80 -20.25
N ASP B 71 10.32 1.09 -19.18
CA ASP B 71 11.02 -0.19 -19.32
C ASP B 71 10.20 -1.34 -18.74
N PHE B 72 10.04 -2.40 -19.53
CA PHE B 72 9.29 -3.57 -19.11
C PHE B 72 10.12 -4.83 -19.27
N THR B 73 9.67 -5.92 -18.64
CA THR B 73 10.40 -7.18 -18.67
C THR B 73 9.46 -8.38 -18.66
N LEU B 74 9.69 -9.31 -19.57
CA LEU B 74 8.97 -10.59 -19.57
C LEU B 74 9.92 -11.71 -19.20
N THR B 75 9.54 -12.50 -18.19
CA THR B 75 10.39 -13.58 -17.71
C THR B 75 9.74 -14.95 -17.83
N ILE B 76 10.45 -15.88 -18.45
CA ILE B 76 10.07 -17.27 -18.52
C ILE B 76 11.05 -18.08 -17.67
N SER B 77 10.61 -18.46 -16.48
CA SER B 77 11.49 -19.06 -15.47
C SER B 77 12.06 -20.42 -15.87
N ARG B 78 11.16 -21.35 -16.18
CA ARG B 78 11.58 -22.70 -16.52
C ARG B 78 11.13 -23.05 -17.93
N LEU B 79 12.09 -23.10 -18.85
CA LEU B 79 11.80 -23.25 -20.27
C LEU B 79 11.38 -24.66 -20.66
N GLU B 80 10.12 -24.81 -21.09
CA GLU B 80 9.65 -26.01 -21.74
C GLU B 80 9.92 -25.89 -23.23
N PRO B 81 10.18 -27.02 -23.91
CA PRO B 81 10.42 -26.99 -25.37
C PRO B 81 9.30 -26.33 -26.16
N GLU B 82 8.10 -26.25 -25.58
CA GLU B 82 6.96 -25.64 -26.24
C GLU B 82 6.99 -24.12 -26.13
N ASP B 83 7.98 -23.60 -25.41
CA ASP B 83 8.14 -22.15 -25.26
C ASP B 83 8.99 -21.59 -26.40
N PHE B 84 9.52 -22.48 -27.23
CA PHE B 84 10.21 -22.09 -28.45
C PHE B 84 9.31 -21.22 -29.29
N ALA B 85 9.57 -19.91 -29.33
CA ALA B 85 8.66 -18.98 -29.98
C ALA B 85 9.22 -17.57 -30.15
N VAL B 86 8.50 -16.74 -30.90
CA VAL B 86 8.84 -15.32 -31.02
C VAL B 86 7.92 -14.48 -30.13
N TYR B 87 8.50 -13.72 -29.21
CA TYR B 87 7.71 -12.95 -28.26
C TYR B 87 7.72 -11.46 -28.59
N TYR B 88 6.54 -10.89 -28.77
CA TYR B 88 6.39 -9.47 -29.10
C TYR B 88 5.79 -8.70 -27.94
N CYS B 89 6.27 -7.48 -27.71
CA CYS B 89 5.62 -6.60 -26.75
C CYS B 89 4.83 -5.56 -27.52
N GLN B 90 3.76 -5.05 -26.91
CA GLN B 90 2.84 -4.15 -27.60
C GLN B 90 2.21 -3.17 -26.62
N GLN B 91 1.92 -1.95 -27.09
CA GLN B 91 1.11 -1.03 -26.30
C GLN B 91 -0.25 -0.89 -26.97
N TYR B 92 -1.31 -0.94 -26.17
CA TYR B 92 -2.66 -0.87 -26.71
C TYR B 92 -3.44 0.28 -26.08
N GLY B 93 -2.71 1.29 -25.62
CA GLY B 93 -3.30 2.42 -24.92
C GLY B 93 -3.74 3.55 -25.82
N SER B 94 -3.09 3.69 -26.98
CA SER B 94 -3.40 4.77 -27.90
C SER B 94 -3.03 4.44 -29.34
N SER B 95 -3.82 4.95 -30.29
CA SER B 95 -3.51 4.79 -31.70
C SER B 95 -2.31 5.65 -32.07
N PRO B 96 -1.41 5.11 -32.90
CA PRO B 96 -1.49 3.78 -33.51
C PRO B 96 -0.97 2.68 -32.59
N TRP B 97 -1.62 1.53 -32.61
CA TRP B 97 -1.16 0.37 -31.87
C TRP B 97 0.19 -0.06 -32.40
N THR B 98 1.19 -0.09 -31.53
CA THR B 98 2.55 -0.40 -31.97
C THR B 98 3.09 -1.65 -31.29
N PHE B 99 3.86 -2.43 -32.04
CA PHE B 99 4.51 -3.63 -31.52
C PHE B 99 6.02 -3.43 -31.45
N GLY B 100 6.71 -4.32 -30.74
CA GLY B 100 8.15 -4.35 -30.76
C GLY B 100 8.59 -5.14 -31.97
N GLN B 101 9.88 -5.16 -32.25
CA GLN B 101 10.38 -5.93 -33.38
C GLN B 101 10.35 -7.42 -33.05
N GLY B 102 10.34 -7.72 -31.76
CA GLY B 102 10.19 -9.10 -31.29
C GLY B 102 11.47 -9.72 -30.81
N THR B 103 11.35 -10.84 -30.09
CA THR B 103 12.52 -11.58 -29.64
C THR B 103 12.31 -13.08 -29.85
N LYS B 104 13.17 -13.68 -30.66
CA LYS B 104 13.02 -15.09 -30.97
C LYS B 104 13.74 -15.97 -29.95
N VAL B 105 12.99 -16.52 -29.01
CA VAL B 105 13.52 -17.49 -28.06
C VAL B 105 13.56 -18.86 -28.70
N GLU B 106 14.76 -19.28 -29.06
CA GLU B 106 15.02 -20.62 -29.61
C GLU B 106 15.68 -21.50 -28.55
N ILE B 107 15.15 -22.70 -28.37
CA ILE B 107 15.54 -23.53 -27.24
C ILE B 107 16.52 -24.64 -27.66
N LYS B 108 17.46 -24.93 -26.75
CA LYS B 108 18.58 -25.87 -26.93
C LYS B 108 19.70 -25.25 -27.75
N LYS C 2 1.88 11.85 -24.52
CA LYS C 2 0.83 12.05 -23.53
C LYS C 2 0.09 10.76 -23.22
N ALA C 3 -0.84 10.83 -22.27
CA ALA C 3 -1.62 9.66 -21.88
C ALA C 3 -2.96 10.10 -21.27
N MET C 4 -3.87 9.14 -21.14
CA MET C 4 -5.19 9.41 -20.59
C MET C 4 -5.33 8.81 -19.20
N HIS C 5 -5.98 9.55 -18.30
CA HIS C 5 -6.21 9.04 -16.95
C HIS C 5 -7.71 8.94 -16.66
N VAL C 6 -8.08 7.90 -15.91
CA VAL C 6 -9.47 7.71 -15.50
C VAL C 6 -9.55 7.48 -13.99
N ALA C 7 -10.31 8.33 -13.31
CA ALA C 7 -10.48 8.23 -11.87
C ALA C 7 -11.92 7.97 -11.48
N GLN C 8 -12.09 7.09 -10.50
CA GLN C 8 -13.41 6.74 -9.98
C GLN C 8 -13.26 6.41 -8.49
N PRO C 9 -14.31 6.67 -7.69
CA PRO C 9 -14.25 6.43 -6.25
C PRO C 9 -13.86 4.99 -5.92
N ALA C 10 -13.18 4.81 -4.79
CA ALA C 10 -12.70 3.49 -4.39
C ALA C 10 -13.86 2.59 -3.97
N VAL C 11 -14.70 3.09 -3.07
CA VAL C 11 -15.82 2.30 -2.55
C VAL C 11 -17.14 3.08 -2.67
N VAL C 12 -18.19 2.38 -3.10
CA VAL C 12 -19.51 2.98 -3.23
C VAL C 12 -20.59 2.05 -2.66
N LEU C 13 -21.49 2.61 -1.85
CA LEU C 13 -22.62 1.85 -1.33
C LEU C 13 -23.86 2.05 -2.18
N ALA C 14 -24.60 0.97 -2.41
CA ALA C 14 -25.84 1.03 -3.16
C ALA C 14 -26.99 1.42 -2.25
N SER C 15 -28.06 1.98 -2.82
CA SER C 15 -29.23 2.34 -2.01
C SER C 15 -29.99 1.09 -1.60
N SER C 16 -31.04 1.27 -0.82
CA SER C 16 -31.88 0.17 -0.36
C SER C 16 -32.53 -0.55 -1.55
N ARG C 17 -33.05 0.23 -2.49
CA ARG C 17 -33.72 -0.32 -3.66
C ARG C 17 -32.76 -1.16 -4.49
N GLY C 18 -31.50 -0.74 -4.54
CA GLY C 18 -30.49 -1.41 -5.33
C GLY C 18 -29.90 -0.47 -6.36
N ILE C 19 -29.68 0.78 -5.94
CA ILE C 19 -29.17 1.81 -6.83
C ILE C 19 -27.82 2.37 -6.35
N ALA C 20 -26.81 2.29 -7.22
CA ALA C 20 -25.48 2.79 -6.90
C ALA C 20 -25.06 3.88 -7.88
N SER C 21 -24.86 5.09 -7.37
CA SER C 21 -24.46 6.20 -8.22
C SER C 21 -23.07 6.71 -7.87
N PHE C 22 -22.17 6.70 -8.86
CA PHE C 22 -20.82 7.21 -8.64
C PHE C 22 -20.35 8.04 -9.83
N VAL C 23 -19.23 8.74 -9.65
CA VAL C 23 -18.72 9.63 -10.67
C VAL C 23 -17.52 9.05 -11.39
N CYS C 24 -17.61 8.97 -12.72
CA CYS C 24 -16.47 8.53 -13.51
C CYS C 24 -15.84 9.73 -14.22
N GLU C 25 -14.61 10.06 -13.82
CA GLU C 25 -13.91 11.20 -14.37
C GLU C 25 -12.79 10.73 -15.28
N TYR C 26 -12.54 11.47 -16.36
CA TYR C 26 -11.42 11.14 -17.23
C TYR C 26 -10.69 12.40 -17.69
N ALA C 27 -9.38 12.27 -17.90
CA ALA C 27 -8.61 13.34 -18.50
C ALA C 27 -8.79 13.30 -20.02
N SER C 28 -8.94 14.47 -20.63
CA SER C 28 -9.01 14.59 -22.08
C SER C 28 -7.72 15.19 -22.62
N PRO C 29 -6.78 14.34 -23.08
CA PRO C 29 -5.47 14.77 -23.59
C PRO C 29 -5.58 15.78 -24.72
N GLY C 30 -6.78 15.92 -25.28
CA GLY C 30 -7.05 16.91 -26.30
C GLY C 30 -8.54 17.08 -26.47
N LYS C 31 -8.93 17.75 -27.55
CA LYS C 31 -10.35 17.86 -27.90
C LYS C 31 -10.89 16.45 -28.14
N ALA C 32 -11.94 16.10 -27.39
CA ALA C 32 -12.52 14.76 -27.48
C ALA C 32 -13.96 14.84 -27.94
N THR C 33 -14.19 14.81 -29.25
CA THR C 33 -15.53 14.98 -29.77
C THR C 33 -16.40 13.73 -29.58
N GLU C 34 -15.79 12.58 -29.35
CA GLU C 34 -16.56 11.35 -29.14
C GLU C 34 -15.89 10.44 -28.13
N VAL C 35 -16.64 10.05 -27.11
CA VAL C 35 -16.09 9.30 -25.99
C VAL C 35 -17.05 8.21 -25.53
N ARG C 36 -16.87 7.00 -26.05
CA ARG C 36 -17.68 5.88 -25.61
C ARG C 36 -17.23 5.44 -24.23
N VAL C 37 -18.19 5.25 -23.33
CA VAL C 37 -17.91 4.82 -21.97
C VAL C 37 -18.57 3.47 -21.71
N THR C 38 -17.90 2.62 -20.95
CA THR C 38 -18.44 1.29 -20.65
C THR C 38 -18.14 0.91 -19.20
N VAL C 39 -19.03 0.16 -18.58
CA VAL C 39 -18.85 -0.29 -17.20
C VAL C 39 -18.70 -1.81 -17.16
N LEU C 40 -17.68 -2.28 -16.47
CA LEU C 40 -17.35 -3.70 -16.45
C LEU C 40 -17.46 -4.30 -15.04
N ARG C 41 -17.93 -5.54 -14.93
CA ARG C 41 -17.95 -6.24 -13.65
C ARG C 41 -16.80 -7.22 -13.61
N GLN C 42 -15.84 -6.98 -12.72
CA GLN C 42 -14.70 -7.86 -12.65
C GLN C 42 -14.55 -8.54 -11.30
N ALA C 43 -15.10 -9.75 -11.20
CA ALA C 43 -14.70 -10.69 -10.18
C ALA C 43 -13.56 -11.50 -10.77
N ASP C 44 -12.64 -11.97 -9.94
CA ASP C 44 -11.44 -12.60 -10.47
C ASP C 44 -11.71 -14.03 -10.95
N SER C 45 -11.44 -14.29 -12.22
CA SER C 45 -10.91 -13.28 -13.12
C SER C 45 -11.85 -13.03 -14.29
N GLN C 46 -13.15 -13.00 -14.00
CA GLN C 46 -14.16 -12.81 -15.02
C GLN C 46 -14.39 -11.32 -15.29
N VAL C 47 -14.75 -10.98 -16.52
CA VAL C 47 -15.06 -9.60 -16.87
C VAL C 47 -16.40 -9.52 -17.59
N THR C 48 -17.35 -8.80 -16.98
CA THR C 48 -18.70 -8.71 -17.52
C THR C 48 -19.09 -7.29 -17.89
N GLU C 49 -19.58 -7.09 -19.11
CA GLU C 49 -20.11 -5.79 -19.54
C GLU C 49 -21.41 -5.52 -18.80
N VAL C 50 -21.56 -4.30 -18.33
CA VAL C 50 -22.74 -3.90 -17.58
C VAL C 50 -23.53 -2.88 -18.37
N CYS C 51 -23.06 -1.64 -18.28
CA CYS C 51 -23.67 -0.53 -19.00
C CYS C 51 -22.70 -0.06 -20.09
N ALA C 52 -23.23 0.46 -21.18
CA ALA C 52 -22.39 0.95 -22.27
C ALA C 52 -23.13 1.97 -23.12
N ALA C 53 -22.44 3.06 -23.44
CA ALA C 53 -23.05 4.11 -24.26
C ALA C 53 -22.00 4.96 -24.95
N THR C 54 -22.45 5.66 -25.98
CA THR C 54 -21.62 6.59 -26.72
C THR C 54 -22.25 7.96 -26.64
N TYR C 55 -21.42 9.01 -26.62
CA TYR C 55 -21.95 10.36 -26.67
C TYR C 55 -20.88 11.32 -27.15
N MET C 56 -21.31 12.41 -27.79
CA MET C 56 -20.39 13.43 -28.27
C MET C 56 -20.27 14.55 -27.23
N MET C 57 -19.05 14.82 -26.78
CA MET C 57 -18.79 15.75 -25.69
C MET C 57 -19.45 17.10 -25.92
N GLY C 58 -19.94 17.69 -24.83
CA GLY C 58 -20.75 18.89 -24.91
C GLY C 58 -22.22 18.50 -25.02
N ASN C 59 -22.53 17.73 -26.05
CA ASN C 59 -23.88 17.22 -26.25
C ASN C 59 -24.21 16.13 -25.24
N GLU C 60 -25.50 15.85 -25.07
CA GLU C 60 -25.97 15.04 -23.95
C GLU C 60 -25.70 13.55 -24.10
N LEU C 61 -25.32 12.92 -22.99
CA LEU C 61 -25.14 11.47 -22.91
C LEU C 61 -26.46 10.77 -22.63
N THR C 62 -26.74 9.72 -23.38
CA THR C 62 -27.97 8.97 -23.22
C THR C 62 -27.83 7.53 -23.71
N PHE C 63 -28.13 6.58 -22.82
CA PHE C 63 -28.06 5.16 -23.14
C PHE C 63 -29.19 4.76 -24.09
N ILE C 68 -29.85 -1.28 -17.36
CA ILE C 68 -29.74 -1.34 -15.91
C ILE C 68 -29.21 -0.03 -15.37
N CYS C 69 -28.56 0.72 -16.26
CA CYS C 69 -27.88 1.94 -15.85
C CYS C 69 -28.35 3.19 -16.63
N THR C 70 -28.18 4.35 -16.00
CA THR C 70 -28.46 5.65 -16.62
C THR C 70 -27.33 6.62 -16.30
N GLY C 71 -27.04 7.54 -17.21
CA GLY C 71 -25.92 8.44 -17.02
C GLY C 71 -26.18 9.89 -17.38
N THR C 72 -25.51 10.78 -16.66
CA THR C 72 -25.55 12.20 -16.97
C THR C 72 -24.14 12.70 -17.27
N SER C 73 -24.02 13.75 -18.08
CA SER C 73 -22.70 14.22 -18.51
C SER C 73 -22.44 15.67 -18.13
N SER C 74 -21.23 15.91 -17.64
CA SER C 74 -20.77 17.26 -17.31
C SER C 74 -19.30 17.38 -17.66
N GLY C 75 -19.02 17.84 -18.88
CA GLY C 75 -17.66 17.97 -19.37
C GLY C 75 -16.92 16.65 -19.36
N ASN C 76 -15.81 16.61 -18.63
CA ASN C 76 -14.99 15.41 -18.52
C ASN C 76 -15.58 14.38 -17.56
N GLN C 77 -16.57 14.80 -16.78
CA GLN C 77 -17.17 13.90 -15.82
C GLN C 77 -18.45 13.27 -16.35
N VAL C 78 -18.67 12.01 -15.99
CA VAL C 78 -19.94 11.36 -16.25
C VAL C 78 -20.47 10.73 -14.96
N ASN C 79 -21.63 11.19 -14.53
CA ASN C 79 -22.27 10.63 -13.36
C ASN C 79 -23.08 9.40 -13.73
N LEU C 80 -22.64 8.26 -13.23
CA LEU C 80 -23.26 6.98 -13.54
C LEU C 80 -24.18 6.50 -12.42
N THR C 81 -25.29 5.88 -12.81
CA THR C 81 -26.27 5.32 -11.88
C THR C 81 -26.65 3.90 -12.29
N ILE C 82 -26.59 2.98 -11.34
CA ILE C 82 -26.84 1.56 -11.63
C ILE C 82 -27.95 0.99 -10.75
N GLN C 83 -29.07 0.61 -11.38
CA GLN C 83 -30.20 0.08 -10.65
C GLN C 83 -30.18 -1.46 -10.56
N GLY C 84 -31.29 -2.05 -10.11
CA GLY C 84 -31.48 -3.48 -10.10
C GLY C 84 -30.35 -4.33 -9.54
N LEU C 85 -29.73 -3.86 -8.46
CA LEU C 85 -28.58 -4.56 -7.88
C LEU C 85 -29.00 -5.52 -6.76
N ARG C 86 -28.29 -6.64 -6.69
CA ARG C 86 -28.54 -7.63 -5.64
C ARG C 86 -27.30 -7.78 -4.77
N ALA C 87 -27.43 -8.53 -3.68
CA ALA C 87 -26.30 -8.76 -2.78
C ALA C 87 -25.21 -9.56 -3.48
N MET C 88 -25.61 -10.39 -4.45
CA MET C 88 -24.66 -11.19 -5.21
C MET C 88 -23.93 -10.36 -6.25
N ASP C 89 -24.49 -9.20 -6.57
CA ASP C 89 -23.89 -8.31 -7.55
C ASP C 89 -22.77 -7.47 -6.96
N THR C 90 -22.58 -7.61 -5.65
CA THR C 90 -21.51 -6.91 -4.94
C THR C 90 -20.15 -7.29 -5.50
N GLY C 91 -19.39 -6.30 -5.95
CA GLY C 91 -18.10 -6.57 -6.56
C GLY C 91 -17.37 -5.37 -7.13
N LEU C 92 -16.33 -5.63 -7.89
CA LEU C 92 -15.49 -4.57 -8.44
C LEU C 92 -15.99 -4.10 -9.80
N TYR C 93 -16.23 -2.80 -9.92
CA TYR C 93 -16.81 -2.22 -11.14
C TYR C 93 -15.83 -1.24 -11.79
N ILE C 94 -15.40 -1.58 -13.01
CA ILE C 94 -14.43 -0.76 -13.73
C ILE C 94 -15.07 0.14 -14.77
N CYS C 95 -14.89 1.44 -14.61
CA CYS C 95 -15.39 2.40 -15.59
C CYS C 95 -14.30 2.70 -16.62
N LYS C 96 -14.50 2.26 -17.85
CA LYS C 96 -13.52 2.48 -18.89
C LYS C 96 -14.02 3.48 -19.93
N VAL C 97 -13.11 4.32 -20.40
CA VAL C 97 -13.43 5.36 -21.37
C VAL C 97 -12.55 5.24 -22.59
N GLU C 98 -13.17 5.05 -23.75
CA GLU C 98 -12.45 5.06 -25.01
C GLU C 98 -12.82 6.32 -25.78
N LEU C 99 -11.83 7.17 -26.04
CA LEU C 99 -12.09 8.34 -26.86
C LEU C 99 -11.75 7.99 -28.31
N MET C 100 -12.77 8.08 -29.14
CA MET C 100 -12.68 7.71 -30.55
C MET C 100 -12.26 8.91 -31.38
N TYR C 101 -13.24 9.77 -31.68
CA TYR C 101 -13.02 10.93 -32.54
C TYR C 101 -12.87 12.19 -31.69
N PRO C 102 -11.97 13.10 -32.11
CA PRO C 102 -11.07 13.00 -33.26
C PRO C 102 -9.78 12.28 -32.92
N PRO C 103 -9.02 11.87 -33.95
CA PRO C 103 -7.71 11.22 -33.76
C PRO C 103 -6.81 11.98 -32.77
N PRO C 104 -5.95 11.24 -32.04
CA PRO C 104 -5.87 9.78 -32.11
C PRO C 104 -6.79 9.11 -31.10
N TYR C 105 -7.02 7.81 -31.29
CA TYR C 105 -7.82 7.02 -30.36
C TYR C 105 -7.10 6.87 -29.02
N TYR C 106 -7.83 7.04 -27.93
CA TYR C 106 -7.25 6.82 -26.61
C TYR C 106 -8.07 5.83 -25.80
N LEU C 107 -7.38 5.00 -25.03
CA LEU C 107 -8.04 4.02 -24.17
C LEU C 107 -7.65 4.24 -22.71
N GLY C 108 -8.64 4.40 -21.86
CA GLY C 108 -8.41 4.60 -20.45
C GLY C 108 -9.20 3.61 -19.61
N ILE C 109 -8.49 2.86 -18.77
CA ILE C 109 -9.13 1.88 -17.90
C ILE C 109 -9.20 2.37 -16.46
N GLY C 110 -10.40 2.44 -15.92
CA GLY C 110 -10.60 2.88 -14.55
C GLY C 110 -9.94 1.96 -13.55
N ASN C 111 -9.53 2.52 -12.41
CA ASN C 111 -8.83 1.73 -11.40
C ASN C 111 -9.74 0.71 -10.75
N GLY C 112 -11.02 1.03 -10.65
CA GLY C 112 -11.99 0.12 -10.08
C GLY C 112 -12.73 0.69 -8.89
N THR C 113 -14.02 0.38 -8.80
CA THR C 113 -14.85 0.83 -7.69
C THR C 113 -15.51 -0.34 -6.98
N GLN C 114 -15.19 -0.51 -5.70
CA GLN C 114 -15.75 -1.60 -4.92
C GLN C 114 -17.20 -1.28 -4.54
N ILE C 115 -18.14 -1.85 -5.27
CA ILE C 115 -19.55 -1.64 -4.99
C ILE C 115 -20.11 -2.71 -4.05
N TYR C 116 -20.65 -2.26 -2.92
CA TYR C 116 -21.28 -3.16 -1.96
C TYR C 116 -22.80 -2.99 -1.97
N VAL C 117 -23.50 -4.12 -2.09
CA VAL C 117 -24.96 -4.10 -2.12
C VAL C 117 -25.56 -5.10 -1.14
N ILE C 118 -26.55 -4.64 -0.37
CA ILE C 118 -27.32 -5.54 0.48
C ILE C 118 -28.81 -5.30 0.30
N ASP C 119 -29.61 -6.28 0.68
CA ASP C 119 -31.04 -6.28 0.42
C ASP C 119 -31.87 -6.18 1.70
N PRO C 120 -33.12 -5.69 1.59
CA PRO C 120 -34.03 -5.60 2.74
C PRO C 120 -34.37 -6.96 3.33
N GLN D 1 10.36 -33.51 -12.86
CA GLN D 1 11.24 -34.67 -12.88
C GLN D 1 11.42 -35.25 -11.48
N VAL D 2 10.91 -34.53 -10.48
CA VAL D 2 11.03 -34.93 -9.09
C VAL D 2 10.19 -36.18 -8.81
N GLN D 3 10.83 -37.20 -8.28
CA GLN D 3 10.16 -38.46 -8.00
C GLN D 3 10.36 -38.92 -6.57
N LEU D 4 9.26 -39.22 -5.89
CA LEU D 4 9.28 -39.80 -4.56
C LEU D 4 8.58 -41.16 -4.57
N VAL D 5 9.29 -42.24 -4.24
CA VAL D 5 8.69 -43.59 -4.33
C VAL D 5 8.88 -44.38 -3.06
N GLU D 6 7.79 -44.81 -2.47
CA GLU D 6 7.84 -45.60 -1.26
C GLU D 6 7.72 -47.08 -1.57
N SER D 7 8.13 -47.90 -0.62
CA SER D 7 8.13 -49.36 -0.75
C SER D 7 8.34 -49.99 0.61
N GLY D 8 8.01 -51.28 0.73
CA GLY D 8 8.18 -52.01 1.97
C GLY D 8 6.88 -52.36 2.64
N GLY D 9 5.80 -51.73 2.18
CA GLY D 9 4.49 -52.00 2.73
C GLY D 9 4.01 -53.41 2.44
N GLY D 10 2.88 -53.79 3.03
CA GLY D 10 2.32 -55.11 2.82
C GLY D 10 1.38 -55.54 3.92
N VAL D 11 1.16 -56.85 4.04
CA VAL D 11 0.27 -57.38 5.06
C VAL D 11 1.04 -57.89 6.27
N VAL D 12 0.95 -57.17 7.38
CA VAL D 12 1.62 -57.58 8.60
C VAL D 12 0.58 -57.87 9.68
N GLN D 13 0.99 -58.55 10.74
CA GLN D 13 0.10 -58.88 11.84
C GLN D 13 0.49 -58.14 13.12
N PRO D 14 -0.49 -57.88 14.01
CA PRO D 14 -0.28 -57.09 15.22
C PRO D 14 0.93 -57.52 16.05
N GLY D 15 1.70 -56.54 16.52
CA GLY D 15 2.84 -56.80 17.37
C GLY D 15 4.17 -56.87 16.63
N ARG D 16 4.10 -57.09 15.32
CA ARG D 16 5.32 -57.22 14.52
C ARG D 16 5.92 -55.87 14.18
N SER D 17 6.89 -55.87 13.27
CA SER D 17 7.54 -54.65 12.85
C SER D 17 7.67 -54.57 11.33
N LEU D 18 7.88 -53.35 10.83
CA LEU D 18 8.04 -53.11 9.40
C LEU D 18 9.06 -52.00 9.16
N ARG D 19 9.58 -51.94 7.95
CA ARG D 19 10.44 -50.83 7.56
C ARG D 19 10.05 -50.32 6.19
N LEU D 20 9.69 -49.05 6.11
CA LEU D 20 9.31 -48.45 4.85
C LEU D 20 10.46 -47.60 4.31
N SER D 21 10.64 -47.63 2.99
CA SER D 21 11.70 -46.85 2.37
C SER D 21 11.13 -45.94 1.30
N CYS D 22 11.75 -44.78 1.13
CA CYS D 22 11.32 -43.83 0.12
C CYS D 22 12.50 -43.32 -0.70
N ALA D 23 12.67 -43.85 -1.91
CA ALA D 23 13.70 -43.39 -2.82
C ALA D 23 13.29 -42.05 -3.45
N ALA D 24 14.20 -41.08 -3.39
CA ALA D 24 13.94 -39.76 -3.92
C ALA D 24 14.93 -39.40 -5.03
N SER D 25 14.41 -38.83 -6.11
CA SER D 25 15.25 -38.46 -7.23
C SER D 25 14.76 -37.19 -7.93
N GLY D 26 15.60 -36.61 -8.76
CA GLY D 26 15.23 -35.42 -9.52
C GLY D 26 15.49 -34.12 -8.81
N PHE D 27 15.93 -34.20 -7.57
CA PHE D 27 16.24 -33.01 -6.78
C PHE D 27 17.31 -33.32 -5.74
N THR D 28 18.08 -32.31 -5.37
CA THR D 28 19.09 -32.50 -4.34
C THR D 28 18.39 -32.80 -3.00
N PHE D 29 18.78 -33.91 -2.38
CA PHE D 29 18.02 -34.47 -1.26
C PHE D 29 18.31 -33.79 0.07
N SER D 30 19.56 -33.43 0.31
CA SER D 30 19.98 -32.91 1.61
C SER D 30 19.55 -31.47 1.86
N SER D 31 18.69 -30.93 1.01
CA SER D 31 18.27 -29.53 1.14
C SER D 31 16.80 -29.40 1.49
N TYR D 32 16.15 -30.51 1.84
CA TYR D 32 14.73 -30.49 2.17
C TYR D 32 14.42 -31.31 3.40
N THR D 33 13.37 -30.94 4.13
CA THR D 33 12.88 -31.76 5.23
C THR D 33 11.82 -32.71 4.69
N MET D 34 11.62 -33.83 5.36
CA MET D 34 10.68 -34.83 4.87
C MET D 34 9.61 -35.18 5.89
N HIS D 35 8.51 -35.74 5.38
CA HIS D 35 7.37 -36.09 6.20
C HIS D 35 6.82 -37.46 5.85
N TRP D 36 6.37 -38.19 6.85
CA TRP D 36 5.52 -39.36 6.58
C TRP D 36 4.11 -38.99 6.99
N VAL D 37 3.17 -39.15 6.05
CA VAL D 37 1.77 -38.86 6.27
C VAL D 37 0.93 -40.05 5.85
N ARG D 38 0.07 -40.53 6.74
CA ARG D 38 -0.73 -41.72 6.45
C ARG D 38 -2.21 -41.41 6.32
N GLN D 39 -2.93 -42.31 5.65
CA GLN D 39 -4.37 -42.14 5.46
C GLN D 39 -5.08 -43.48 5.62
N ALA D 40 -5.82 -43.62 6.72
CA ALA D 40 -6.61 -44.82 6.97
C ALA D 40 -7.68 -44.96 5.90
N PRO D 41 -8.01 -46.22 5.53
CA PRO D 41 -9.02 -46.49 4.50
C PRO D 41 -10.33 -45.76 4.74
N GLY D 42 -10.73 -44.90 3.81
CA GLY D 42 -11.97 -44.15 3.92
C GLY D 42 -11.95 -43.07 4.97
N LYS D 43 -10.75 -42.71 5.44
CA LYS D 43 -10.61 -41.66 6.43
C LYS D 43 -9.70 -40.55 5.92
N GLY D 44 -9.59 -39.47 6.70
CA GLY D 44 -8.83 -38.31 6.27
C GLY D 44 -7.32 -38.47 6.40
N LEU D 45 -6.60 -37.43 5.98
CA LEU D 45 -5.14 -37.43 6.08
C LEU D 45 -4.69 -37.14 7.51
N GLU D 46 -3.60 -37.79 7.92
CA GLU D 46 -3.07 -37.62 9.26
C GLU D 46 -1.55 -37.59 9.22
N TRP D 47 -0.97 -36.50 9.72
CA TRP D 47 0.48 -36.40 9.79
C TRP D 47 1.05 -37.41 10.77
N VAL D 48 2.12 -38.09 10.36
CA VAL D 48 2.76 -39.08 11.21
C VAL D 48 4.11 -38.58 11.72
N THR D 49 5.09 -38.49 10.83
CA THR D 49 6.43 -38.09 11.27
C THR D 49 7.09 -37.00 10.43
N PHE D 50 8.18 -36.47 10.95
CA PHE D 50 8.94 -35.41 10.30
C PHE D 50 10.42 -35.53 10.61
N ILE D 51 11.26 -35.36 9.58
CA ILE D 51 12.70 -35.36 9.80
C ILE D 51 13.34 -34.17 9.08
N SER D 52 14.39 -33.62 9.71
CA SER D 52 15.03 -32.41 9.23
C SER D 52 16.05 -32.71 8.13
N TYR D 53 16.77 -31.67 7.72
CA TYR D 53 17.76 -31.75 6.65
C TYR D 53 18.84 -32.77 6.97
N ASP D 54 19.64 -32.45 7.98
CA ASP D 54 20.72 -33.33 8.43
C ASP D 54 20.17 -34.62 9.01
N GLY D 55 18.96 -34.57 9.55
CA GLY D 55 18.35 -35.72 10.18
C GLY D 55 18.66 -35.75 11.67
N ASN D 56 19.03 -34.60 12.22
CA ASN D 56 19.31 -34.49 13.64
C ASN D 56 18.05 -34.36 14.47
N ASN D 57 17.05 -33.71 13.89
CA ASN D 57 15.79 -33.49 14.59
C ASN D 57 14.63 -34.24 13.98
N LYS D 58 13.98 -35.06 14.81
CA LYS D 58 12.84 -35.84 14.38
C LYS D 58 11.62 -35.51 15.23
N TYR D 59 10.48 -35.32 14.59
CA TYR D 59 9.25 -35.05 15.33
C TYR D 59 8.16 -36.05 14.99
N TYR D 60 7.55 -36.61 16.02
CA TYR D 60 6.50 -37.59 15.84
C TYR D 60 5.17 -37.08 16.40
N ALA D 61 4.09 -37.41 15.71
CA ALA D 61 2.76 -37.17 16.24
C ALA D 61 2.52 -38.13 17.38
N ASP D 62 1.48 -37.90 18.17
CA ASP D 62 1.12 -38.88 19.18
C ASP D 62 0.51 -40.09 18.50
N SER D 63 0.15 -41.10 19.29
CA SER D 63 -0.26 -42.43 18.80
C SER D 63 0.91 -43.18 18.18
N VAL D 64 2.03 -42.49 18.00
CA VAL D 64 3.27 -43.13 17.56
C VAL D 64 4.47 -42.50 18.27
N LYS D 65 5.12 -43.30 19.10
CA LYS D 65 6.34 -42.89 19.78
C LYS D 65 6.97 -44.11 20.41
N GLY D 66 8.28 -44.26 20.24
CA GLY D 66 8.95 -45.49 20.65
C GLY D 66 8.64 -46.59 19.65
N ARG D 67 7.37 -46.67 19.27
CA ARG D 67 6.92 -47.55 18.20
C ARG D 67 7.54 -47.17 16.87
N PHE D 68 7.29 -45.93 16.44
CA PHE D 68 7.77 -45.47 15.15
C PHE D 68 9.03 -44.63 15.29
N THR D 69 9.98 -44.84 14.38
CA THR D 69 11.21 -44.07 14.34
C THR D 69 11.58 -43.76 12.88
N ILE D 70 11.83 -42.50 12.58
CA ILE D 70 12.11 -42.08 11.21
C ILE D 70 13.60 -41.90 10.98
N SER D 71 14.08 -42.38 9.83
CA SER D 71 15.50 -42.30 9.50
C SER D 71 15.71 -41.59 8.18
N ARG D 72 16.94 -41.17 7.92
CA ARG D 72 17.25 -40.49 6.67
C ARG D 72 18.66 -40.81 6.18
N ASP D 73 18.74 -41.37 4.98
CA ASP D 73 20.02 -41.65 4.35
C ASP D 73 20.25 -40.68 3.19
N ASN D 74 21.10 -39.69 3.42
CA ASN D 74 21.42 -38.67 2.42
C ASN D 74 22.36 -39.20 1.35
N SER D 75 23.16 -40.19 1.70
CA SER D 75 24.12 -40.78 0.77
C SER D 75 23.43 -41.55 -0.34
N LYS D 76 22.31 -42.20 -0.01
CA LYS D 76 21.59 -43.02 -0.98
C LYS D 76 20.23 -42.42 -1.35
N ASN D 77 20.00 -41.18 -0.91
CA ASN D 77 18.77 -40.45 -1.21
C ASN D 77 17.51 -41.23 -0.84
N THR D 78 17.47 -41.77 0.37
CA THR D 78 16.32 -42.54 0.79
C THR D 78 15.82 -42.15 2.19
N LEU D 79 14.50 -42.23 2.36
CA LEU D 79 13.85 -41.96 3.63
C LEU D 79 13.42 -43.27 4.28
N TYR D 80 13.39 -43.30 5.62
CA TYR D 80 12.99 -44.53 6.30
C TYR D 80 11.92 -44.31 7.36
N LEU D 81 10.97 -45.25 7.44
CA LEU D 81 10.01 -45.28 8.54
C LEU D 81 9.98 -46.66 9.19
N GLN D 82 10.60 -46.76 10.36
CA GLN D 82 10.62 -47.99 11.13
C GLN D 82 9.40 -48.06 12.03
N MET D 83 8.57 -49.07 11.83
CA MET D 83 7.32 -49.18 12.58
C MET D 83 7.31 -50.42 13.46
N ASN D 84 7.45 -50.21 14.77
CA ASN D 84 7.39 -51.31 15.73
C ASN D 84 6.05 -51.31 16.44
N SER D 85 5.70 -52.44 17.06
CA SER D 85 4.46 -52.58 17.81
C SER D 85 3.24 -52.16 16.98
N LEU D 86 3.13 -52.73 15.79
CA LEU D 86 2.06 -52.39 14.86
C LEU D 86 0.69 -52.80 15.38
N ARG D 87 -0.28 -51.88 15.25
CA ARG D 87 -1.64 -52.13 15.71
C ARG D 87 -2.62 -52.04 14.55
N ALA D 88 -3.89 -52.34 14.84
CA ALA D 88 -4.94 -52.29 13.82
C ALA D 88 -5.32 -50.85 13.48
N GLU D 89 -4.78 -49.89 14.23
CA GLU D 89 -5.02 -48.49 13.97
C GLU D 89 -3.98 -47.95 12.99
N ASP D 90 -2.91 -48.72 12.80
CA ASP D 90 -1.81 -48.30 11.95
C ASP D 90 -2.05 -48.61 10.48
N THR D 91 -3.03 -49.46 10.19
CA THR D 91 -3.30 -49.84 8.81
C THR D 91 -3.79 -48.64 8.00
N ALA D 92 -3.02 -48.30 6.97
CA ALA D 92 -3.29 -47.10 6.18
C ALA D 92 -2.43 -47.06 4.93
N ILE D 93 -2.66 -46.02 4.13
CA ILE D 93 -1.80 -45.73 2.99
C ILE D 93 -0.74 -44.73 3.46
N TYR D 94 0.53 -45.13 3.39
CA TYR D 94 1.61 -44.28 3.85
C TYR D 94 2.30 -43.58 2.69
N TYR D 95 2.22 -42.24 2.70
CA TYR D 95 2.89 -41.41 1.73
C TYR D 95 4.09 -40.73 2.37
N CYS D 96 5.18 -40.62 1.64
CA CYS D 96 6.25 -39.72 2.04
C CYS D 96 6.08 -38.44 1.22
N ALA D 97 6.09 -37.31 1.91
CA ALA D 97 5.92 -36.02 1.24
C ALA D 97 7.07 -35.10 1.61
N ARG D 98 7.53 -34.31 0.64
CA ARG D 98 8.61 -33.37 0.95
C ARG D 98 8.05 -31.97 1.19
N THR D 99 8.69 -31.24 2.09
CA THR D 99 8.30 -29.86 2.37
C THR D 99 8.73 -28.91 1.26
N GLY D 100 7.81 -28.08 0.80
CA GLY D 100 8.17 -26.94 -0.03
C GLY D 100 9.04 -26.03 0.80
N TRP D 101 9.97 -25.33 0.15
CA TRP D 101 10.87 -24.43 0.84
C TRP D 101 10.13 -23.32 1.56
N LEU D 102 8.91 -23.05 1.11
CA LEU D 102 8.07 -22.02 1.72
C LEU D 102 7.12 -22.62 2.75
N GLY D 103 7.25 -23.92 3.00
CA GLY D 103 6.44 -24.56 4.03
C GLY D 103 5.66 -25.81 3.69
N PRO D 104 4.69 -25.71 2.76
CA PRO D 104 3.74 -26.80 2.52
C PRO D 104 4.36 -28.08 2.00
N PHE D 105 3.54 -29.11 1.84
CA PHE D 105 3.98 -30.38 1.31
C PHE D 105 3.75 -30.38 -0.21
N ASP D 106 4.72 -29.85 -0.97
CA ASP D 106 4.52 -29.66 -2.41
C ASP D 106 4.42 -30.98 -3.18
N TYR D 107 5.39 -31.87 -2.97
CA TYR D 107 5.44 -33.12 -3.72
C TYR D 107 5.26 -34.36 -2.83
N TRP D 108 4.45 -35.29 -3.32
CA TRP D 108 4.12 -36.52 -2.60
C TRP D 108 4.50 -37.76 -3.41
N GLY D 109 4.47 -38.91 -2.75
CA GLY D 109 4.63 -40.19 -3.44
C GLY D 109 3.25 -40.78 -3.66
N GLN D 110 3.18 -41.93 -4.31
CA GLN D 110 1.88 -42.55 -4.57
C GLN D 110 1.40 -43.39 -3.40
N GLY D 111 2.30 -43.62 -2.44
CA GLY D 111 1.94 -44.31 -1.21
C GLY D 111 2.13 -45.82 -1.22
N THR D 112 2.20 -46.41 -0.03
CA THR D 112 2.19 -47.86 0.12
C THR D 112 1.14 -48.31 1.12
N LEU D 113 0.44 -49.38 0.78
CA LEU D 113 -0.62 -49.89 1.63
C LEU D 113 -0.07 -50.80 2.72
N VAL D 114 -0.30 -50.43 3.97
CA VAL D 114 0.01 -51.30 5.11
C VAL D 114 -1.28 -51.76 5.75
N THR D 115 -1.45 -53.07 5.86
CA THR D 115 -2.62 -53.65 6.50
C THR D 115 -2.19 -54.49 7.70
N VAL D 116 -2.89 -54.31 8.82
CA VAL D 116 -2.55 -55.04 10.03
C VAL D 116 -3.64 -56.05 10.40
N SER D 117 -3.29 -57.32 10.27
CA SER D 117 -4.22 -58.42 10.54
C SER D 117 -4.72 -58.39 11.98
N GLU E 1 -2.07 -28.44 20.52
CA GLU E 1 -2.13 -28.60 19.07
C GLU E 1 -3.17 -27.66 18.47
N ILE E 2 -3.12 -27.49 17.15
CA ILE E 2 -4.06 -26.62 16.44
C ILE E 2 -5.07 -27.45 15.66
N VAL E 3 -6.32 -27.41 16.08
CA VAL E 3 -7.36 -28.22 15.46
C VAL E 3 -8.06 -27.49 14.32
N LEU E 4 -7.96 -28.04 13.12
CA LEU E 4 -8.63 -27.48 11.96
C LEU E 4 -9.96 -28.19 11.71
N THR E 5 -11.00 -27.40 11.47
CA THR E 5 -12.33 -27.93 11.23
C THR E 5 -12.90 -27.35 9.95
N GLN E 6 -13.07 -28.19 8.94
CA GLN E 6 -13.54 -27.74 7.65
C GLN E 6 -15.05 -27.86 7.54
N SER E 7 -15.63 -27.16 6.58
CA SER E 7 -17.08 -27.21 6.35
C SER E 7 -17.43 -26.71 4.96
N PRO E 8 -18.43 -27.34 4.30
CA PRO E 8 -19.23 -28.47 4.80
C PRO E 8 -18.46 -29.79 4.77
N GLY E 9 -19.00 -30.81 5.41
CA GLY E 9 -18.41 -32.14 5.39
C GLY E 9 -18.40 -32.70 3.98
N THR E 10 -19.53 -32.55 3.30
CA THR E 10 -19.65 -32.95 1.91
C THR E 10 -20.41 -31.88 1.14
N LEU E 11 -20.26 -31.88 -0.18
CA LEU E 11 -20.85 -30.84 -1.00
C LEU E 11 -21.00 -31.29 -2.45
N SER E 12 -22.22 -31.21 -2.97
CA SER E 12 -22.49 -31.66 -4.33
C SER E 12 -23.04 -30.54 -5.22
N LEU E 13 -22.30 -30.20 -6.27
CA LEU E 13 -22.68 -29.15 -7.19
C LEU E 13 -22.40 -29.56 -8.64
N SER E 14 -23.24 -29.10 -9.55
CA SER E 14 -23.07 -29.37 -10.99
C SER E 14 -21.94 -28.54 -11.57
N PRO E 15 -21.34 -29.02 -12.69
CA PRO E 15 -20.21 -28.31 -13.31
C PRO E 15 -20.54 -26.87 -13.71
N GLY E 16 -19.65 -25.94 -13.37
CA GLY E 16 -19.83 -24.55 -13.72
C GLY E 16 -20.28 -23.68 -12.58
N GLU E 17 -20.46 -24.29 -11.40
CA GLU E 17 -20.95 -23.56 -10.23
C GLU E 17 -19.82 -23.16 -9.29
N ARG E 18 -20.06 -22.14 -8.49
CA ARG E 18 -19.05 -21.62 -7.58
C ARG E 18 -19.08 -22.33 -6.23
N ALA E 19 -18.08 -23.16 -5.98
CA ALA E 19 -18.00 -23.94 -4.74
C ALA E 19 -17.09 -23.26 -3.72
N THR E 20 -17.60 -23.09 -2.50
CA THR E 20 -16.84 -22.42 -1.45
C THR E 20 -16.65 -23.32 -0.23
N LEU E 21 -15.39 -23.52 0.15
CA LEU E 21 -15.04 -24.37 1.28
C LEU E 21 -14.44 -23.53 2.40
N SER E 22 -14.78 -23.85 3.64
CA SER E 22 -14.28 -23.06 4.77
C SER E 22 -13.42 -23.91 5.70
N CYS E 23 -12.38 -23.28 6.23
CA CYS E 23 -11.46 -23.94 7.15
C CYS E 23 -11.29 -23.11 8.42
N ARG E 24 -11.78 -23.61 9.54
CA ARG E 24 -11.75 -22.87 10.79
C ARG E 24 -10.75 -23.44 11.78
N ALA E 25 -9.77 -22.62 12.15
CA ALA E 25 -8.74 -23.03 13.09
C ALA E 25 -9.17 -22.81 14.53
N SER E 26 -8.70 -23.67 15.43
CA SER E 26 -9.00 -23.55 16.84
C SER E 26 -8.36 -22.29 17.43
N GLN E 27 -7.31 -21.81 16.77
CA GLN E 27 -6.62 -20.59 17.19
C GLN E 27 -6.01 -19.86 16.01
N SER E 28 -5.47 -18.67 16.27
CA SER E 28 -4.91 -17.83 15.21
C SER E 28 -3.70 -18.48 14.55
N VAL E 29 -3.83 -18.80 13.28
CA VAL E 29 -2.72 -19.29 12.47
C VAL E 29 -2.25 -18.17 11.54
N GLY E 30 -0.94 -17.91 11.54
CA GLY E 30 -0.37 -16.92 10.64
C GLY E 30 -0.94 -17.32 9.29
N SER E 31 -1.47 -16.33 8.55
CA SER E 31 -2.00 -16.60 7.21
C SER E 31 -0.89 -16.70 6.16
N SER E 32 0.18 -17.40 6.52
CA SER E 32 1.31 -17.64 5.64
C SER E 32 1.68 -19.11 5.78
N TYR E 33 0.95 -19.80 6.65
CA TYR E 33 1.23 -21.18 6.96
C TYR E 33 -0.01 -22.06 6.80
N LEU E 34 -0.97 -21.61 6.00
CA LEU E 34 -2.18 -22.36 5.73
C LEU E 34 -2.18 -22.85 4.28
N ALA E 35 -2.38 -24.15 4.12
CA ALA E 35 -2.31 -24.78 2.81
C ALA E 35 -3.59 -25.53 2.47
N TRP E 36 -3.82 -25.70 1.17
CA TRP E 36 -4.97 -26.43 0.65
C TRP E 36 -4.49 -27.52 -0.30
N TYR E 37 -4.92 -28.75 -0.04
CA TYR E 37 -4.55 -29.92 -0.82
C TYR E 37 -5.75 -30.58 -1.48
N GLN E 38 -5.57 -31.01 -2.73
CA GLN E 38 -6.59 -31.75 -3.45
C GLN E 38 -6.20 -33.22 -3.58
N GLN E 39 -7.04 -34.12 -3.08
CA GLN E 39 -6.82 -35.54 -3.26
C GLN E 39 -7.90 -36.14 -4.14
N LYS E 40 -7.47 -36.78 -5.21
CA LYS E 40 -8.39 -37.40 -6.14
C LYS E 40 -8.54 -38.89 -5.81
N PRO E 41 -9.67 -39.50 -6.20
CA PRO E 41 -9.91 -40.93 -6.00
C PRO E 41 -8.75 -41.78 -6.53
N GLY E 42 -8.14 -42.57 -5.65
CA GLY E 42 -7.04 -43.43 -6.02
C GLY E 42 -5.80 -42.65 -6.41
N GLN E 43 -5.64 -41.48 -5.79
CA GLN E 43 -4.50 -40.62 -6.09
C GLN E 43 -3.89 -40.03 -4.84
N ALA E 44 -2.65 -39.58 -4.98
CA ALA E 44 -1.96 -38.89 -3.90
C ALA E 44 -2.41 -37.44 -3.83
N PRO E 45 -2.36 -36.83 -2.64
CA PRO E 45 -2.67 -35.41 -2.47
C PRO E 45 -1.91 -34.51 -3.44
N ARG E 46 -2.50 -33.35 -3.74
CA ARG E 46 -1.94 -32.41 -4.70
C ARG E 46 -2.04 -30.99 -4.14
N LEU E 47 -0.89 -30.31 -3.99
CA LEU E 47 -0.87 -28.98 -3.39
C LEU E 47 -1.62 -27.97 -4.24
N LEU E 48 -2.70 -27.42 -3.70
CA LEU E 48 -3.47 -26.39 -4.38
C LEU E 48 -3.01 -25.00 -3.96
N ILE E 49 -3.05 -24.73 -2.67
CA ILE E 49 -2.75 -23.39 -2.17
C ILE E 49 -1.71 -23.43 -1.05
N TYR E 50 -0.80 -22.46 -1.05
CA TYR E 50 0.07 -22.27 0.11
C TYR E 50 0.03 -20.82 0.57
N GLY E 51 0.42 -20.59 1.83
CA GLY E 51 0.43 -19.26 2.40
C GLY E 51 -0.91 -18.57 2.31
N ALA E 52 -1.98 -19.36 2.47
CA ALA E 52 -3.37 -18.89 2.45
C ALA E 52 -3.85 -18.40 1.08
N PHE E 53 -3.06 -17.57 0.41
CA PHE E 53 -3.49 -16.97 -0.85
C PHE E 53 -2.66 -17.43 -2.05
N SER E 54 -1.38 -17.66 -1.82
CA SER E 54 -0.47 -18.02 -2.89
C SER E 54 -0.86 -19.35 -3.54
N ARG E 55 -0.97 -19.34 -4.86
CA ARG E 55 -1.36 -20.52 -5.62
C ARG E 55 -0.14 -21.33 -6.03
N ALA E 56 -0.16 -22.62 -5.74
CA ALA E 56 0.94 -23.50 -6.11
C ALA E 56 1.13 -23.50 -7.62
N THR E 57 2.36 -23.73 -8.07
CA THR E 57 2.65 -23.66 -9.50
C THR E 57 1.99 -24.81 -10.25
N GLY E 58 1.48 -24.51 -11.44
CA GLY E 58 0.83 -25.51 -12.27
C GLY E 58 -0.62 -25.72 -11.92
N ILE E 59 -1.16 -24.84 -11.08
CA ILE E 59 -2.54 -24.97 -10.61
C ILE E 59 -3.48 -24.04 -11.37
N PRO E 60 -4.61 -24.57 -11.86
CA PRO E 60 -5.62 -23.83 -12.61
C PRO E 60 -6.08 -22.54 -11.93
N ASP E 61 -6.59 -21.61 -12.73
CA ASP E 61 -6.89 -20.26 -12.26
C ASP E 61 -8.14 -20.17 -11.40
N ARG E 62 -9.03 -21.16 -11.56
CA ARG E 62 -10.32 -21.15 -10.86
C ARG E 62 -10.20 -21.26 -9.34
N PHE E 63 -9.12 -21.86 -8.87
CA PHE E 63 -8.89 -21.99 -7.43
C PHE E 63 -8.35 -20.70 -6.85
N SER E 64 -8.96 -20.24 -5.77
CA SER E 64 -8.50 -19.02 -5.10
C SER E 64 -8.55 -19.18 -3.59
N GLY E 65 -7.44 -18.84 -2.94
CA GLY E 65 -7.35 -18.94 -1.50
C GLY E 65 -7.44 -17.60 -0.80
N SER E 66 -8.20 -17.54 0.29
CA SER E 66 -8.38 -16.32 1.07
C SER E 66 -8.60 -16.65 2.54
N GLY E 67 -8.81 -15.63 3.37
CA GLY E 67 -9.09 -15.84 4.78
C GLY E 67 -8.16 -15.12 5.75
N SER E 68 -8.63 -14.94 6.98
CA SER E 68 -7.87 -14.19 8.01
C SER E 68 -7.13 -15.10 8.98
N GLY E 69 -7.01 -14.65 10.24
CA GLY E 69 -6.26 -15.38 11.25
C GLY E 69 -6.76 -16.79 11.54
N THR E 70 -8.07 -16.94 11.79
CA THR E 70 -8.66 -18.23 12.16
C THR E 70 -9.53 -18.82 11.07
N ASP E 71 -10.10 -17.94 10.27
CA ASP E 71 -11.06 -18.37 9.27
C ASP E 71 -10.46 -18.22 7.89
N PHE E 72 -10.40 -19.35 7.17
CA PHE E 72 -9.88 -19.37 5.81
C PHE E 72 -10.93 -19.90 4.84
N THR E 73 -10.72 -19.62 3.55
CA THR E 73 -11.69 -19.98 2.52
C THR E 73 -11.02 -20.37 1.21
N LEU E 74 -11.42 -21.51 0.67
CA LEU E 74 -10.98 -21.95 -0.65
C LEU E 74 -12.14 -21.91 -1.64
N THR E 75 -11.98 -21.18 -2.74
CA THR E 75 -13.06 -21.00 -3.69
C THR E 75 -12.72 -21.54 -5.08
N ILE E 76 -13.56 -22.43 -5.57
CA ILE E 76 -13.44 -22.93 -6.94
C ILE E 76 -14.59 -22.34 -7.75
N SER E 77 -14.27 -21.31 -8.54
CA SER E 77 -15.28 -20.52 -9.23
C SER E 77 -16.08 -21.29 -10.28
N ARG E 78 -15.37 -21.97 -11.18
CA ARG E 78 -16.03 -22.73 -12.25
C ARG E 78 -15.60 -24.19 -12.24
N LEU E 79 -16.49 -25.06 -11.78
CA LEU E 79 -16.16 -26.46 -11.56
C LEU E 79 -16.06 -27.28 -12.86
N GLU E 80 -14.89 -27.89 -13.05
CA GLU E 80 -14.67 -28.89 -14.09
C GLU E 80 -14.83 -30.28 -13.48
N PRO E 81 -15.26 -31.27 -14.29
CA PRO E 81 -15.45 -32.64 -13.80
C PRO E 81 -14.22 -33.20 -13.08
N GLU E 82 -13.05 -32.68 -13.44
CA GLU E 82 -11.79 -33.13 -12.84
C GLU E 82 -11.61 -32.61 -11.43
N ASP E 83 -12.44 -31.65 -11.02
CA ASP E 83 -12.34 -31.07 -9.69
C ASP E 83 -13.07 -31.92 -8.65
N PHE E 84 -13.74 -32.97 -9.12
CA PHE E 84 -14.33 -33.97 -8.24
C PHE E 84 -13.25 -34.54 -7.33
N ALA E 85 -13.23 -34.13 -6.07
CA ALA E 85 -12.13 -34.54 -5.18
C ALA E 85 -12.36 -34.21 -3.71
N VAL E 86 -11.51 -34.75 -2.85
CA VAL E 86 -11.52 -34.39 -1.43
C VAL E 86 -10.50 -33.30 -1.16
N TYR E 87 -10.95 -32.19 -0.57
CA TYR E 87 -10.05 -31.08 -0.31
C TYR E 87 -9.76 -30.95 1.18
N TYR E 88 -8.47 -30.94 1.51
CA TYR E 88 -8.04 -30.80 2.89
C TYR E 88 -7.36 -29.46 3.11
N CYS E 89 -7.55 -28.89 4.29
CA CYS E 89 -6.75 -27.74 4.70
C CYS E 89 -5.71 -28.21 5.71
N GLN E 90 -4.61 -27.49 5.81
CA GLN E 90 -3.52 -27.91 6.70
C GLN E 90 -2.74 -26.70 7.18
N GLN E 91 -2.24 -26.74 8.41
CA GLN E 91 -1.30 -25.72 8.85
C GLN E 91 0.08 -26.34 8.90
N TYR E 92 1.08 -25.60 8.41
CA TYR E 92 2.44 -26.10 8.40
C TYR E 92 3.38 -25.14 9.12
N GLY E 93 2.82 -24.40 10.09
CA GLY E 93 3.57 -23.39 10.80
C GLY E 93 4.30 -23.93 12.01
N SER E 94 3.72 -24.92 12.68
CA SER E 94 4.32 -25.48 13.88
C SER E 94 3.92 -26.94 14.11
N SER E 95 4.80 -27.69 14.76
CA SER E 95 4.53 -29.09 15.08
C SER E 95 3.51 -29.19 16.22
N PRO E 96 2.55 -30.12 16.11
CA PRO E 96 2.41 -31.08 15.02
C PRO E 96 1.67 -30.52 13.82
N TRP E 97 2.04 -30.99 12.63
CA TRP E 97 1.35 -30.63 11.41
C TRP E 97 -0.05 -31.22 11.42
N THR E 98 -1.05 -30.37 11.23
CA THR E 98 -2.44 -30.81 11.37
C THR E 98 -3.27 -30.53 10.12
N PHE E 99 -4.04 -31.53 9.70
CA PHE E 99 -4.96 -31.39 8.59
C PHE E 99 -6.39 -31.29 9.11
N GLY E 100 -7.26 -30.69 8.31
CA GLY E 100 -8.68 -30.68 8.61
C GLY E 100 -9.24 -32.04 8.23
N GLN E 101 -10.46 -32.34 8.67
CA GLN E 101 -11.06 -33.64 8.40
C GLN E 101 -11.36 -33.82 6.90
N GLY E 102 -11.43 -32.71 6.17
CA GLY E 102 -11.58 -32.76 4.73
C GLY E 102 -13.00 -32.50 4.24
N THR E 103 -13.10 -32.06 2.99
CA THR E 103 -14.40 -31.81 2.39
C THR E 103 -14.52 -32.48 1.03
N LYS E 104 -15.48 -33.38 0.90
CA LYS E 104 -15.63 -34.11 -0.36
C LYS E 104 -16.51 -33.34 -1.35
N VAL E 105 -15.88 -32.70 -2.33
CA VAL E 105 -16.61 -32.05 -3.41
C VAL E 105 -16.92 -33.06 -4.51
N GLU E 106 -18.18 -33.50 -4.52
CA GLU E 106 -18.68 -34.44 -5.52
C GLU E 106 -19.58 -33.72 -6.53
N ILE E 107 -19.20 -33.83 -7.80
CA ILE E 107 -19.85 -33.04 -8.84
C ILE E 107 -21.04 -33.80 -9.44
N LYS E 108 -22.05 -33.03 -9.86
CA LYS E 108 -23.31 -33.54 -10.44
C LYS E 108 -24.20 -34.16 -9.38
N LYS F 2 0.23 -19.85 20.16
CA LYS F 2 1.22 -18.83 19.81
C LYS F 2 1.70 -18.98 18.38
N ALA F 3 2.61 -18.11 17.97
CA ALA F 3 3.17 -18.13 16.62
C ALA F 3 4.57 -17.53 16.59
N MET F 4 5.21 -17.58 15.44
CA MET F 4 6.56 -17.07 15.28
C MET F 4 6.61 -15.96 14.23
N HIS F 5 7.28 -14.86 14.55
CA HIS F 5 7.42 -13.74 13.64
C HIS F 5 8.87 -13.55 13.21
N VAL F 6 9.07 -13.26 11.92
CA VAL F 6 10.39 -12.98 11.40
C VAL F 6 10.41 -11.62 10.71
N ALA F 7 11.32 -10.76 11.17
CA ALA F 7 11.45 -9.42 10.62
C ALA F 7 12.84 -9.21 9.99
N GLN F 8 12.85 -8.55 8.84
CA GLN F 8 14.08 -8.19 8.17
C GLN F 8 13.86 -6.85 7.47
N PRO F 9 14.95 -6.08 7.25
CA PRO F 9 14.81 -4.77 6.60
C PRO F 9 14.19 -4.88 5.21
N ALA F 10 13.50 -3.84 4.79
CA ALA F 10 12.82 -3.84 3.50
C ALA F 10 13.81 -3.75 2.35
N VAL F 11 14.69 -2.76 2.39
CA VAL F 11 15.64 -2.55 1.31
C VAL F 11 17.08 -2.49 1.82
N VAL F 12 17.95 -3.26 1.18
CA VAL F 12 19.36 -3.29 1.56
C VAL F 12 20.26 -3.11 0.35
N LEU F 13 21.22 -2.19 0.47
CA LEU F 13 22.18 -1.96 -0.60
C LEU F 13 23.48 -2.73 -0.34
N ALA F 14 24.03 -3.29 -1.41
CA ALA F 14 25.27 -4.04 -1.33
C ALA F 14 26.47 -3.11 -1.48
N SER F 15 27.63 -3.52 -0.98
CA SER F 15 28.83 -2.70 -1.08
C SER F 15 29.37 -2.78 -2.51
N SER F 16 30.40 -1.98 -2.78
CA SER F 16 30.99 -1.94 -4.12
C SER F 16 31.59 -3.27 -4.51
N ARG F 17 32.19 -3.95 -3.53
CA ARG F 17 32.83 -5.24 -3.76
C ARG F 17 31.79 -6.29 -4.15
N GLY F 18 30.62 -6.21 -3.52
CA GLY F 18 29.55 -7.16 -3.75
C GLY F 18 29.08 -7.79 -2.45
N ILE F 19 29.08 -6.99 -1.39
CA ILE F 19 28.73 -7.47 -0.05
C ILE F 19 27.50 -6.77 0.53
N ALA F 20 26.48 -7.55 0.88
CA ALA F 20 25.26 -7.02 1.48
C ALA F 20 25.04 -7.60 2.88
N SER F 21 25.02 -6.73 3.88
CA SER F 21 24.84 -7.18 5.25
C SER F 21 23.55 -6.64 5.84
N PHE F 22 22.70 -7.53 6.33
CA PHE F 22 21.44 -7.12 6.94
C PHE F 22 21.12 -7.96 8.16
N VAL F 23 20.13 -7.52 8.93
CA VAL F 23 19.81 -8.18 10.19
C VAL F 23 18.52 -8.98 10.10
N CYS F 24 18.60 -10.27 10.37
CA CYS F 24 17.41 -11.11 10.40
C CYS F 24 17.02 -11.39 11.84
N GLU F 25 15.86 -10.88 12.24
CA GLU F 25 15.44 -11.00 13.62
C GLU F 25 14.22 -11.89 13.72
N TYR F 26 14.16 -12.71 14.75
CA TYR F 26 12.99 -13.57 14.93
C TYR F 26 12.49 -13.56 16.37
N ALA F 27 11.19 -13.79 16.52
CA ALA F 27 10.60 -13.96 17.83
C ALA F 27 10.76 -15.41 18.30
N SER F 28 11.11 -15.59 19.57
CA SER F 28 11.22 -16.92 20.15
C SER F 28 10.05 -17.15 21.10
N PRO F 29 9.00 -17.85 20.64
CA PRO F 29 7.81 -18.16 21.43
C PRO F 29 8.13 -18.90 22.72
N GLY F 30 9.36 -19.38 22.84
CA GLY F 30 9.84 -20.00 24.05
C GLY F 30 11.34 -20.17 24.00
N LYS F 31 11.88 -21.03 24.87
CA LYS F 31 13.29 -21.38 24.84
C LYS F 31 13.58 -22.11 23.53
N ALA F 32 14.52 -21.61 22.75
CA ALA F 32 14.84 -22.16 21.44
C ALA F 32 16.29 -22.64 21.37
N THR F 33 16.51 -23.91 21.67
CA THR F 33 17.88 -24.42 21.81
C THR F 33 18.55 -24.66 20.46
N GLU F 34 17.77 -24.73 19.39
CA GLU F 34 18.33 -24.99 18.06
C GLU F 34 17.51 -24.34 16.96
N VAL F 35 18.15 -23.47 16.19
CA VAL F 35 17.46 -22.66 15.20
C VAL F 35 18.22 -22.61 13.88
N ARG F 36 17.79 -23.41 12.91
CA ARG F 36 18.42 -23.39 11.61
C ARG F 36 17.88 -22.22 10.81
N VAL F 37 18.78 -21.44 10.22
CA VAL F 37 18.38 -20.27 9.45
C VAL F 37 18.78 -20.46 7.99
N THR F 38 17.92 -20.05 7.07
CA THR F 38 18.17 -20.22 5.63
C THR F 38 17.80 -18.95 4.85
N VAL F 39 18.59 -18.64 3.83
CA VAL F 39 18.33 -17.49 2.95
C VAL F 39 17.88 -17.98 1.58
N LEU F 40 16.79 -17.42 1.07
CA LEU F 40 16.23 -17.85 -0.20
C LEU F 40 16.19 -16.69 -1.20
N ARG F 41 16.50 -16.96 -2.46
CA ARG F 41 16.36 -15.96 -3.52
C ARG F 41 15.04 -16.18 -4.24
N GLN F 42 14.14 -15.20 -4.16
CA GLN F 42 12.85 -15.35 -4.82
C GLN F 42 12.58 -14.29 -5.87
N ALA F 43 12.87 -14.64 -7.12
CA ALA F 43 12.29 -13.95 -8.26
C ALA F 43 11.00 -14.70 -8.58
N ASP F 44 10.03 -14.03 -9.19
CA ASP F 44 8.72 -14.65 -9.38
C ASP F 44 8.71 -15.56 -10.61
N SER F 45 8.44 -16.85 -10.39
CA SER F 45 8.13 -17.39 -9.07
C SER F 45 9.00 -18.59 -8.66
N GLN F 46 10.33 -18.45 -8.79
CA GLN F 46 11.27 -19.50 -8.34
C GLN F 46 11.91 -19.15 -7.03
N VAL F 47 12.39 -20.16 -6.33
CA VAL F 47 13.00 -19.99 -5.03
C VAL F 47 14.36 -20.68 -5.08
N THR F 48 15.40 -19.96 -4.70
CA THR F 48 16.76 -20.49 -4.77
C THR F 48 17.42 -20.38 -3.41
N GLU F 49 18.04 -21.47 -2.96
CA GLU F 49 18.74 -21.49 -1.69
C GLU F 49 20.07 -20.75 -1.85
N VAL F 50 20.36 -19.86 -0.91
CA VAL F 50 21.58 -19.08 -0.94
C VAL F 50 22.51 -19.55 0.14
N CYS F 51 22.26 -19.07 1.35
CA CYS F 51 23.05 -19.44 2.51
C CYS F 51 22.18 -20.29 3.44
N ALA F 52 22.82 -21.14 4.24
CA ALA F 52 22.11 -21.96 5.21
C ALA F 52 23.04 -22.43 6.31
N ALA F 53 22.63 -22.24 7.56
CA ALA F 53 23.43 -22.67 8.69
C ALA F 53 22.57 -23.09 9.87
N THR F 54 23.17 -23.89 10.73
CA THR F 54 22.53 -24.35 11.94
C THR F 54 23.33 -23.82 13.11
N TYR F 55 22.65 -23.46 14.19
CA TYR F 55 23.35 -23.09 15.40
C TYR F 55 22.44 -23.19 16.59
N MET F 56 23.05 -23.33 17.76
CA MET F 56 22.29 -23.45 18.97
C MET F 56 22.36 -22.13 19.74
N MET F 57 21.18 -21.60 20.04
CA MET F 57 21.05 -20.27 20.62
C MET F 57 21.95 -20.09 21.82
N GLY F 58 22.56 -18.92 21.90
CA GLY F 58 23.56 -18.64 22.92
C GLY F 58 24.94 -18.95 22.39
N ASN F 59 25.17 -20.22 22.06
CA ASN F 59 26.42 -20.63 21.43
C ASN F 59 26.55 -20.00 20.04
N GLU F 60 27.74 -20.05 19.48
CA GLU F 60 28.07 -19.30 18.29
C GLU F 60 27.53 -19.93 17.01
N LEU F 61 27.08 -19.07 16.10
CA LEU F 61 26.61 -19.46 14.77
C LEU F 61 27.77 -19.50 13.78
N THR F 62 27.85 -20.57 13.01
CA THR F 62 28.92 -20.71 12.04
C THR F 62 28.50 -21.59 10.86
N PHE F 63 28.69 -21.08 9.65
CA PHE F 63 28.39 -21.81 8.43
C PHE F 63 29.44 -22.89 8.17
N ILE F 68 29.07 -18.49 0.34
CA ILE F 68 28.91 -17.13 -0.18
C ILE F 68 28.63 -16.19 0.97
N CYS F 69 28.08 -16.74 2.04
CA CYS F 69 27.62 -15.95 3.16
C CYS F 69 28.33 -16.26 4.48
N THR F 70 28.31 -15.28 5.39
CA THR F 70 28.86 -15.41 6.74
C THR F 70 27.94 -14.72 7.72
N GLY F 71 27.80 -15.26 8.92
CA GLY F 71 26.87 -14.70 9.89
C GLY F 71 27.38 -14.57 11.30
N THR F 72 26.80 -13.64 12.05
CA THR F 72 27.09 -13.49 13.46
C THR F 72 25.80 -13.56 14.27
N SER F 73 25.86 -14.15 15.47
CA SER F 73 24.67 -14.38 16.27
C SER F 73 24.61 -13.49 17.50
N SER F 74 23.46 -12.87 17.71
CA SER F 74 23.20 -12.06 18.91
C SER F 74 21.78 -12.30 19.41
N GLY F 75 21.63 -13.33 20.23
CA GLY F 75 20.34 -13.69 20.77
C GLY F 75 19.34 -14.07 19.69
N ASN F 76 18.24 -13.33 19.62
CA ASN F 76 17.22 -13.57 18.62
C ASN F 76 17.58 -12.97 17.27
N GLN F 77 18.63 -12.16 17.24
CA GLN F 77 19.05 -11.51 16.01
C GLN F 77 20.22 -12.23 15.36
N VAL F 78 20.20 -12.35 14.04
CA VAL F 78 21.36 -12.87 13.32
C VAL F 78 21.77 -11.90 12.22
N ASN F 79 22.99 -11.38 12.34
CA ASN F 79 23.53 -10.48 11.36
C ASN F 79 24.14 -11.25 10.20
N LEU F 80 23.45 -11.22 9.06
CA LEU F 80 23.87 -11.95 7.87
C LEU F 80 24.66 -11.08 6.90
N THR F 81 25.64 -11.69 6.26
CA THR F 81 26.51 -11.01 5.32
C THR F 81 26.67 -11.86 4.06
N ILE F 82 26.47 -11.25 2.90
CA ILE F 82 26.49 -11.98 1.64
C ILE F 82 27.46 -11.38 0.64
N GLN F 83 28.50 -12.13 0.29
CA GLN F 83 29.53 -11.65 -0.63
C GLN F 83 29.25 -12.08 -2.07
N GLY F 84 30.22 -11.83 -2.95
CA GLY F 84 30.18 -12.30 -4.32
C GLY F 84 28.92 -11.98 -5.11
N LEU F 85 28.38 -10.79 -4.91
CA LEU F 85 27.14 -10.40 -5.56
C LEU F 85 27.39 -9.67 -6.88
N ARG F 86 26.51 -9.92 -7.84
CA ARG F 86 26.55 -9.23 -9.13
C ARG F 86 25.28 -8.44 -9.34
N ALA F 87 25.25 -7.63 -10.40
CA ALA F 87 24.08 -6.83 -10.71
C ALA F 87 22.89 -7.73 -11.04
N MET F 88 23.16 -8.90 -11.58
CA MET F 88 22.12 -9.85 -11.95
C MET F 88 21.53 -10.55 -10.74
N ASP F 89 22.25 -10.51 -9.62
CA ASP F 89 21.81 -11.15 -8.40
C ASP F 89 20.80 -10.28 -7.65
N THR F 90 20.60 -9.06 -8.14
CA THR F 90 19.65 -8.12 -7.56
C THR F 90 18.24 -8.71 -7.47
N GLY F 91 17.65 -8.69 -6.28
CA GLY F 91 16.34 -9.27 -6.13
C GLY F 91 15.86 -9.42 -4.69
N LEU F 92 14.81 -10.21 -4.51
CA LEU F 92 14.18 -10.36 -3.21
C LEU F 92 14.77 -11.53 -2.44
N TYR F 93 15.25 -11.26 -1.23
CA TYR F 93 15.91 -12.27 -0.40
C TYR F 93 15.12 -12.54 0.87
N ILE F 94 14.61 -13.76 1.01
CA ILE F 94 13.81 -14.14 2.16
C ILE F 94 14.66 -14.81 3.23
N CYS F 95 14.58 -14.29 4.45
CA CYS F 95 15.27 -14.90 5.58
C CYS F 95 14.31 -15.74 6.39
N LYS F 96 14.44 -17.07 6.31
CA LYS F 96 13.54 -17.95 7.03
C LYS F 96 14.24 -18.64 8.20
N VAL F 97 13.51 -18.83 9.29
CA VAL F 97 14.05 -19.45 10.48
C VAL F 97 13.18 -20.62 10.92
N GLU F 98 13.81 -21.78 11.07
CA GLU F 98 13.12 -22.94 11.59
C GLU F 98 13.68 -23.28 12.97
N LEU F 99 12.83 -23.20 13.99
CA LEU F 99 13.28 -23.55 15.32
C LEU F 99 12.93 -25.00 15.57
N MET F 100 13.99 -25.81 15.61
CA MET F 100 13.89 -27.26 15.79
C MET F 100 13.71 -27.58 17.26
N TYR F 101 14.81 -27.78 17.98
CA TYR F 101 14.79 -28.16 19.39
C TYR F 101 14.82 -26.93 20.30
N PRO F 102 14.06 -26.98 21.41
CA PRO F 102 13.17 -28.05 21.84
C PRO F 102 11.77 -27.92 21.25
N PRO F 103 10.97 -29.00 21.32
CA PRO F 103 9.57 -28.97 20.86
C PRO F 103 8.80 -27.79 21.44
N PRO F 104 7.83 -27.26 20.67
CA PRO F 104 7.50 -27.74 19.33
C PRO F 104 8.31 -27.04 18.24
N TYR F 105 8.35 -27.66 17.06
CA TYR F 105 9.00 -27.08 15.89
C TYR F 105 8.23 -25.85 15.42
N TYR F 106 8.94 -24.78 15.09
CA TYR F 106 8.30 -23.58 14.56
C TYR F 106 8.91 -23.17 13.23
N LEU F 107 8.06 -22.72 12.31
CA LEU F 107 8.51 -22.26 11.01
C LEU F 107 8.19 -20.77 10.84
N GLY F 108 9.19 -19.98 10.46
CA GLY F 108 9.00 -18.56 10.30
C GLY F 108 9.58 -18.01 9.00
N ILE F 109 8.71 -17.55 8.11
CA ILE F 109 9.14 -17.01 6.83
C ILE F 109 9.22 -15.50 6.85
N GLY F 110 10.41 -14.97 6.58
CA GLY F 110 10.62 -13.53 6.53
C GLY F 110 9.78 -12.88 5.46
N ASN F 111 9.54 -11.57 5.62
CA ASN F 111 8.70 -10.85 4.69
C ASN F 111 9.42 -10.55 3.37
N GLY F 112 10.74 -10.52 3.43
CA GLY F 112 11.54 -10.29 2.23
C GLY F 112 12.37 -9.04 2.29
N THR F 113 13.59 -9.13 1.77
CA THR F 113 14.50 -7.99 1.72
C THR F 113 14.95 -7.71 0.30
N GLN F 114 14.58 -6.56 -0.23
CA GLN F 114 14.98 -6.19 -1.58
C GLN F 114 16.44 -5.76 -1.60
N ILE F 115 17.29 -6.62 -2.14
CA ILE F 115 18.71 -6.31 -2.25
C ILE F 115 19.04 -5.82 -3.64
N TYR F 116 19.62 -4.61 -3.69
CA TYR F 116 20.07 -4.01 -4.93
C TYR F 116 21.59 -4.06 -5.03
N VAL F 117 22.08 -4.53 -6.19
CA VAL F 117 23.52 -4.67 -6.41
C VAL F 117 23.95 -4.05 -7.73
N ILE F 118 25.04 -3.29 -7.70
CA ILE F 118 25.63 -2.73 -8.91
C ILE F 118 27.14 -2.94 -8.92
N ASP F 119 27.71 -2.92 -10.12
CA ASP F 119 29.14 -3.21 -10.30
C ASP F 119 29.91 -1.99 -10.80
N PRO F 120 31.22 -1.94 -10.49
CA PRO F 120 32.08 -0.83 -10.95
C PRO F 120 32.21 -0.78 -12.46
N GLN G 1 11.26 30.75 11.07
CA GLN G 1 12.08 31.95 11.06
C GLN G 1 11.84 32.78 9.80
N VAL G 2 11.00 32.25 8.90
CA VAL G 2 10.71 32.92 7.64
C VAL G 2 9.84 34.15 7.83
N GLN G 3 10.31 35.29 7.35
CA GLN G 3 9.60 36.55 7.54
C GLN G 3 9.37 37.30 6.22
N LEU G 4 8.12 37.71 6.01
CA LEU G 4 7.75 38.54 4.87
C LEU G 4 7.09 39.82 5.36
N VAL G 5 7.79 40.94 5.22
CA VAL G 5 7.28 42.22 5.71
C VAL G 5 7.06 43.20 4.56
N GLU G 6 5.82 43.63 4.37
CA GLU G 6 5.52 44.55 3.29
C GLU G 6 5.44 45.99 3.78
N SER G 7 5.63 46.94 2.85
CA SER G 7 5.57 48.36 3.15
C SER G 7 5.31 49.15 1.88
N GLY G 8 5.03 50.44 2.02
CA GLY G 8 4.77 51.30 0.87
C GLY G 8 3.30 51.62 0.70
N GLY G 9 2.46 50.93 1.46
CA GLY G 9 1.03 51.19 1.43
C GLY G 9 0.68 52.55 2.01
N GLY G 10 -0.59 52.92 1.94
CA GLY G 10 -1.05 54.20 2.46
C GLY G 10 -2.22 54.79 1.70
N VAL G 11 -2.52 56.05 2.00
CA VAL G 11 -3.63 56.75 1.35
C VAL G 11 -3.18 57.46 0.08
N VAL G 12 -3.73 57.03 -1.04
CA VAL G 12 -3.43 57.66 -2.31
C VAL G 12 -4.74 58.03 -2.98
N GLN G 13 -4.67 58.82 -4.04
CA GLN G 13 -5.87 59.25 -4.74
C GLN G 13 -5.82 58.81 -6.20
N PRO G 14 -6.99 58.66 -6.83
CA PRO G 14 -7.10 58.15 -8.21
C PRO G 14 -6.18 58.87 -9.20
N GLY G 15 -5.54 58.09 -10.06
CA GLY G 15 -4.71 58.64 -11.12
C GLY G 15 -3.23 58.68 -10.81
N ARG G 16 -2.89 58.50 -9.54
CA ARG G 16 -1.49 58.54 -9.11
C ARG G 16 -0.84 57.16 -9.18
N SER G 17 0.36 57.07 -8.62
CA SER G 17 1.10 55.81 -8.60
C SER G 17 1.66 55.49 -7.22
N LEU G 18 1.99 54.23 -7.02
CA LEU G 18 2.56 53.77 -5.76
C LEU G 18 3.61 52.70 -6.00
N ARG G 19 4.45 52.46 -5.00
CA ARG G 19 5.39 51.36 -5.07
C ARG G 19 5.44 50.60 -3.76
N LEU G 20 4.99 49.34 -3.78
CA LEU G 20 5.03 48.50 -2.60
C LEU G 20 6.29 47.64 -2.60
N SER G 21 6.83 47.40 -1.41
CA SER G 21 8.01 46.57 -1.26
C SER G 21 7.76 45.45 -0.26
N CYS G 22 8.43 44.32 -0.46
CA CYS G 22 8.29 43.19 0.45
C CYS G 22 9.66 42.62 0.82
N ALA G 23 10.13 42.98 2.01
CA ALA G 23 11.39 42.47 2.52
C ALA G 23 11.22 41.02 3.00
N ALA G 24 12.09 40.15 2.48
CA ALA G 24 12.01 38.72 2.78
C ALA G 24 13.26 38.24 3.51
N SER G 25 13.08 37.39 4.52
CA SER G 25 14.20 36.88 5.29
C SER G 25 13.93 35.48 5.84
N GLY G 26 15.00 34.81 6.28
CA GLY G 26 14.87 33.50 6.89
C GLY G 26 14.93 32.35 5.90
N PHE G 27 15.05 32.68 4.62
CA PHE G 27 15.10 31.67 3.56
C PHE G 27 15.81 32.21 2.32
N THR G 28 16.45 31.32 1.57
CA THR G 28 17.12 31.74 0.33
C THR G 28 16.05 32.24 -0.65
N PHE G 29 16.23 33.46 -1.14
CA PHE G 29 15.16 34.16 -1.84
C PHE G 29 15.04 33.75 -3.32
N SER G 30 16.17 33.49 -3.95
CA SER G 30 16.20 33.22 -5.38
C SER G 30 15.62 31.86 -5.77
N SER G 31 15.12 31.11 -4.80
CA SER G 31 14.66 29.76 -5.05
C SER G 31 13.15 29.61 -4.93
N TYR G 32 12.43 30.73 -4.88
CA TYR G 32 10.98 30.69 -4.77
C TYR G 32 10.33 31.71 -5.70
N THR G 33 9.15 31.40 -6.19
CA THR G 33 8.37 32.38 -6.95
C THR G 33 7.53 33.20 -5.98
N MET G 34 7.10 34.38 -6.41
CA MET G 34 6.37 35.26 -5.50
C MET G 34 5.04 35.72 -6.05
N HIS G 35 4.14 36.06 -5.12
CA HIS G 35 2.81 36.49 -5.49
C HIS G 35 2.39 37.76 -4.76
N TRP G 36 1.63 38.60 -5.46
CA TRP G 36 0.92 39.69 -4.80
C TRP G 36 -0.56 39.35 -4.83
N VAL G 37 -1.16 39.34 -3.63
CA VAL G 37 -2.57 39.01 -3.45
C VAL G 37 -3.25 40.07 -2.59
N ARG G 38 -4.31 40.67 -3.11
CA ARG G 38 -5.00 41.73 -2.39
C ARG G 38 -6.36 41.28 -1.86
N GLN G 39 -6.87 42.00 -0.87
CA GLN G 39 -8.17 41.71 -0.29
C GLN G 39 -8.94 43.01 -0.06
N ALA G 40 -9.98 43.23 -0.84
CA ALA G 40 -10.85 44.39 -0.67
C ALA G 40 -11.54 44.33 0.68
N PRO G 41 -11.73 45.50 1.33
CA PRO G 41 -12.36 45.58 2.65
C PRO G 41 -13.73 44.90 2.68
N GLY G 42 -13.86 43.89 3.53
CA GLY G 42 -15.11 43.14 3.62
C GLY G 42 -15.32 42.16 2.49
N LYS G 43 -14.33 42.02 1.62
CA LYS G 43 -14.42 41.09 0.49
C LYS G 43 -13.37 39.99 0.60
N GLY G 44 -13.45 39.01 -0.29
CA GLY G 44 -12.56 37.87 -0.26
C GLY G 44 -11.18 38.15 -0.85
N LEU G 45 -10.37 37.11 -0.96
CA LEU G 45 -9.03 37.23 -1.54
C LEU G 45 -9.10 37.25 -3.06
N GLU G 46 -8.18 38.00 -3.67
CA GLU G 46 -8.10 38.10 -5.11
C GLU G 46 -6.65 38.11 -5.57
N TRP G 47 -6.28 37.13 -6.38
CA TRP G 47 -4.92 37.07 -6.88
C TRP G 47 -4.61 38.25 -7.80
N VAL G 48 -3.48 38.90 -7.58
CA VAL G 48 -3.10 40.05 -8.36
C VAL G 48 -1.98 39.72 -9.34
N THR G 49 -0.77 39.50 -8.83
CA THR G 49 0.37 39.26 -9.71
C THR G 49 1.25 38.08 -9.29
N PHE G 50 2.13 37.68 -10.20
CA PHE G 50 3.05 36.57 -9.96
C PHE G 50 4.37 36.81 -10.69
N ILE G 51 5.48 36.51 -10.02
CA ILE G 51 6.79 36.61 -10.66
C ILE G 51 7.62 35.36 -10.38
N SER G 52 8.45 35.00 -11.34
CA SER G 52 9.23 33.77 -11.26
C SER G 52 10.54 33.96 -10.52
N TYR G 53 11.32 32.89 -10.43
CA TYR G 53 12.57 32.86 -9.69
C TYR G 53 13.52 33.96 -10.15
N ASP G 54 13.94 33.87 -11.40
CA ASP G 54 14.84 34.85 -11.99
C ASP G 54 14.14 36.20 -12.16
N GLY G 55 12.84 36.17 -12.40
CA GLY G 55 12.08 37.38 -12.61
C GLY G 55 11.88 37.68 -14.08
N ASN G 56 12.11 36.67 -14.92
CA ASN G 56 11.96 36.82 -16.36
C ASN G 56 10.50 36.77 -16.80
N ASN G 57 9.71 35.95 -16.11
CA ASN G 57 8.31 35.79 -16.45
C ASN G 57 7.39 36.38 -15.40
N LYS G 58 6.53 37.30 -15.84
CA LYS G 58 5.58 37.95 -14.95
C LYS G 58 4.16 37.71 -15.43
N TYR G 59 3.28 37.32 -14.51
CA TYR G 59 1.88 37.06 -14.86
C TYR G 59 0.92 37.91 -14.06
N TYR G 60 0.06 38.62 -14.78
CA TYR G 60 -0.89 39.51 -14.15
C TYR G 60 -2.32 39.04 -14.40
N ALA G 61 -3.15 39.14 -13.38
CA ALA G 61 -4.59 38.91 -13.55
C ALA G 61 -5.15 40.05 -14.40
N ASP G 62 -6.41 39.93 -14.80
CA ASP G 62 -7.06 41.04 -15.48
C ASP G 62 -7.40 42.11 -14.45
N SER G 63 -8.03 43.19 -14.90
CA SER G 63 -8.27 44.40 -14.09
C SER G 63 -6.96 45.12 -13.75
N VAL G 64 -5.83 44.48 -14.02
CA VAL G 64 -4.51 45.08 -13.86
C VAL G 64 -3.58 44.64 -14.99
N LYS G 65 -3.09 45.60 -15.76
CA LYS G 65 -2.11 45.34 -16.80
C LYS G 65 -1.64 46.68 -17.37
N GLY G 66 -0.32 46.86 -17.45
CA GLY G 66 0.24 48.15 -17.81
C GLY G 66 0.19 49.06 -16.60
N ARG G 67 -0.98 49.09 -15.95
CA ARG G 67 -1.14 49.76 -14.67
C ARG G 67 -0.18 49.19 -13.64
N PHE G 68 -0.26 47.88 -13.43
CA PHE G 68 0.57 47.22 -12.43
C PHE G 68 1.75 46.50 -13.09
N THR G 69 2.92 46.65 -12.48
CA THR G 69 4.12 45.94 -12.93
C THR G 69 4.88 45.42 -11.71
N ILE G 70 5.16 44.13 -11.69
CA ILE G 70 5.82 43.50 -10.55
C ILE G 70 7.32 43.35 -10.79
N SER G 71 8.12 43.65 -9.76
CA SER G 71 9.57 43.56 -9.87
C SER G 71 10.15 42.68 -8.78
N ARG G 72 11.41 42.29 -8.96
CA ARG G 72 12.07 41.42 -8.00
C ARG G 72 13.55 41.74 -7.87
N ASP G 73 14.00 41.97 -6.65
CA ASP G 73 15.41 42.19 -6.39
C ASP G 73 15.95 41.04 -5.54
N ASN G 74 16.64 40.12 -6.18
CA ASN G 74 17.24 38.97 -5.50
C ASN G 74 18.49 39.38 -4.72
N SER G 75 19.12 40.46 -5.15
CA SER G 75 20.33 40.94 -4.50
C SER G 75 20.01 41.52 -3.12
N LYS G 76 18.86 42.16 -3.00
CA LYS G 76 18.47 42.78 -1.74
C LYS G 76 17.29 42.06 -1.09
N ASN G 77 16.93 40.91 -1.66
CA ASN G 77 15.88 40.06 -1.12
C ASN G 77 14.56 40.80 -0.92
N THR G 78 14.15 41.58 -1.92
CA THR G 78 12.91 42.33 -1.81
C THR G 78 12.02 42.15 -3.03
N LEU G 79 10.72 42.19 -2.80
CA LEU G 79 9.74 42.13 -3.88
C LEU G 79 9.19 43.52 -4.15
N TYR G 80 8.69 43.77 -5.37
CA TYR G 80 8.14 45.08 -5.68
C TYR G 80 6.82 45.02 -6.44
N LEU G 81 5.94 45.94 -6.12
CA LEU G 81 4.68 46.11 -6.84
C LEU G 81 4.47 47.57 -7.23
N GLN G 82 4.74 47.88 -8.49
CA GLN G 82 4.52 49.22 -9.02
C GLN G 82 3.08 49.34 -9.48
N MET G 83 2.31 50.21 -8.82
CA MET G 83 0.90 50.36 -9.14
C MET G 83 0.61 51.73 -9.77
N ASN G 84 0.36 51.73 -11.07
CA ASN G 84 0.02 52.97 -11.78
C ASN G 84 -1.47 53.02 -12.10
N SER G 85 -1.96 54.21 -12.40
CA SER G 85 -3.37 54.42 -12.73
C SER G 85 -4.29 53.83 -11.67
N LEU G 86 -4.03 54.21 -10.42
CA LEU G 86 -4.78 53.69 -9.28
C LEU G 86 -6.25 54.08 -9.35
N ARG G 87 -7.13 53.13 -9.03
CA ARG G 87 -8.58 53.35 -9.05
C ARG G 87 -9.20 53.05 -7.70
N ALA G 88 -10.48 53.36 -7.55
CA ALA G 88 -11.19 53.12 -6.30
C ALA G 88 -11.47 51.62 -6.08
N GLU G 89 -11.23 50.83 -7.13
CA GLU G 89 -11.39 49.38 -7.02
C GLU G 89 -10.12 48.76 -6.42
N ASP G 90 -9.04 49.52 -6.46
CA ASP G 90 -7.74 49.01 -6.03
C ASP G 90 -7.56 49.01 -4.52
N THR G 91 -8.39 49.78 -3.83
CA THR G 91 -8.26 49.89 -2.38
C THR G 91 -8.43 48.52 -1.73
N ALA G 92 -7.37 48.06 -1.04
CA ALA G 92 -7.35 46.73 -0.46
C ALA G 92 -6.17 46.53 0.49
N ILE G 93 -6.14 45.36 1.13
CA ILE G 93 -4.97 44.95 1.89
C ILE G 93 -4.10 44.08 0.98
N TYR G 94 -2.88 44.55 0.71
CA TYR G 94 -1.97 43.84 -0.17
C TYR G 94 -0.97 42.98 0.58
N TYR G 95 -1.07 41.67 0.42
CA TYR G 95 -0.11 40.73 0.98
C TYR G 95 0.81 40.22 -0.11
N CYS G 96 2.08 40.02 0.23
CA CYS G 96 2.94 39.24 -0.66
C CYS G 96 3.04 37.84 -0.07
N ALA G 97 2.74 36.85 -0.89
CA ALA G 97 2.76 35.46 -0.44
C ALA G 97 3.73 34.66 -1.30
N ARG G 98 4.53 33.81 -0.66
CA ARG G 98 5.48 33.01 -1.43
C ARG G 98 4.90 31.64 -1.75
N THR G 99 5.28 31.09 -2.90
CA THR G 99 4.83 29.77 -3.30
C THR G 99 5.57 28.65 -2.59
N GLY G 100 4.81 27.71 -2.04
CA GLY G 100 5.39 26.47 -1.57
C GLY G 100 6.00 25.73 -2.75
N TRP G 101 7.03 24.95 -2.47
CA TRP G 101 7.69 24.16 -3.50
C TRP G 101 6.77 23.09 -4.07
N LEU G 102 5.68 22.82 -3.38
CA LEU G 102 4.69 21.86 -3.83
C LEU G 102 3.49 22.55 -4.48
N GLY G 103 3.52 23.88 -4.51
CA GLY G 103 2.45 24.62 -5.17
C GLY G 103 1.76 25.75 -4.43
N PRO G 104 1.17 25.46 -3.25
CA PRO G 104 0.34 26.46 -2.57
C PRO G 104 1.11 27.69 -2.08
N PHE G 105 0.40 28.64 -1.50
CA PHE G 105 1.04 29.81 -0.91
C PHE G 105 1.27 29.52 0.56
N ASP G 106 2.42 28.93 0.89
CA ASP G 106 2.68 28.47 2.25
C ASP G 106 2.77 29.63 3.25
N TYR G 107 3.58 30.64 2.93
CA TYR G 107 3.79 31.75 3.85
C TYR G 107 3.33 33.09 3.28
N TRP G 108 2.74 33.90 4.15
CA TRP G 108 2.22 35.22 3.80
C TRP G 108 2.85 36.29 4.69
N GLY G 109 2.70 37.55 4.30
CA GLY G 109 3.07 38.66 5.16
C GLY G 109 1.81 39.14 5.87
N GLN G 110 1.94 40.21 6.64
CA GLN G 110 0.78 40.74 7.36
C GLN G 110 0.01 41.77 6.54
N GLY G 111 0.53 42.05 5.34
CA GLY G 111 -0.15 42.93 4.40
C GLY G 111 -0.02 44.42 4.67
N THR G 112 -0.28 45.23 3.65
CA THR G 112 -0.33 46.68 3.81
C THR G 112 -1.62 47.26 3.26
N LEU G 113 -2.17 48.23 3.97
CA LEU G 113 -3.39 48.88 3.57
C LEU G 113 -3.13 49.92 2.49
N VAL G 114 -3.86 49.82 1.38
CA VAL G 114 -3.82 50.84 0.35
C VAL G 114 -5.24 51.36 0.10
N THR G 115 -5.47 52.65 0.34
CA THR G 115 -6.77 53.24 0.09
C THR G 115 -6.70 54.28 -1.01
N VAL G 116 -7.75 54.33 -1.81
CA VAL G 116 -7.80 55.24 -2.94
C VAL G 116 -8.96 56.22 -2.78
N SER G 117 -8.62 57.50 -2.60
CA SER G 117 -9.58 58.56 -2.42
C SER G 117 -10.54 58.67 -3.60
N GLU H 1 -10.74 30.83 -17.46
CA GLU H 1 -10.32 30.74 -16.06
C GLU H 1 -11.14 29.68 -15.32
N ILE H 2 -10.68 29.32 -14.14
CA ILE H 2 -11.35 28.32 -13.31
C ILE H 2 -12.08 28.98 -12.15
N VAL H 3 -13.40 28.93 -12.17
CA VAL H 3 -14.20 29.59 -11.15
C VAL H 3 -14.53 28.67 -9.98
N LEU H 4 -14.05 29.03 -8.79
CA LEU H 4 -14.33 28.25 -7.59
C LEU H 4 -15.50 28.85 -6.81
N THR H 5 -16.43 27.99 -6.39
CA THR H 5 -17.61 28.43 -5.65
C THR H 5 -17.75 27.66 -4.34
N GLN H 6 -17.63 28.37 -3.22
CA GLN H 6 -17.70 27.75 -1.91
C GLN H 6 -19.12 27.82 -1.34
N SER H 7 -19.43 26.89 -0.44
CA SER H 7 -20.73 26.86 0.21
C SER H 7 -20.67 26.08 1.52
N PRO H 8 -21.42 26.55 2.55
CA PRO H 8 -22.33 27.69 2.52
C PRO H 8 -21.60 29.04 2.51
N GLY H 9 -22.35 30.11 2.23
CA GLY H 9 -21.79 31.45 2.27
C GLY H 9 -21.37 31.81 3.69
N THR H 10 -22.20 31.42 4.65
CA THR H 10 -21.88 31.59 6.06
C THR H 10 -22.36 30.36 6.84
N LEU H 11 -21.81 30.16 8.03
CA LEU H 11 -22.13 28.98 8.83
C LEU H 11 -21.82 29.20 10.31
N SER H 12 -22.82 28.97 11.16
CA SER H 12 -22.67 29.20 12.58
C SER H 12 -22.94 27.95 13.41
N LEU H 13 -21.90 27.43 14.06
CA LEU H 13 -22.00 26.23 14.87
C LEU H 13 -21.31 26.41 16.21
N SER H 14 -21.93 25.90 17.27
CA SER H 14 -21.35 25.94 18.61
C SER H 14 -20.11 25.04 18.69
N PRO H 15 -19.22 25.31 19.66
CA PRO H 15 -17.98 24.53 19.79
C PRO H 15 -18.20 23.03 19.96
N GLY H 16 -17.37 22.23 19.30
CA GLY H 16 -17.43 20.78 19.42
C GLY H 16 -18.27 20.11 18.34
N GLU H 17 -18.72 20.89 17.37
CA GLU H 17 -19.57 20.38 16.31
C GLU H 17 -18.81 20.16 15.01
N ARG H 18 -19.31 19.26 14.18
CA ARG H 18 -18.66 18.96 12.90
C ARG H 18 -19.09 19.98 11.85
N ALA H 19 -18.12 20.72 11.35
CA ALA H 19 -18.37 21.73 10.32
C ALA H 19 -17.85 21.26 8.97
N THR H 20 -18.75 21.18 7.99
CA THR H 20 -18.38 20.74 6.66
C THR H 20 -18.51 21.87 5.64
N LEU H 21 -17.43 22.12 4.91
CA LEU H 21 -17.39 23.16 3.89
C LEU H 21 -17.19 22.52 2.52
N SER H 22 -17.84 23.06 1.50
CA SER H 22 -17.72 22.50 0.15
C SER H 22 -17.19 23.52 -0.85
N CYS H 23 -16.35 23.05 -1.77
CA CYS H 23 -15.79 23.90 -2.81
C CYS H 23 -15.98 23.24 -4.18
N ARG H 24 -16.78 23.88 -5.03
CA ARG H 24 -17.08 23.33 -6.36
C ARG H 24 -16.41 24.13 -7.47
N ALA H 25 -15.64 23.42 -8.30
CA ALA H 25 -14.91 24.05 -9.39
C ALA H 25 -15.74 24.11 -10.67
N SER H 26 -15.46 25.10 -11.52
CA SER H 26 -16.16 25.26 -12.78
C SER H 26 -15.82 24.12 -13.72
N GLN H 27 -14.67 23.50 -13.50
CA GLN H 27 -14.23 22.36 -14.29
C GLN H 27 -13.37 21.42 -13.45
N SER H 28 -12.80 20.41 -14.08
CA SER H 28 -11.99 19.43 -13.37
C SER H 28 -10.62 19.99 -13.03
N VAL H 29 -10.31 20.01 -11.74
CA VAL H 29 -9.00 20.38 -11.25
C VAL H 29 -8.29 19.14 -10.71
N GLY H 30 -7.05 18.92 -11.15
CA GLY H 30 -6.25 17.81 -10.67
C GLY H 30 -6.32 17.97 -9.16
N SER H 31 -6.69 16.91 -8.44
CA SER H 31 -6.76 16.95 -6.99
C SER H 31 -5.33 16.77 -6.43
N SER H 32 -4.44 17.63 -6.89
CA SER H 32 -3.09 17.75 -6.37
C SER H 32 -2.75 19.24 -6.35
N TYR H 33 -3.75 20.05 -6.70
CA TYR H 33 -3.56 21.49 -6.80
C TYR H 33 -4.70 22.27 -6.15
N LEU H 34 -5.41 21.62 -5.24
CA LEU H 34 -6.45 22.30 -4.47
C LEU H 34 -5.93 22.54 -3.05
N ALA H 35 -6.17 23.75 -2.54
CA ALA H 35 -5.69 24.15 -1.23
C ALA H 35 -6.76 24.81 -0.39
N TRP H 36 -6.62 24.71 0.92
CA TRP H 36 -7.49 25.36 1.88
C TRP H 36 -6.70 26.30 2.78
N TYR H 37 -7.14 27.57 2.83
CA TYR H 37 -6.54 28.57 3.69
C TYR H 37 -7.50 29.03 4.78
N GLN H 38 -6.95 29.32 5.95
CA GLN H 38 -7.73 29.84 7.07
C GLN H 38 -7.32 31.28 7.36
N GLN H 39 -8.29 32.19 7.32
CA GLN H 39 -8.00 33.59 7.61
C GLN H 39 -8.73 34.05 8.86
N LYS H 40 -7.98 34.53 9.84
CA LYS H 40 -8.56 34.99 11.10
C LYS H 40 -8.77 36.50 11.07
N PRO H 41 -9.70 36.99 11.90
CA PRO H 41 -9.94 38.43 12.02
C PRO H 41 -8.66 39.22 12.32
N GLY H 42 -8.35 40.20 11.48
CA GLY H 42 -7.16 41.00 11.66
C GLY H 42 -5.88 40.20 11.48
N GLN H 43 -5.96 39.14 10.67
CA GLN H 43 -4.80 38.29 10.43
C GLN H 43 -4.64 37.95 8.96
N ALA H 44 -3.48 37.41 8.62
CA ALA H 44 -3.21 36.97 7.26
C ALA H 44 -3.71 35.54 7.05
N PRO H 45 -3.99 35.17 5.80
CA PRO H 45 -4.35 33.78 5.47
C PRO H 45 -3.33 32.77 6.00
N ARG H 46 -3.83 31.61 6.42
CA ARG H 46 -3.01 30.54 6.96
C ARG H 46 -3.28 29.26 6.15
N LEU H 47 -2.21 28.62 5.69
CA LEU H 47 -2.36 27.40 4.89
C LEU H 47 -2.81 26.22 5.75
N LEU H 48 -4.01 25.71 5.46
CA LEU H 48 -4.53 24.52 6.13
C LEU H 48 -4.19 23.26 5.36
N ILE H 49 -4.64 23.22 4.10
CA ILE H 49 -4.54 22.01 3.30
C ILE H 49 -3.89 22.27 1.93
N TYR H 50 -3.04 21.36 1.49
CA TYR H 50 -2.53 21.41 0.12
C TYR H 50 -2.69 20.04 -0.53
N GLY H 51 -2.80 20.04 -1.85
CA GLY H 51 -3.01 18.80 -2.59
C GLY H 51 -4.26 18.08 -2.14
N ALA H 52 -5.32 18.86 -1.88
CA ALA H 52 -6.65 18.35 -1.54
C ALA H 52 -6.70 17.60 -0.20
N PHE H 53 -5.76 16.70 0.05
CA PHE H 53 -5.79 15.89 1.26
C PHE H 53 -4.65 16.22 2.23
N SER H 54 -3.46 16.43 1.66
CA SER H 54 -2.26 16.60 2.47
C SER H 54 -2.36 17.79 3.42
N ARG H 55 -2.16 17.52 4.70
CA ARG H 55 -2.24 18.54 5.73
C ARG H 55 -0.93 19.32 5.86
N ALA H 56 -1.03 20.64 5.79
CA ALA H 56 0.12 21.52 5.95
C ALA H 56 0.76 21.31 7.32
N THR H 57 2.07 21.48 7.41
CA THR H 57 2.79 21.24 8.66
C THR H 57 2.36 22.21 9.75
N GLY H 58 2.24 21.70 10.97
CA GLY H 58 1.82 22.51 12.10
C GLY H 58 0.33 22.80 12.12
N ILE H 59 -0.45 21.98 11.42
CA ILE H 59 -1.90 22.16 11.37
C ILE H 59 -2.60 21.07 12.18
N PRO H 60 -3.48 21.49 13.11
CA PRO H 60 -4.25 20.58 13.97
C PRO H 60 -4.92 19.43 13.23
N ASP H 61 -5.29 18.40 13.97
CA ASP H 61 -5.75 17.13 13.43
C ASP H 61 -7.20 17.21 12.96
N ARG H 62 -7.96 18.12 13.55
CA ARG H 62 -9.39 18.21 13.29
C ARG H 62 -9.70 18.64 11.85
N PHE H 63 -8.72 19.23 11.18
CA PHE H 63 -8.87 19.63 9.79
C PHE H 63 -8.53 18.50 8.84
N SER H 64 -9.54 18.04 8.09
CA SER H 64 -9.31 17.01 7.09
C SER H 64 -9.83 17.45 5.73
N GLY H 65 -9.00 17.27 4.71
CA GLY H 65 -9.35 17.67 3.35
C GLY H 65 -9.63 16.48 2.45
N SER H 66 -10.66 16.60 1.63
CA SER H 66 -11.05 15.53 0.71
C SER H 66 -11.66 16.09 -0.59
N GLY H 67 -12.07 15.20 -1.49
CA GLY H 67 -12.72 15.61 -2.72
C GLY H 67 -12.12 15.01 -3.98
N SER H 68 -12.92 15.02 -5.06
CA SER H 68 -12.47 14.50 -6.35
C SER H 68 -12.16 15.63 -7.32
N GLY H 69 -12.35 15.40 -8.62
CA GLY H 69 -11.97 16.36 -9.64
C GLY H 69 -12.58 17.76 -9.55
N THR H 70 -13.90 17.82 -9.57
CA THR H 70 -14.61 19.10 -9.57
C THR H 70 -15.12 19.51 -8.19
N ASP H 71 -15.35 18.52 -7.33
CA ASP H 71 -15.91 18.78 -6.02
C ASP H 71 -14.91 18.47 -4.91
N PHE H 72 -14.82 19.39 -3.94
CA PHE H 72 -13.91 19.23 -2.80
C PHE H 72 -14.61 19.55 -1.48
N THR H 73 -14.03 19.06 -0.38
CA THR H 73 -14.64 19.22 0.93
C THR H 73 -13.60 19.42 2.02
N LEU H 74 -13.85 20.40 2.90
CA LEU H 74 -13.01 20.63 4.07
C LEU H 74 -13.81 20.41 5.35
N THR H 75 -13.36 19.47 6.18
CA THR H 75 -14.10 19.15 7.40
C THR H 75 -13.31 19.46 8.67
N ILE H 76 -13.96 20.23 9.54
CA ILE H 76 -13.44 20.50 10.88
C ILE H 76 -14.30 19.75 11.88
N SER H 77 -13.80 18.61 12.36
CA SER H 77 -14.60 17.70 13.18
C SER H 77 -15.02 18.27 14.53
N ARG H 78 -14.06 18.77 15.30
CA ARG H 78 -14.37 19.35 16.61
C ARG H 78 -13.95 20.80 16.69
N LEU H 79 -14.93 21.69 16.65
CA LEU H 79 -14.67 23.13 16.61
C LEU H 79 -14.14 23.69 17.93
N GLU H 80 -12.94 24.27 17.86
CA GLU H 80 -12.40 25.06 18.96
C GLU H 80 -12.69 26.53 18.68
N PRO H 81 -12.84 27.35 19.74
CA PRO H 81 -13.13 28.78 19.55
C PRO H 81 -12.12 29.51 18.65
N GLU H 82 -10.94 28.93 18.51
CA GLU H 82 -9.89 29.50 17.68
C GLU H 82 -10.09 29.18 16.18
N ASP H 83 -11.09 28.36 15.89
CA ASP H 83 -11.39 28.00 14.50
C ASP H 83 -12.36 29.00 13.87
N PHE H 84 -12.88 29.91 14.68
CA PHE H 84 -13.66 31.04 14.18
C PHE H 84 -12.86 31.77 13.11
N ALA H 85 -13.25 31.62 11.85
CA ALA H 85 -12.44 32.17 10.76
C ALA H 85 -13.12 32.10 9.40
N VAL H 86 -12.59 32.85 8.44
CA VAL H 86 -13.03 32.74 7.05
C VAL H 86 -12.13 31.77 6.29
N TYR H 87 -12.72 30.70 5.77
CA TYR H 87 -11.93 29.69 5.07
C TYR H 87 -12.09 29.81 3.56
N TYR H 88 -10.96 29.87 2.86
CA TYR H 88 -10.97 29.98 1.40
C TYR H 88 -10.42 28.72 0.74
N CYS H 89 -10.97 28.39 -0.41
CA CYS H 89 -10.39 27.33 -1.24
C CYS H 89 -9.70 27.97 -2.43
N GLN H 90 -8.63 27.34 -2.92
CA GLN H 90 -7.86 27.92 -4.00
C GLN H 90 -7.28 26.83 -4.90
N GLN H 91 -7.17 27.12 -6.19
CA GLN H 91 -6.42 26.25 -7.08
C GLN H 91 -5.11 26.94 -7.42
N TYR H 92 -4.01 26.18 -7.39
CA TYR H 92 -2.70 26.73 -7.66
C TYR H 92 -2.01 25.99 -8.79
N GLY H 93 -2.80 25.27 -9.58
CA GLY H 93 -2.26 24.46 -10.67
C GLY H 93 -1.86 25.27 -11.88
N SER H 94 -2.62 26.31 -12.17
CA SER H 94 -2.39 27.10 -13.38
C SER H 94 -2.80 28.55 -13.23
N SER H 95 -2.17 29.42 -14.01
CA SER H 95 -2.55 30.83 -14.06
C SER H 95 -3.86 30.99 -14.84
N PRO H 96 -4.77 31.83 -14.33
CA PRO H 96 -4.61 32.63 -13.12
C PRO H 96 -4.98 31.88 -11.85
N TRP H 97 -4.19 32.04 -10.80
CA TRP H 97 -4.51 31.50 -9.50
C TRP H 97 -5.85 32.05 -9.03
N THR H 98 -6.78 31.17 -8.70
CA THR H 98 -8.12 31.62 -8.35
C THR H 98 -8.55 31.15 -6.96
N PHE H 99 -9.26 32.03 -6.25
CA PHE H 99 -9.79 31.72 -4.94
C PHE H 99 -11.31 31.68 -4.98
N GLY H 100 -11.90 30.90 -4.08
CA GLY H 100 -13.35 30.90 -3.93
C GLY H 100 -13.75 32.18 -3.23
N GLN H 101 -15.06 32.41 -3.09
CA GLN H 101 -15.53 33.62 -2.45
C GLN H 101 -15.33 33.53 -0.92
N GLY H 102 -15.13 32.32 -0.43
CA GLY H 102 -14.84 32.11 0.99
C GLY H 102 -16.06 31.69 1.80
N THR H 103 -15.81 31.12 2.98
CA THR H 103 -16.88 30.71 3.86
C THR H 103 -16.60 31.14 5.29
N LYS H 104 -17.47 31.98 5.85
CA LYS H 104 -17.23 32.48 7.19
C LYS H 104 -17.80 31.54 8.25
N VAL H 105 -16.92 30.79 8.92
CA VAL H 105 -17.32 29.96 10.04
C VAL H 105 -17.27 30.78 11.33
N GLU H 106 -18.46 31.13 11.80
CA GLU H 106 -18.65 31.86 13.04
C GLU H 106 -19.19 30.95 14.13
N ILE H 107 -18.45 30.85 15.22
CA ILE H 107 -18.78 29.89 16.26
C ILE H 107 -19.74 30.53 17.29
N LYS H 108 -20.59 29.71 17.89
CA LYS H 108 -21.65 30.11 18.83
C LYS H 108 -22.75 30.90 18.11
N LYS I 2 -7.78 21.27 -19.29
CA LYS I 2 -6.67 20.34 -19.47
C LYS I 2 -5.78 20.31 -18.23
N ALA I 3 -4.74 19.49 -18.27
CA ALA I 3 -3.83 19.34 -17.15
C ALA I 3 -2.46 18.86 -17.62
N MET I 4 -1.44 19.04 -16.77
CA MET I 4 -0.09 18.65 -17.12
C MET I 4 0.37 17.42 -16.35
N HIS I 5 1.00 16.49 -17.04
CA HIS I 5 1.48 15.26 -16.43
C HIS I 5 3.00 15.16 -16.49
N VAL I 6 3.60 14.69 -15.41
CA VAL I 6 5.05 14.52 -15.34
C VAL I 6 5.43 13.11 -14.88
N ALA I 7 6.10 12.36 -15.76
CA ALA I 7 6.50 11.00 -15.48
C ALA I 7 8.01 10.87 -15.33
N GLN I 8 8.42 10.06 -14.34
CA GLN I 8 9.83 9.76 -14.11
C GLN I 8 9.94 8.33 -13.58
N PRO I 9 11.06 7.66 -13.85
CA PRO I 9 11.22 6.26 -13.44
C PRO I 9 11.07 6.09 -11.93
N ALA I 10 10.60 4.93 -11.50
CA ALA I 10 10.35 4.68 -10.09
C ALA I 10 11.65 4.57 -9.29
N VAL I 11 12.56 3.71 -9.75
CA VAL I 11 13.80 3.48 -9.04
C VAL I 11 15.01 3.66 -9.95
N VAL I 12 16.04 4.33 -9.43
CA VAL I 12 17.26 4.55 -10.19
C VAL I 12 18.50 4.31 -9.33
N LEU I 13 19.46 3.55 -9.87
CA LEU I 13 20.71 3.29 -9.18
C LEU I 13 21.81 4.24 -9.64
N ALA I 14 22.57 4.76 -8.68
CA ALA I 14 23.67 5.69 -8.99
C ALA I 14 24.94 4.90 -9.27
N SER I 15 25.77 5.42 -10.16
CA SER I 15 27.01 4.73 -10.54
C SER I 15 27.97 4.66 -9.35
N SER I 16 29.05 3.90 -9.53
CA SER I 16 30.05 3.73 -8.48
C SER I 16 30.68 5.06 -8.09
N ARG I 17 30.89 5.92 -9.08
CA ARG I 17 31.43 7.26 -8.83
C ARG I 17 30.46 8.07 -7.99
N GLY I 18 29.17 7.90 -8.25
CA GLY I 18 28.14 8.66 -7.58
C GLY I 18 27.32 9.45 -8.58
N ILE I 19 27.10 8.87 -9.75
CA ILE I 19 26.33 9.52 -10.81
C ILE I 19 25.02 8.80 -11.07
N ALA I 20 23.92 9.53 -10.98
CA ALA I 20 22.59 8.97 -11.23
C ALA I 20 21.91 9.71 -12.37
N SER I 21 21.69 9.01 -13.48
CA SER I 21 21.04 9.61 -14.64
C SER I 21 19.66 9.01 -14.87
N PHE I 22 18.65 9.86 -14.99
CA PHE I 22 17.29 9.38 -15.27
C PHE I 22 16.57 10.33 -16.23
N VAL I 23 15.42 9.89 -16.73
CA VAL I 23 14.67 10.67 -17.69
C VAL I 23 13.41 11.27 -17.10
N CYS I 24 13.30 12.58 -17.17
CA CYS I 24 12.09 13.26 -16.73
C CYS I 24 11.29 13.67 -17.97
N GLU I 25 10.07 13.16 -18.08
CA GLU I 25 9.23 13.45 -19.23
C GLU I 25 8.00 14.22 -18.79
N TYR I 26 7.55 15.17 -19.59
CA TYR I 26 6.35 15.92 -19.26
C TYR I 26 5.43 16.08 -20.46
N ALA I 27 4.13 16.07 -20.21
CA ALA I 27 3.16 16.40 -21.23
C ALA I 27 3.16 17.91 -21.45
N SER I 28 3.06 18.33 -22.71
CA SER I 28 2.93 19.74 -23.04
C SER I 28 1.51 20.02 -23.53
N PRO I 29 0.62 20.48 -22.62
CA PRO I 29 -0.79 20.78 -22.93
C PRO I 29 -0.94 21.75 -24.09
N GLY I 30 0.15 22.39 -24.48
CA GLY I 30 0.17 23.25 -25.65
C GLY I 30 1.59 23.56 -26.05
N LYS I 31 1.75 24.51 -26.96
CA LYS I 31 3.08 25.01 -27.30
C LYS I 31 3.73 25.59 -26.04
N ALA I 32 4.86 25.02 -25.65
CA ALA I 32 5.55 25.45 -24.43
C ALA I 32 6.89 26.07 -24.76
N THR I 33 6.93 27.39 -24.92
CA THR I 33 8.13 28.07 -25.37
C THR I 33 9.18 28.17 -24.26
N GLU I 34 8.75 28.03 -23.01
CA GLU I 34 9.66 28.17 -21.87
C GLU I 34 9.24 27.27 -20.70
N VAL I 35 10.16 26.41 -20.28
CA VAL I 35 9.87 25.41 -19.25
C VAL I 35 11.02 25.30 -18.25
N ARG I 36 10.85 25.89 -17.08
CA ARG I 36 11.86 25.73 -16.05
C ARG I 36 11.66 24.40 -15.33
N VAL I 37 12.73 23.63 -15.22
CA VAL I 37 12.67 22.33 -14.57
C VAL I 37 13.49 22.37 -13.29
N THR I 38 13.00 21.72 -12.24
CA THR I 38 13.66 21.72 -10.94
C THR I 38 13.66 20.32 -10.33
N VAL I 39 14.72 19.98 -9.61
CA VAL I 39 14.82 18.69 -8.93
C VAL I 39 14.83 18.89 -7.42
N LEU I 40 13.96 18.17 -6.72
CA LEU I 40 13.82 18.31 -5.28
C LEU I 40 14.19 17.01 -4.55
N ARG I 41 14.81 17.13 -3.38
CA ARG I 41 15.07 15.96 -2.53
C ARG I 41 14.03 15.95 -1.41
N GLN I 42 13.26 14.87 -1.34
CA GLN I 42 12.23 14.78 -0.32
C GLN I 42 12.36 13.56 0.56
N ALA I 43 13.07 13.71 1.67
CA ALA I 43 12.92 12.81 2.80
C ALA I 43 11.74 13.38 3.58
N ASP I 44 11.06 12.56 4.38
CA ASP I 44 9.87 13.05 5.04
C ASP I 44 10.16 13.75 6.36
N SER I 45 9.77 15.02 6.41
CA SER I 45 9.09 15.67 5.29
C SER I 45 9.84 16.90 4.80
N GLN I 46 11.15 16.76 4.69
CA GLN I 46 12.01 17.82 4.18
C GLN I 46 11.91 17.92 2.66
N VAL I 47 12.01 19.12 2.13
CA VAL I 47 12.12 19.29 0.70
C VAL I 47 13.35 20.14 0.43
N THR I 48 14.24 19.64 -0.42
CA THR I 48 15.49 20.32 -0.71
C THR I 48 15.73 20.48 -2.21
N GLU I 49 16.00 21.70 -2.64
CA GLU I 49 16.35 22.00 -4.03
C GLU I 49 17.71 21.37 -4.34
N VAL I 50 17.82 20.78 -5.53
CA VAL I 50 19.06 20.16 -5.96
C VAL I 50 19.56 20.86 -7.20
N CYS I 51 19.02 20.45 -8.35
CA CYS I 51 19.36 21.05 -9.63
C CYS I 51 18.22 21.97 -10.06
N ALA I 52 18.54 22.99 -10.85
CA ALA I 52 17.52 23.90 -11.36
C ALA I 52 18.01 24.65 -12.59
N ALA I 53 17.20 24.66 -13.64
CA ALA I 53 17.55 25.36 -14.87
C ALA I 53 16.33 25.81 -15.64
N THR I 54 16.54 26.75 -16.54
CA THR I 54 15.50 27.25 -17.42
C THR I 54 15.96 27.05 -18.84
N TYR I 55 15.05 26.62 -19.71
CA TYR I 55 15.39 26.51 -21.11
C TYR I 55 14.16 26.64 -21.97
N MET I 56 14.40 27.07 -23.19
CA MET I 56 13.31 27.29 -24.12
C MET I 56 13.24 26.13 -25.08
N MET I 57 12.07 25.50 -25.14
CA MET I 57 11.89 24.26 -25.87
C MET I 57 12.36 24.38 -27.31
N GLY I 58 12.92 23.28 -27.80
CA GLY I 58 13.55 23.28 -29.11
C GLY I 58 15.03 23.61 -28.96
N ASN I 59 15.31 24.80 -28.46
CA ASN I 59 16.69 25.21 -28.20
C ASN I 59 17.25 24.46 -26.99
N GLU I 60 18.56 24.56 -26.82
CA GLU I 60 19.29 23.69 -25.91
C GLU I 60 19.13 24.06 -24.45
N LEU I 61 19.05 23.03 -23.60
CA LEU I 61 19.01 23.19 -22.15
C LEU I 61 20.41 23.21 -21.56
N THR I 62 20.65 24.11 -20.62
CA THR I 62 21.96 24.23 -19.99
C THR I 62 21.88 24.94 -18.64
N PHE I 63 22.43 24.30 -17.61
CA PHE I 63 22.49 24.86 -16.27
C PHE I 63 23.52 25.98 -16.20
N ILE I 68 25.86 20.48 -9.42
CA ILE I 68 25.94 19.06 -9.10
C ILE I 68 25.38 18.24 -10.25
N CYS I 69 24.51 18.88 -11.03
CA CYS I 69 23.79 18.18 -12.08
C CYS I 69 23.98 18.80 -13.49
N THR I 70 23.74 17.98 -14.50
CA THR I 70 23.79 18.39 -15.91
C THR I 70 22.64 17.76 -16.68
N GLY I 71 22.14 18.42 -17.72
CA GLY I 71 21.00 17.90 -18.45
C GLY I 71 21.02 18.10 -19.95
N THR I 72 20.30 17.23 -20.65
CA THR I 72 20.14 17.36 -22.10
C THR I 72 18.65 17.38 -22.46
N SER I 73 18.32 17.99 -23.58
CA SER I 73 16.92 18.12 -23.97
C SER I 73 16.59 17.45 -25.30
N SER I 74 15.42 16.82 -25.33
CA SER I 74 14.87 16.22 -26.54
C SER I 74 13.36 16.32 -26.52
N GLY I 75 12.83 17.39 -27.11
CA GLY I 75 11.40 17.63 -27.13
C GLY I 75 10.83 17.74 -25.72
N ASN I 76 9.86 16.90 -25.42
CA ASN I 76 9.22 16.91 -24.10
C ASN I 76 10.04 16.17 -23.05
N GLN I 77 11.12 15.53 -23.48
CA GLN I 77 11.94 14.76 -22.56
C GLN I 77 13.21 15.50 -22.16
N VAL I 78 13.54 15.44 -20.88
CA VAL I 78 14.81 15.96 -20.41
C VAL I 78 15.59 14.86 -19.69
N ASN I 79 16.80 14.61 -20.18
CA ASN I 79 17.69 13.63 -19.56
C ASN I 79 18.55 14.29 -18.50
N LEU I 80 18.28 13.94 -17.24
CA LEU I 80 19.00 14.53 -16.11
C LEU I 80 20.12 13.60 -15.62
N THR I 81 21.21 14.23 -15.18
CA THR I 81 22.36 13.51 -14.65
C THR I 81 22.85 14.20 -13.37
N ILE I 82 23.00 13.43 -12.29
CA ILE I 82 23.34 13.99 -11.00
C ILE I 82 24.63 13.38 -10.44
N GLN I 83 25.67 14.20 -10.29
CA GLN I 83 26.97 13.75 -9.82
C GLN I 83 27.12 13.92 -8.30
N GLY I 84 28.33 13.69 -7.82
CA GLY I 84 28.70 13.92 -6.42
C GLY I 84 27.76 13.34 -5.38
N LEU I 85 27.26 12.13 -5.61
CA LEU I 85 26.31 11.53 -4.70
C LEU I 85 26.98 10.66 -3.64
N ARG I 86 26.44 10.70 -2.43
CA ARG I 86 26.91 9.88 -1.33
C ARG I 86 25.84 8.90 -0.90
N ALA I 87 26.20 7.98 -0.02
CA ALA I 87 25.26 7.00 0.51
C ALA I 87 24.17 7.69 1.31
N MET I 88 24.50 8.83 1.92
CA MET I 88 23.55 9.59 2.72
C MET I 88 22.57 10.36 1.83
N ASP I 89 22.92 10.51 0.57
CA ASP I 89 22.10 11.26 -0.38
C ASP I 89 20.98 10.39 -0.95
N THR I 90 21.02 9.10 -0.65
CA THR I 90 19.98 8.16 -1.10
C THR I 90 18.61 8.61 -0.62
N GLY I 91 17.67 8.78 -1.56
CA GLY I 91 16.35 9.26 -1.20
C GLY I 91 15.42 9.51 -2.36
N LEU I 92 14.32 10.19 -2.10
CA LEU I 92 13.29 10.41 -3.12
C LEU I 92 13.55 11.71 -3.87
N TYR I 93 13.62 11.63 -5.18
CA TYR I 93 13.95 12.79 -6.01
C TYR I 93 12.81 13.17 -6.95
N ILE I 94 12.18 14.30 -6.69
CA ILE I 94 11.06 14.76 -7.50
C ILE I 94 11.49 15.69 -8.62
N CYS I 95 11.13 15.36 -9.85
CA CYS I 95 11.42 16.22 -10.98
C CYS I 95 10.19 17.03 -11.36
N LYS I 96 10.15 18.29 -10.97
CA LYS I 96 9.01 19.15 -11.27
C LYS I 96 9.28 20.05 -12.46
N VAL I 97 8.23 20.32 -13.23
CA VAL I 97 8.34 21.13 -14.43
C VAL I 97 7.30 22.25 -14.44
N GLU I 98 7.77 23.49 -14.46
CA GLU I 98 6.87 24.63 -14.55
C GLU I 98 6.97 25.25 -15.93
N LEU I 99 5.87 25.21 -16.69
CA LEU I 99 5.87 25.84 -17.99
C LEU I 99 5.37 27.26 -17.83
N MET I 100 6.24 28.20 -18.18
CA MET I 100 5.98 29.63 -18.03
C MET I 100 5.35 30.15 -19.32
N TYR I 101 6.19 30.52 -20.27
CA TYR I 101 5.76 31.13 -21.53
C TYR I 101 5.55 30.08 -22.63
N PRO I 102 4.49 30.25 -23.43
CA PRO I 102 3.47 31.29 -23.38
C PRO I 102 2.32 30.94 -22.43
N PRO I 103 1.47 31.92 -22.10
CA PRO I 103 0.30 31.69 -21.23
C PRO I 103 -0.57 30.53 -21.70
N PRO I 104 -1.24 29.84 -20.78
CA PRO I 104 -1.15 30.10 -19.34
C PRO I 104 0.00 29.35 -18.67
N TYR I 105 0.29 29.69 -17.42
CA TYR I 105 1.32 29.00 -16.65
C TYR I 105 0.83 27.63 -16.19
N TYR I 106 1.70 26.63 -16.26
CA TYR I 106 1.35 25.28 -15.80
C TYR I 106 2.37 24.73 -14.82
N LEU I 107 1.88 24.04 -13.79
CA LEU I 107 2.76 23.43 -12.79
C LEU I 107 2.60 21.93 -12.74
N GLY I 108 3.69 21.21 -12.97
CA GLY I 108 3.68 19.76 -12.90
C GLY I 108 4.63 19.23 -11.85
N ILE I 109 4.12 18.36 -10.97
CA ILE I 109 4.96 17.72 -9.96
C ILE I 109 5.15 16.25 -10.26
N GLY I 110 6.41 15.85 -10.45
CA GLY I 110 6.73 14.46 -10.71
C GLY I 110 6.32 13.56 -9.57
N ASN I 111 6.11 12.28 -9.88
CA ASN I 111 5.66 11.33 -8.88
C ASN I 111 6.78 10.98 -7.90
N GLY I 112 8.02 11.09 -8.37
CA GLY I 112 9.17 10.82 -7.53
C GLY I 112 10.01 9.68 -8.05
N THR I 113 11.32 9.79 -7.85
CA THR I 113 12.25 8.74 -8.27
C THR I 113 13.14 8.34 -7.10
N GLN I 114 12.99 7.11 -6.66
CA GLN I 114 13.78 6.60 -5.55
C GLN I 114 15.20 6.34 -6.02
N ILE I 115 16.13 7.19 -5.61
CA ILE I 115 17.52 7.04 -5.99
C ILE I 115 18.35 6.42 -4.86
N TYR I 116 18.98 5.29 -5.18
CA TYR I 116 19.84 4.60 -4.23
C TYR I 116 21.31 4.78 -4.59
N VAL I 117 22.10 5.20 -3.60
CA VAL I 117 23.52 5.47 -3.81
C VAL I 117 24.40 4.72 -2.82
N ILE I 118 25.49 4.13 -3.31
CA ILE I 118 26.50 3.48 -2.47
C ILE I 118 27.88 3.95 -2.85
N ASP I 119 28.82 3.73 -1.94
CA ASP I 119 30.18 4.21 -2.08
C ASP I 119 31.19 3.06 -2.03
N PRO I 120 32.34 3.24 -2.70
CA PRO I 120 33.39 2.22 -2.72
C PRO I 120 34.05 2.01 -1.36
N GLN J 1 -8.76 21.23 26.23
CA GLN J 1 -9.47 21.68 27.43
C GLN J 1 -9.27 20.71 28.59
N VAL J 2 -8.65 19.56 28.29
CA VAL J 2 -8.40 18.55 29.31
C VAL J 2 -7.33 19.02 30.29
N GLN J 3 -7.63 18.91 31.59
CA GLN J 3 -6.73 19.38 32.63
C GLN J 3 -6.51 18.37 33.75
N LEU J 4 -5.25 18.16 34.09
CA LEU J 4 -4.87 17.26 35.19
C LEU J 4 -3.96 17.98 36.18
N VAL J 5 -4.51 18.35 37.33
CA VAL J 5 -3.75 19.11 38.31
C VAL J 5 -3.50 18.32 39.59
N GLU J 6 -2.24 18.12 39.94
CA GLU J 6 -1.90 17.33 41.13
C GLU J 6 -1.57 18.23 42.31
N SER J 7 -1.62 17.66 43.52
CA SER J 7 -1.36 18.39 44.76
C SER J 7 -1.09 17.42 45.90
N GLY J 8 -0.67 17.95 47.05
CA GLY J 8 -0.36 17.13 48.20
C GLY J 8 1.13 16.97 48.40
N GLY J 9 1.92 17.41 47.42
CA GLY J 9 3.37 17.29 47.47
C GLY J 9 4.02 18.31 48.39
N GLY J 10 5.25 18.03 48.80
CA GLY J 10 6.00 18.93 49.65
C GLY J 10 7.20 18.28 50.32
N VAL J 11 7.56 18.77 51.50
CA VAL J 11 8.71 18.26 52.24
C VAL J 11 8.29 17.32 53.38
N VAL J 12 8.50 16.02 53.17
CA VAL J 12 8.21 15.02 54.19
C VAL J 12 9.53 14.32 54.54
N GLN J 13 9.51 13.49 55.58
CA GLN J 13 10.74 12.89 56.11
C GLN J 13 10.62 11.37 56.14
N PRO J 14 11.78 10.67 56.17
CA PRO J 14 11.74 9.21 56.26
C PRO J 14 10.93 8.75 57.47
N GLY J 15 9.90 7.93 57.23
CA GLY J 15 9.07 7.43 58.31
C GLY J 15 7.59 7.73 58.12
N ARG J 16 7.29 8.88 57.55
CA ARG J 16 5.91 9.35 57.51
C ARG J 16 5.14 8.85 56.30
N SER J 17 3.97 9.44 56.10
CA SER J 17 3.11 9.11 54.98
C SER J 17 2.63 10.39 54.30
N LEU J 18 2.05 10.23 53.12
CA LEU J 18 1.53 11.37 52.36
C LEU J 18 0.35 10.94 51.50
N ARG J 19 -0.42 11.92 51.04
CA ARG J 19 -1.51 11.64 50.12
C ARG J 19 -1.54 12.65 48.98
N LEU J 20 -1.34 12.17 47.76
CA LEU J 20 -1.35 13.05 46.59
C LEU J 20 -2.68 12.94 45.86
N SER J 21 -3.19 14.06 45.37
CA SER J 21 -4.48 14.08 44.70
C SER J 21 -4.42 14.74 43.34
N CYS J 22 -5.04 14.11 42.35
CA CYS J 22 -5.04 14.66 41.00
C CYS J 22 -6.47 14.97 40.52
N ALA J 23 -6.79 16.26 40.45
CA ALA J 23 -8.07 16.72 39.96
C ALA J 23 -8.09 16.75 38.43
N ALA J 24 -9.09 16.09 37.86
CA ALA J 24 -9.21 15.96 36.42
C ALA J 24 -10.45 16.68 35.90
N SER J 25 -10.32 17.31 34.74
CA SER J 25 -11.44 17.99 34.11
C SER J 25 -11.28 18.02 32.59
N GLY J 26 -12.34 18.43 31.90
CA GLY J 26 -12.32 18.54 30.45
C GLY J 26 -12.61 17.25 29.72
N PHE J 27 -12.85 16.18 30.48
CA PHE J 27 -13.13 14.88 29.90
C PHE J 27 -13.88 14.00 30.91
N THR J 28 -14.65 13.03 30.40
CA THR J 28 -15.32 12.08 31.27
C THR J 28 -14.26 11.18 31.94
N PHE J 29 -14.33 11.06 33.25
CA PHE J 29 -13.23 10.48 34.01
C PHE J 29 -13.28 8.96 34.13
N SER J 30 -14.47 8.40 34.14
CA SER J 30 -14.63 6.96 34.34
C SER J 30 -14.37 6.13 33.08
N SER J 31 -13.95 6.80 32.01
CA SER J 31 -13.74 6.13 30.73
C SER J 31 -12.27 5.93 30.41
N TYR J 32 -11.40 6.21 31.37
CA TYR J 32 -9.96 6.07 31.17
C TYR J 32 -9.29 5.42 32.36
N THR J 33 -8.12 4.84 32.13
CA THR J 33 -7.29 4.35 33.21
C THR J 33 -6.26 5.43 33.56
N MET J 34 -5.71 5.35 34.77
CA MET J 34 -4.79 6.40 35.20
C MET J 34 -3.46 5.86 35.69
N HIS J 35 -2.44 6.72 35.65
CA HIS J 35 -1.09 6.33 36.01
C HIS J 35 -0.41 7.35 36.90
N TRP J 36 0.38 6.85 37.85
CA TRP J 36 1.31 7.70 38.57
C TRP J 36 2.72 7.37 38.10
N VAL J 37 3.40 8.38 37.56
CA VAL J 37 4.78 8.23 37.11
C VAL J 37 5.64 9.27 37.80
N ARG J 38 6.78 8.84 38.33
CA ARG J 38 7.66 9.77 39.03
C ARG J 38 8.98 9.97 38.32
N GLN J 39 9.68 11.05 38.66
CA GLN J 39 10.97 11.34 38.07
C GLN J 39 11.90 11.93 39.13
N ALA J 40 12.91 11.14 39.51
CA ALA J 40 13.89 11.57 40.48
C ALA J 40 14.74 12.71 39.92
N PRO J 41 15.14 13.67 40.77
CA PRO J 41 15.95 14.82 40.37
C PRO J 41 17.19 14.43 39.56
N GLY J 42 17.27 14.92 38.33
CA GLY J 42 18.39 14.65 37.46
C GLY J 42 18.38 13.26 36.85
N LYS J 43 17.26 12.56 37.01
CA LYS J 43 17.13 11.19 36.50
C LYS J 43 15.94 11.04 35.56
N GLY J 44 15.77 9.83 35.02
CA GLY J 44 14.74 9.57 34.04
C GLY J 44 13.39 9.16 34.61
N LEU J 45 12.41 9.03 33.72
CA LEU J 45 11.05 8.66 34.10
C LEU J 45 10.96 7.23 34.61
N GLU J 46 10.18 7.03 35.66
CA GLU J 46 9.93 5.71 36.23
C GLU J 46 8.46 5.54 36.57
N TRP J 47 7.80 4.59 35.90
CA TRP J 47 6.40 4.31 36.18
C TRP J 47 6.21 3.80 37.60
N VAL J 48 5.19 4.31 38.29
CA VAL J 48 4.95 3.91 39.67
C VAL J 48 3.68 3.07 39.82
N THR J 49 2.51 3.66 39.56
CA THR J 49 1.27 2.91 39.74
C THR J 49 0.28 3.05 38.58
N PHE J 50 -0.71 2.18 38.57
CA PHE J 50 -1.75 2.15 37.53
C PHE J 50 -3.09 1.73 38.12
N ILE J 51 -4.16 2.44 37.76
CA ILE J 51 -5.48 2.06 38.21
C ILE J 51 -6.46 2.01 37.03
N SER J 52 -7.36 1.03 37.08
CA SER J 52 -8.30 0.79 36.00
C SER J 52 -9.47 1.76 36.04
N TYR J 53 -10.44 1.54 35.16
CA TYR J 53 -11.60 2.41 35.03
C TYR J 53 -12.42 2.45 36.31
N ASP J 54 -12.97 1.31 36.69
CA ASP J 54 -13.78 1.17 37.89
C ASP J 54 -12.93 1.32 39.15
N GLY J 55 -11.66 0.99 39.04
CA GLY J 55 -10.75 1.07 40.18
C GLY J 55 -10.58 -0.28 40.85
N ASN J 56 -11.10 -1.32 40.20
CA ASN J 56 -11.03 -2.67 40.73
C ASN J 56 -9.62 -3.24 40.68
N ASN J 57 -8.93 -3.00 39.58
CA ASN J 57 -7.57 -3.50 39.42
C ASN J 57 -6.51 -2.40 39.58
N LYS J 58 -5.58 -2.64 40.49
CA LYS J 58 -4.47 -1.72 40.73
C LYS J 58 -3.13 -2.43 40.54
N TYR J 59 -2.24 -1.84 39.76
CA TYR J 59 -0.93 -2.44 39.53
C TYR J 59 0.21 -1.51 39.96
N TYR J 60 1.13 -2.07 40.74
CA TYR J 60 2.26 -1.32 41.26
C TYR J 60 3.58 -1.89 40.76
N ALA J 61 4.52 -1.01 40.46
CA ALA J 61 5.87 -1.45 40.15
C ALA J 61 6.54 -1.95 41.42
N ASP J 62 7.71 -2.56 41.28
CA ASP J 62 8.46 -2.93 42.48
C ASP J 62 9.03 -1.67 43.11
N SER J 63 9.69 -1.84 44.26
CA SER J 63 10.16 -0.74 45.11
C SER J 63 8.98 0.02 45.76
N VAL J 64 7.78 -0.26 45.29
CA VAL J 64 6.56 0.30 45.89
C VAL J 64 5.46 -0.77 45.96
N LYS J 65 5.19 -1.25 47.17
CA LYS J 65 4.12 -2.22 47.38
C LYS J 65 3.79 -2.29 48.86
N GLY J 66 2.52 -2.12 49.19
CA GLY J 66 2.10 -2.00 50.57
C GLY J 66 2.40 -0.61 51.07
N ARG J 67 3.59 -0.12 50.73
CA ARG J 67 3.97 1.26 51.02
C ARG J 67 3.06 2.22 50.25
N PHE J 68 2.91 1.97 48.96
CA PHE J 68 2.07 2.82 48.13
C PHE J 68 0.76 2.12 47.80
N THR J 69 -0.34 2.87 47.86
CA THR J 69 -1.64 2.38 47.45
C THR J 69 -2.37 3.44 46.65
N ILE J 70 -2.94 3.06 45.52
CA ILE J 70 -3.59 4.02 44.64
C ILE J 70 -5.12 3.94 44.80
N SER J 71 -5.77 5.09 44.80
CA SER J 71 -7.21 5.17 44.94
C SER J 71 -7.82 5.98 43.80
N ARG J 72 -9.12 5.79 43.57
CA ARG J 72 -9.80 6.53 42.50
C ARG J 72 -11.21 6.94 42.89
N ASP J 73 -11.48 8.23 42.78
CA ASP J 73 -12.80 8.78 43.06
C ASP J 73 -13.44 9.26 41.76
N ASN J 74 -14.35 8.45 41.23
CA ASN J 74 -15.05 8.81 40.00
C ASN J 74 -16.12 9.87 40.24
N SER J 75 -16.63 9.91 41.46
CA SER J 75 -17.66 10.87 41.82
C SER J 75 -17.13 12.29 41.84
N LYS J 76 -15.90 12.47 42.32
CA LYS J 76 -15.30 13.81 42.42
C LYS J 76 -14.20 14.00 41.39
N ASN J 77 -14.06 13.05 40.48
CA ASN J 77 -13.06 13.11 39.39
C ASN J 77 -11.65 13.34 39.90
N THR J 78 -11.26 12.58 40.92
CA THR J 78 -9.93 12.75 41.50
C THR J 78 -9.17 11.44 41.65
N LEU J 79 -7.86 11.52 41.47
CA LEU J 79 -6.98 10.37 41.65
C LEU J 79 -6.23 10.49 42.98
N TYR J 80 -5.88 9.36 43.57
CA TYR J 80 -5.16 9.39 44.84
C TYR J 80 -3.94 8.49 44.86
N LEU J 81 -2.84 9.03 45.38
CA LEU J 81 -1.63 8.23 45.65
C LEU J 81 -1.26 8.31 47.13
N GLN J 82 -1.57 7.24 47.85
CA GLN J 82 -1.26 7.15 49.28
C GLN J 82 0.12 6.55 49.45
N MET J 83 1.05 7.37 49.91
CA MET J 83 2.44 6.97 50.02
C MET J 83 2.82 6.75 51.47
N ASN J 84 2.77 5.50 51.92
CA ASN J 84 3.29 5.15 53.23
C ASN J 84 4.75 4.72 53.11
N SER J 85 5.43 4.66 54.25
CA SER J 85 6.81 4.16 54.36
C SER J 85 7.75 4.88 53.39
N LEU J 86 7.68 6.22 53.38
CA LEU J 86 8.48 7.02 52.46
C LEU J 86 9.97 6.88 52.73
N ARG J 87 10.75 6.80 51.66
CA ARG J 87 12.21 6.67 51.75
C ARG J 87 12.93 7.76 50.96
N ALA J 88 14.25 7.74 51.02
CA ALA J 88 15.07 8.73 50.31
C ALA J 88 15.07 8.50 48.81
N GLU J 89 14.66 7.31 48.38
CA GLU J 89 14.56 7.00 46.96
C GLU J 89 13.25 7.49 46.38
N ASP J 90 12.33 7.89 47.25
CA ASP J 90 11.00 8.30 46.83
C ASP J 90 10.98 9.75 46.39
N THR J 91 12.00 10.52 46.77
CA THR J 91 12.02 11.95 46.45
C THR J 91 12.09 12.16 44.93
N ALA J 92 11.04 12.76 44.39
CA ALA J 92 10.92 12.92 42.95
C ALA J 92 9.76 13.85 42.60
N ILE J 93 9.62 14.13 41.31
CA ILE J 93 8.47 14.86 40.82
C ILE J 93 7.43 13.85 40.34
N TYR J 94 6.23 13.93 40.90
CA TYR J 94 5.17 12.98 40.62
C TYR J 94 4.11 13.55 39.68
N TYR J 95 4.01 12.95 38.50
CA TYR J 95 2.98 13.29 37.53
C TYR J 95 1.90 12.23 37.49
N CYS J 96 0.64 12.65 37.43
CA CYS J 96 -0.42 11.72 37.08
C CYS J 96 -0.67 11.88 35.58
N ALA J 97 -0.70 10.76 34.86
CA ALA J 97 -0.91 10.78 33.42
C ALA J 97 -2.06 9.86 33.07
N ARG J 98 -2.91 10.28 32.15
CA ARG J 98 -4.01 9.41 31.73
C ARG J 98 -3.61 8.61 30.49
N THR J 99 -4.09 7.37 30.40
CA THR J 99 -3.85 6.56 29.21
C THR J 99 -4.66 7.04 28.02
N GLY J 100 -4.00 7.14 26.87
CA GLY J 100 -4.72 7.28 25.62
C GLY J 100 -5.53 6.02 25.40
N TRP J 101 -6.61 6.13 24.66
CA TRP J 101 -7.46 4.98 24.37
C TRP J 101 -6.72 3.96 23.51
N LEU J 102 -5.68 4.42 22.84
CA LEU J 102 -4.86 3.55 22.00
C LEU J 102 -3.64 3.03 22.74
N GLY J 103 -3.47 3.45 24.00
CA GLY J 103 -2.37 2.95 24.79
C GLY J 103 -1.43 3.92 25.49
N PRO J 104 -0.81 4.84 24.74
CA PRO J 104 0.24 5.70 25.33
C PRO J 104 -0.30 6.64 26.40
N PHE J 105 0.60 7.32 27.09
CA PHE J 105 0.20 8.33 28.06
C PHE J 105 0.06 9.65 27.30
N ASP J 106 -1.15 9.96 26.86
CA ASP J 106 -1.38 11.11 26.01
C ASP J 106 -1.25 12.43 26.78
N TYR J 107 -1.96 12.54 27.89
CA TYR J 107 -1.96 13.77 28.68
C TYR J 107 -1.38 13.58 30.08
N TRP J 108 -0.54 14.53 30.47
CA TRP J 108 0.11 14.54 31.78
C TRP J 108 -0.33 15.78 32.57
N GLY J 109 0.05 15.82 33.83
CA GLY J 109 -0.10 17.03 34.63
C GLY J 109 1.26 17.69 34.72
N GLN J 110 1.38 18.76 35.52
CA GLN J 110 2.65 19.44 35.66
C GLN J 110 3.44 18.89 36.85
N GLY J 111 2.84 17.95 37.56
CA GLY J 111 3.52 17.23 38.64
C GLY J 111 3.64 17.99 39.95
N THR J 112 3.89 17.24 41.02
CA THR J 112 4.21 17.84 42.31
C THR J 112 5.55 17.33 42.84
N LEU J 113 6.29 18.21 43.50
CA LEU J 113 7.60 17.83 44.03
C LEU J 113 7.48 17.25 45.44
N VAL J 114 7.99 16.03 45.60
CA VAL J 114 8.02 15.38 46.91
C VAL J 114 9.48 15.13 47.31
N THR J 115 9.91 15.78 48.39
CA THR J 115 11.26 15.60 48.89
C THR J 115 11.24 14.86 50.22
N VAL J 116 12.23 13.99 50.42
CA VAL J 116 12.29 13.20 51.64
C VAL J 116 13.58 13.51 52.42
N SER J 117 13.40 14.04 53.63
CA SER J 117 14.52 14.46 54.47
C SER J 117 15.46 13.31 54.81
N GLU K 1 10.14 -8.64 33.37
CA GLU K 1 9.90 -7.29 32.89
C GLU K 1 10.65 -7.03 31.58
N ILE K 2 10.25 -5.98 30.88
CA ILE K 2 10.86 -5.63 29.60
C ILE K 2 11.76 -4.41 29.75
N VAL K 3 13.06 -4.62 29.52
CA VAL K 3 14.05 -3.57 29.72
C VAL K 3 14.34 -2.81 28.41
N LEU K 4 14.09 -1.50 28.43
CA LEU K 4 14.37 -0.66 27.26
C LEU K 4 15.68 0.10 27.43
N THR K 5 16.54 0.02 26.41
CA THR K 5 17.83 0.71 26.44
C THR K 5 17.97 1.67 25.25
N GLN K 6 18.01 2.96 25.54
CA GLN K 6 18.13 3.97 24.48
C GLN K 6 19.59 4.30 24.21
N SER K 7 19.85 4.91 23.06
CA SER K 7 21.20 5.30 22.67
C SER K 7 21.17 6.31 21.52
N PRO K 8 22.09 7.31 21.55
CA PRO K 8 23.13 7.52 22.57
C PRO K 8 22.55 8.07 23.87
N GLY K 9 23.38 8.13 24.92
CA GLY K 9 22.97 8.73 26.17
C GLY K 9 22.71 10.21 25.97
N THR K 10 23.65 10.89 25.33
CA THR K 10 23.49 12.30 25.01
C THR K 10 23.86 12.53 23.55
N LEU K 11 23.33 13.61 22.98
CA LEU K 11 23.54 13.90 21.56
C LEU K 11 23.53 15.40 21.30
N SER K 12 24.57 15.89 20.61
CA SER K 12 24.73 17.31 20.39
C SER K 12 24.83 17.66 18.92
N LEU K 13 23.79 18.32 18.41
CA LEU K 13 23.75 18.69 17.01
C LEU K 13 23.23 20.13 16.83
N SER K 14 23.82 20.84 15.88
CA SER K 14 23.43 22.21 15.58
C SER K 14 22.09 22.25 14.84
N PRO K 15 21.35 23.37 14.92
CA PRO K 15 20.04 23.50 14.29
C PRO K 15 20.04 23.17 12.79
N GLY K 16 19.14 22.29 12.38
CA GLY K 16 18.98 21.95 10.98
C GLY K 16 19.61 20.61 10.60
N GLU K 17 20.05 19.86 11.60
CA GLU K 17 20.69 18.58 11.36
C GLU K 17 19.76 17.41 11.68
N ARG K 18 20.05 16.26 11.08
CA ARG K 18 19.22 15.08 11.25
C ARG K 18 19.65 14.25 12.46
N ALA K 19 18.85 14.29 13.51
CA ALA K 19 19.12 13.54 14.73
C ALA K 19 18.43 12.19 14.69
N THR K 20 19.18 11.14 15.02
CA THR K 20 18.63 9.79 15.05
C THR K 20 18.87 9.12 16.41
N LEU K 21 17.78 8.72 17.07
CA LEU K 21 17.83 8.09 18.38
C LEU K 21 17.36 6.63 18.24
N SER K 22 18.01 5.72 18.96
CA SER K 22 17.64 4.30 18.86
C SER K 22 17.18 3.74 20.20
N CYS K 23 16.19 2.84 20.15
CA CYS K 23 15.66 2.22 21.36
C CYS K 23 15.63 0.70 21.20
N ARG K 24 16.43 0.01 22.00
CA ARG K 24 16.53 -1.44 21.92
C ARG K 24 15.87 -2.14 23.10
N ALA K 25 14.89 -2.98 22.81
CA ALA K 25 14.16 -3.70 23.84
C ALA K 25 14.87 -4.99 24.22
N SER K 26 14.66 -5.44 25.46
CA SER K 26 15.26 -6.68 25.93
C SER K 26 14.60 -7.88 25.24
N GLN K 27 13.39 -7.67 24.74
CA GLN K 27 12.67 -8.71 24.01
C GLN K 27 11.75 -8.10 22.96
N SER K 28 11.06 -8.95 22.21
CA SER K 28 10.19 -8.48 21.13
C SER K 28 8.95 -7.79 21.69
N VAL K 29 8.86 -6.49 21.44
CA VAL K 29 7.67 -5.71 21.77
C VAL K 29 6.86 -5.49 20.50
N GLY K 30 5.55 -5.75 20.57
CA GLY K 30 4.67 -5.49 19.46
C GLY K 30 5.00 -4.07 19.03
N SER K 31 5.10 -3.84 17.72
CA SER K 31 5.34 -2.50 17.20
C SER K 31 4.02 -1.73 17.07
N SER K 32 3.19 -1.85 18.10
CA SER K 32 1.93 -1.13 18.20
C SER K 32 1.80 -0.65 19.64
N TYR K 33 2.86 -0.87 20.41
CA TYR K 33 2.86 -0.53 21.83
C TYR K 33 4.13 0.23 22.24
N LEU K 34 4.82 0.79 21.25
CA LEU K 34 6.00 1.60 21.53
C LEU K 34 5.66 3.08 21.37
N ALA K 35 6.15 3.90 22.31
CA ALA K 35 5.85 5.32 22.33
C ALA K 35 7.11 6.15 22.57
N TRP K 36 7.11 7.35 22.01
CA TRP K 36 8.19 8.31 22.21
C TRP K 36 7.64 9.57 22.87
N TYR K 37 8.29 9.98 23.95
CA TYR K 37 7.89 11.17 24.71
C TYR K 37 8.99 12.22 24.70
N GLN K 38 8.57 13.47 24.57
CA GLN K 38 9.49 14.61 24.63
C GLN K 38 9.28 15.42 25.89
N GLN K 39 10.30 15.42 26.75
CA GLN K 39 10.24 16.22 27.97
C GLN K 39 11.19 17.40 27.88
N LYS K 40 10.64 18.59 28.10
CA LYS K 40 11.41 19.82 28.05
C LYS K 40 11.87 20.21 29.46
N PRO K 41 12.97 20.98 29.55
CA PRO K 41 13.45 21.48 30.84
C PRO K 41 12.36 22.25 31.61
N GLY K 42 12.01 21.74 32.78
CA GLY K 42 10.98 22.36 33.61
C GLY K 42 9.59 22.16 33.06
N GLN K 43 9.40 21.05 32.36
CA GLN K 43 8.11 20.75 31.75
C GLN K 43 7.73 19.27 31.91
N ALA K 44 6.45 19.00 31.72
CA ALA K 44 5.93 17.64 31.74
C ALA K 44 6.27 16.94 30.42
N PRO K 45 6.35 15.60 30.45
CA PRO K 45 6.53 14.82 29.23
C PRO K 45 5.46 15.12 28.17
N ARG K 46 5.84 15.03 26.91
CA ARG K 46 4.94 15.31 25.79
C ARG K 46 4.93 14.13 24.83
N LEU K 47 3.76 13.58 24.55
CA LEU K 47 3.65 12.44 23.64
C LEU K 47 4.06 12.81 22.22
N LEU K 48 5.12 12.21 21.74
CA LEU K 48 5.55 12.38 20.35
C LEU K 48 4.98 11.31 19.45
N ILE K 49 5.32 10.05 19.75
CA ILE K 49 4.96 8.95 18.88
C ILE K 49 4.19 7.86 19.63
N TYR K 50 3.19 7.27 18.99
CA TYR K 50 2.53 6.09 19.54
C TYR K 50 2.44 5.03 18.45
N GLY K 51 2.38 3.76 18.87
CA GLY K 51 2.31 2.67 17.92
C GLY K 51 3.52 2.66 16.98
N ALA K 52 4.69 2.91 17.57
CA ALA K 52 5.97 2.92 16.85
C ALA K 52 6.09 3.98 15.76
N PHE K 53 5.07 4.11 14.90
CA PHE K 53 5.17 4.99 13.74
C PHE K 53 4.18 6.15 13.79
N SER K 54 2.98 5.88 14.31
CA SER K 54 1.90 6.85 14.28
C SER K 54 2.21 8.10 15.08
N ARG K 55 2.00 9.25 14.45
CA ARG K 55 2.34 10.53 15.05
C ARG K 55 1.18 11.06 15.88
N ALA K 56 1.49 11.45 17.12
CA ALA K 56 0.49 12.03 18.01
C ALA K 56 -0.03 13.32 17.43
N THR K 57 -1.30 13.63 17.70
CA THR K 57 -1.93 14.83 17.15
C THR K 57 -1.23 16.10 17.60
N GLY K 58 -1.06 17.04 16.67
CA GLY K 58 -0.45 18.32 16.96
C GLY K 58 1.07 18.32 16.93
N ILE K 59 1.66 17.17 16.59
CA ILE K 59 3.11 17.03 16.60
C ILE K 59 3.71 17.34 15.23
N PRO K 60 4.76 18.18 15.21
CA PRO K 60 5.49 18.58 14.01
C PRO K 60 5.87 17.42 13.08
N ASP K 61 6.11 17.75 11.82
CA ASP K 61 6.29 16.75 10.78
C ASP K 61 7.68 16.13 10.78
N ARG K 62 8.66 16.88 11.28
CA ARG K 62 10.04 16.44 11.30
C ARG K 62 10.24 15.16 12.13
N PHE K 63 9.34 14.93 13.08
CA PHE K 63 9.43 13.74 13.93
C PHE K 63 8.86 12.52 13.23
N SER K 64 9.70 11.51 13.05
CA SER K 64 9.26 10.27 12.42
C SER K 64 9.68 9.06 13.24
N GLY K 65 8.75 8.13 13.43
CA GLY K 65 9.02 6.91 14.18
C GLY K 65 9.08 5.68 13.30
N SER K 66 10.00 4.77 13.63
CA SER K 66 10.18 3.54 12.86
C SER K 66 10.75 2.42 13.73
N GLY K 67 10.97 1.25 13.14
CA GLY K 67 11.54 0.14 13.88
C GLY K 67 10.77 -1.17 13.79
N SER K 68 11.46 -2.27 14.10
CA SER K 68 10.88 -3.61 14.03
C SER K 68 10.53 -4.16 15.42
N GLY K 69 10.73 -5.47 15.60
CA GLY K 69 10.42 -6.13 16.87
C GLY K 69 11.13 -5.60 18.11
N THR K 70 12.45 -5.75 18.17
CA THR K 70 13.22 -5.30 19.32
C THR K 70 13.87 -3.92 19.14
N ASP K 71 14.13 -3.55 17.89
CA ASP K 71 14.86 -2.32 17.63
C ASP K 71 13.96 -1.26 17.02
N PHE K 72 13.95 -0.07 17.63
CA PHE K 72 13.15 1.05 17.15
C PHE K 72 14.01 2.28 16.93
N THR K 73 13.49 3.25 16.17
CA THR K 73 14.23 4.45 15.84
C THR K 73 13.34 5.69 15.78
N LEU K 74 13.78 6.76 16.43
CA LEU K 74 13.12 8.05 16.37
C LEU K 74 14.01 9.05 15.63
N THR K 75 13.50 9.65 14.56
CA THR K 75 14.29 10.59 13.79
C THR K 75 13.68 11.99 13.76
N ILE K 76 14.49 12.97 14.17
CA ILE K 76 14.13 14.37 14.05
C ILE K 76 14.96 14.99 12.92
N SER K 77 14.33 15.16 11.76
CA SER K 77 15.03 15.54 10.53
C SER K 77 15.65 16.94 10.56
N ARG K 78 14.84 17.96 10.82
CA ARG K 78 15.32 19.33 10.86
C ARG K 78 15.18 19.93 12.26
N LEU K 79 16.28 19.92 13.01
CA LEU K 79 16.28 20.40 14.40
C LEU K 79 15.97 21.90 14.50
N GLU K 80 14.87 22.21 15.20
CA GLU K 80 14.57 23.58 15.61
C GLU K 80 15.04 23.74 17.05
N PRO K 81 15.37 24.97 17.48
CA PRO K 81 15.87 25.20 18.84
C PRO K 81 14.94 24.66 19.94
N GLU K 82 13.64 24.57 19.63
CA GLU K 82 12.64 24.09 20.57
C GLU K 82 12.70 22.57 20.74
N ASP K 83 13.50 21.90 19.91
CA ASP K 83 13.64 20.46 19.99
C ASP K 83 14.68 20.06 21.04
N PHE K 84 15.36 21.06 21.61
CA PHE K 84 16.24 20.84 22.76
C PHE K 84 15.46 20.21 23.91
N ALA K 85 15.68 18.92 24.15
CA ALA K 85 14.87 18.21 25.14
C ALA K 85 15.37 16.80 25.43
N VAL K 86 14.80 16.17 26.46
CA VAL K 86 15.08 14.77 26.72
C VAL K 86 14.00 13.91 26.07
N TYR K 87 14.41 12.86 25.38
CA TYR K 87 13.45 12.00 24.70
C TYR K 87 13.47 10.57 25.26
N TYR K 88 12.31 10.10 25.67
CA TYR K 88 12.18 8.77 26.28
C TYR K 88 11.37 7.81 25.42
N CYS K 89 11.80 6.56 25.35
CA CYS K 89 11.00 5.52 24.70
C CYS K 89 10.30 4.70 25.78
N GLN K 90 9.11 4.20 25.47
CA GLN K 90 8.30 3.50 26.47
C GLN K 90 7.42 2.43 25.84
N GLN K 91 7.30 1.29 26.51
CA GLN K 91 6.35 0.28 26.05
C GLN K 91 5.11 0.33 26.94
N TYR K 92 3.94 0.40 26.31
CA TYR K 92 2.70 0.49 27.05
C TYR K 92 1.83 -0.72 26.75
N GLY K 93 2.47 -1.80 26.32
CA GLY K 93 1.76 -3.01 25.94
C GLY K 93 1.39 -3.87 27.13
N SER K 94 2.21 -3.83 28.16
CA SER K 94 1.98 -4.69 29.32
C SER K 94 2.57 -4.12 30.61
N SER K 95 2.03 -4.56 31.73
CA SER K 95 2.57 -4.19 33.03
C SER K 95 3.81 -5.03 33.33
N PRO K 96 4.86 -4.41 33.88
CA PRO K 96 4.93 -3.00 34.24
C PRO K 96 5.27 -2.11 33.05
N TRP K 97 4.64 -0.94 32.97
CA TRP K 97 5.01 0.04 31.96
C TRP K 97 6.46 0.45 32.18
N THR K 98 7.27 0.36 31.14
CA THR K 98 8.69 0.62 31.29
C THR K 98 9.19 1.69 30.32
N PHE K 99 10.04 2.59 30.82
CA PHE K 99 10.65 3.62 30.00
C PHE K 99 12.12 3.31 29.78
N GLY K 100 12.70 3.93 28.76
CA GLY K 100 14.15 3.88 28.56
C GLY K 100 14.79 4.89 29.48
N GLN K 101 16.12 4.90 29.55
CA GLN K 101 16.81 5.83 30.43
C GLN K 101 16.77 7.24 29.84
N GLY K 102 16.49 7.33 28.54
CA GLY K 102 16.32 8.61 27.89
C GLY K 102 17.52 9.10 27.12
N THR K 103 17.29 10.03 26.21
CA THR K 103 18.38 10.63 25.43
C THR K 103 18.23 12.14 25.39
N LYS K 104 19.21 12.85 25.96
CA LYS K 104 19.13 14.30 25.98
C LYS K 104 19.70 14.89 24.69
N VAL K 105 18.81 15.34 23.83
CA VAL K 105 19.20 16.07 22.63
C VAL K 105 19.39 17.55 22.96
N GLU K 106 20.66 17.93 23.04
CA GLU K 106 21.08 19.30 23.28
C GLU K 106 21.60 19.93 22.01
N ILE K 107 21.01 21.04 21.62
CA ILE K 107 21.25 21.63 20.31
C ILE K 107 22.35 22.70 20.40
N LYS K 108 23.11 22.84 19.30
CA LYS K 108 24.27 23.74 19.16
C LYS K 108 25.50 23.16 19.85
N LYS L 2 6.93 -12.06 25.37
CA LYS L 2 5.72 -12.37 24.61
C LYS L 2 4.93 -11.10 24.28
N ALA L 3 3.84 -11.28 23.53
CA ALA L 3 2.96 -10.18 23.17
C ALA L 3 1.54 -10.67 22.94
N MET L 4 0.60 -9.74 22.86
CA MET L 4 -0.80 -10.07 22.65
C MET L 4 -1.28 -9.61 21.27
N HIS L 5 -1.99 -10.48 20.58
CA HIS L 5 -2.49 -10.16 19.24
C HIS L 5 -4.02 -10.10 19.22
N VAL L 6 -4.56 -9.15 18.47
CA VAL L 6 -6.01 -9.01 18.32
C VAL L 6 -6.41 -9.00 16.85
N ALA L 7 -7.22 -9.98 16.46
CA ALA L 7 -7.66 -10.11 15.09
C ALA L 7 -9.17 -9.90 14.95
N GLN L 8 -9.55 -9.18 13.90
CA GLN L 8 -10.95 -8.93 13.58
C GLN L 8 -11.11 -8.82 12.08
N PRO L 9 -12.32 -9.12 11.57
CA PRO L 9 -12.57 -9.06 10.12
C PRO L 9 -12.29 -7.68 9.55
N ALA L 10 -11.88 -7.63 8.29
CA ALA L 10 -11.53 -6.38 7.64
C ALA L 10 -12.77 -5.52 7.36
N VAL L 11 -13.74 -6.12 6.68
CA VAL L 11 -14.97 -5.41 6.33
C VAL L 11 -16.20 -6.18 6.80
N VAL L 12 -17.17 -5.44 7.32
CA VAL L 12 -18.42 -6.05 7.79
C VAL L 12 -19.62 -5.24 7.32
N LEU L 13 -20.60 -5.93 6.74
CA LEU L 13 -21.83 -5.29 6.31
C LEU L 13 -22.89 -5.34 7.41
N ALA L 14 -23.64 -4.25 7.54
CA ALA L 14 -24.72 -4.17 8.53
C ALA L 14 -26.03 -4.62 7.92
N SER L 15 -26.89 -5.24 8.73
CA SER L 15 -28.19 -5.69 8.25
C SER L 15 -29.09 -4.52 7.83
N SER L 16 -30.24 -4.84 7.25
CA SER L 16 -31.19 -3.82 6.83
C SER L 16 -31.67 -2.98 8.01
N ARG L 17 -31.82 -3.64 9.16
CA ARG L 17 -32.30 -2.97 10.37
C ARG L 17 -31.26 -1.97 10.90
N GLY L 18 -30.00 -2.36 10.85
CA GLY L 18 -28.91 -1.55 11.38
C GLY L 18 -28.07 -2.34 12.36
N ILE L 19 -27.92 -3.63 12.09
CA ILE L 19 -27.20 -4.53 12.96
C ILE L 19 -25.96 -5.14 12.28
N ALA L 20 -24.79 -4.84 12.83
CA ALA L 20 -23.53 -5.40 12.33
C ALA L 20 -22.92 -6.34 13.35
N SER L 21 -22.75 -7.60 12.97
CA SER L 21 -22.18 -8.60 13.86
C SER L 21 -20.85 -9.12 13.32
N PHE L 22 -19.83 -9.08 14.18
CA PHE L 22 -18.51 -9.58 13.78
C PHE L 22 -17.78 -10.22 14.96
N VAL L 23 -16.71 -10.96 14.66
CA VAL L 23 -16.00 -11.70 15.70
C VAL L 23 -14.71 -11.03 16.07
N CYS L 24 -14.55 -10.71 17.36
CA CYS L 24 -13.29 -10.17 17.83
C CYS L 24 -12.53 -11.26 18.56
N GLU L 25 -11.36 -11.61 18.04
CA GLU L 25 -10.58 -12.68 18.66
C GLU L 25 -9.27 -12.13 19.19
N TYR L 26 -8.83 -12.69 20.31
CA TYR L 26 -7.55 -12.28 20.89
C TYR L 26 -6.72 -13.48 21.33
N ALA L 27 -5.41 -13.30 21.32
CA ALA L 27 -4.49 -14.28 21.89
C ALA L 27 -4.38 -14.05 23.40
N SER L 28 -4.33 -15.14 24.16
CA SER L 28 -4.13 -15.05 25.61
C SER L 28 -2.73 -15.56 25.96
N PRO L 29 -1.76 -14.65 26.09
CA PRO L 29 -0.36 -14.98 26.41
C PRO L 29 -0.20 -15.79 27.70
N GLY L 30 -1.28 -15.86 28.48
CA GLY L 30 -1.32 -16.68 29.66
C GLY L 30 -2.75 -16.89 30.12
N LYS L 31 -2.91 -17.41 31.33
CA LYS L 31 -4.22 -17.50 31.94
C LYS L 31 -4.77 -16.09 32.13
N ALA L 32 -5.92 -15.82 31.53
CA ALA L 32 -6.51 -14.48 31.56
C ALA L 32 -7.86 -14.51 32.26
N THR L 33 -7.87 -14.28 33.57
CA THR L 33 -9.10 -14.43 34.34
C THR L 33 -10.02 -13.21 34.21
N GLU L 34 -9.54 -12.14 33.57
CA GLU L 34 -10.37 -10.95 33.39
C GLU L 34 -9.94 -10.13 32.19
N VAL L 35 -10.86 -9.93 31.26
CA VAL L 35 -10.57 -9.30 29.99
C VAL L 35 -11.62 -8.27 29.61
N ARG L 36 -11.37 -7.01 29.95
CA ARG L 36 -12.28 -5.95 29.56
C ARG L 36 -12.11 -5.63 28.08
N VAL L 37 -13.20 -5.72 27.32
CA VAL L 37 -13.16 -5.45 25.88
C VAL L 37 -13.90 -4.15 25.58
N THR L 38 -13.41 -3.39 24.60
CA THR L 38 -14.00 -2.09 24.26
C THR L 38 -13.99 -1.87 22.74
N VAL L 39 -15.05 -1.25 22.22
CA VAL L 39 -15.15 -0.98 20.79
C VAL L 39 -15.04 0.52 20.53
N LEU L 40 -14.18 0.90 19.58
CA LEU L 40 -13.93 2.30 19.30
C LEU L 40 -14.33 2.67 17.87
N ARG L 41 -14.85 3.88 17.69
CA ARG L 41 -15.13 4.41 16.37
C ARG L 41 -14.02 5.38 15.96
N GLN L 42 -13.30 5.04 14.90
CA GLN L 42 -12.20 5.89 14.46
C GLN L 42 -12.37 6.39 13.03
N ALA L 43 -12.97 7.56 12.90
CA ALA L 43 -12.82 8.36 11.69
C ALA L 43 -11.60 9.23 11.91
N ASP L 44 -10.90 9.62 10.85
CA ASP L 44 -9.66 10.35 11.04
C ASP L 44 -9.88 11.82 11.38
N SER L 45 -9.41 12.20 12.57
CA SER L 45 -8.73 11.27 13.46
C SER L 45 -9.34 11.25 14.84
N GLN L 46 -10.66 11.16 14.86
CA GLN L 46 -11.43 11.14 16.08
C GLN L 46 -11.58 9.71 16.61
N VAL L 47 -11.61 9.57 17.93
CA VAL L 47 -11.79 8.26 18.53
C VAL L 47 -12.98 8.30 19.50
N THR L 48 -13.99 7.46 19.23
CA THR L 48 -15.22 7.46 20.01
C THR L 48 -15.51 6.07 20.59
N GLU L 49 -15.85 6.03 21.89
CA GLU L 49 -16.22 4.78 22.56
C GLU L 49 -17.64 4.38 22.15
N VAL L 50 -17.81 3.10 21.87
CA VAL L 50 -19.11 2.58 21.46
C VAL L 50 -19.64 1.64 22.52
N CYS L 51 -19.16 0.41 22.49
CA CYS L 51 -19.57 -0.60 23.45
C CYS L 51 -18.40 -0.91 24.38
N ALA L 52 -18.70 -1.27 25.63
CA ALA L 52 -17.65 -1.60 26.60
C ALA L 52 -18.18 -2.53 27.69
N ALA L 53 -17.44 -3.60 27.94
CA ALA L 53 -17.84 -4.56 28.96
C ALA L 53 -16.65 -5.28 29.58
N THR L 54 -16.86 -5.78 30.79
CA THR L 54 -15.88 -6.56 31.51
C THR L 54 -16.47 -7.93 31.79
N TYR L 55 -15.64 -8.97 31.68
CA TYR L 55 -16.09 -10.31 31.99
C TYR L 55 -14.92 -11.21 32.35
N MET L 56 -15.18 -12.18 33.24
CA MET L 56 -14.15 -13.12 33.63
C MET L 56 -14.20 -14.33 32.69
N MET L 57 -13.05 -14.66 32.11
CA MET L 57 -12.97 -15.71 31.08
C MET L 57 -13.52 -17.03 31.60
N GLY L 58 -14.25 -17.72 30.73
CA GLY L 58 -14.98 -18.91 31.12
C GLY L 58 -16.40 -18.53 31.48
N ASN L 59 -16.54 -17.67 32.47
CA ASN L 59 -17.85 -17.16 32.86
C ASN L 59 -18.40 -16.21 31.82
N GLU L 60 -19.71 -15.99 31.85
CA GLU L 60 -20.41 -15.33 30.76
C GLU L 60 -20.12 -13.83 30.66
N LEU L 61 -20.00 -13.37 29.42
CA LEU L 61 -19.85 -11.94 29.12
C LEU L 61 -21.21 -11.27 29.00
N THR L 62 -21.36 -10.12 29.64
CA THR L 62 -22.62 -9.39 29.60
C THR L 62 -22.43 -7.90 29.83
N PHE L 63 -22.96 -7.09 28.93
CA PHE L 63 -22.91 -5.64 29.04
C PHE L 63 -23.87 -5.16 30.14
N ILE L 68 -26.05 -0.06 22.93
CA ILE L 68 -26.22 -0.19 21.50
C ILE L 68 -25.77 -1.56 21.05
N CYS L 69 -24.90 -2.16 21.86
CA CYS L 69 -24.27 -3.42 21.51
C CYS L 69 -24.54 -4.55 22.52
N THR L 70 -24.43 -5.77 22.02
CA THR L 70 -24.54 -6.98 22.84
C THR L 70 -23.45 -7.96 22.44
N GLY L 71 -22.99 -8.78 23.38
CA GLY L 71 -21.88 -9.67 23.10
C GLY L 71 -21.97 -11.07 23.71
N THR L 72 -21.43 -12.04 23.01
CA THR L 72 -21.34 -13.40 23.51
C THR L 72 -19.88 -13.85 23.59
N SER L 73 -19.59 -14.81 24.46
CA SER L 73 -18.22 -15.23 24.69
C SER L 73 -18.02 -16.73 24.46
N SER L 74 -16.93 -17.05 23.78
CA SER L 74 -16.50 -18.43 23.56
C SER L 74 -14.98 -18.50 23.63
N GLY L 75 -14.46 -18.79 24.82
CA GLY L 75 -13.04 -18.83 25.04
C GLY L 75 -12.37 -17.50 24.72
N ASN L 76 -11.43 -17.53 23.79
CA ASN L 76 -10.71 -16.33 23.39
C ASN L 76 -11.50 -15.47 22.41
N GLN L 77 -12.62 -16.02 21.93
CA GLN L 77 -13.42 -15.29 20.95
C GLN L 77 -14.60 -14.57 21.61
N VAL L 78 -14.85 -13.35 21.17
CA VAL L 78 -16.06 -12.65 21.59
C VAL L 78 -16.84 -12.19 20.36
N ASN L 79 -18.05 -12.71 20.21
CA ASN L 79 -18.93 -12.34 19.11
C ASN L 79 -19.69 -11.07 19.47
N LEU L 80 -19.41 -10.00 18.74
CA LEU L 80 -20.00 -8.70 19.01
C LEU L 80 -21.10 -8.34 18.03
N THR L 81 -22.15 -7.71 18.54
CA THR L 81 -23.30 -7.31 17.76
C THR L 81 -23.65 -5.85 18.04
N ILE L 82 -23.77 -5.06 16.97
CA ILE L 82 -24.01 -3.63 17.12
C ILE L 82 -25.29 -3.19 16.40
N GLN L 83 -26.29 -2.79 17.17
CA GLN L 83 -27.58 -2.38 16.63
C GLN L 83 -27.61 -0.88 16.35
N GLY L 84 -28.80 -0.37 16.02
CA GLY L 84 -29.04 1.06 15.83
C GLY L 84 -28.01 1.81 15.01
N LEU L 85 -27.61 1.22 13.88
CA LEU L 85 -26.61 1.85 13.04
C LEU L 85 -27.23 2.67 11.91
N ARG L 86 -26.55 3.74 11.53
CA ARG L 86 -26.97 4.59 10.42
C ARG L 86 -25.94 4.67 9.33
N ALA L 87 -26.37 5.22 8.20
CA ALA L 87 -25.48 5.44 7.08
C ALA L 87 -24.31 6.34 7.46
N MET L 88 -24.56 7.28 8.38
CA MET L 88 -23.52 8.19 8.85
C MET L 88 -22.60 7.52 9.85
N ASP L 89 -23.07 6.41 10.41
CA ASP L 89 -22.29 5.64 11.38
C ASP L 89 -21.25 4.77 10.69
N THR L 90 -21.30 4.72 9.36
CA THR L 90 -20.35 3.95 8.56
C THR L 90 -18.92 4.40 8.80
N GLY L 91 -18.06 3.48 9.21
CA GLY L 91 -16.68 3.83 9.51
C GLY L 91 -15.83 2.71 10.06
N LEU L 92 -14.67 3.06 10.59
CA LEU L 92 -13.70 2.08 11.09
C LEU L 92 -13.93 1.78 12.57
N TYR L 93 -14.07 0.50 12.90
CA TYR L 93 -14.36 0.09 14.27
C TYR L 93 -13.27 -0.80 14.85
N ILE L 94 -12.60 -0.29 15.88
CA ILE L 94 -11.50 -1.03 16.49
C ILE L 94 -11.93 -1.79 17.74
N CYS L 95 -11.74 -3.10 17.74
CA CYS L 95 -12.02 -3.91 18.92
C CYS L 95 -10.75 -4.10 19.74
N LYS L 96 -10.66 -3.40 20.86
CA LYS L 96 -9.50 -3.52 21.74
C LYS L 96 -9.80 -4.38 22.97
N VAL L 97 -8.80 -5.13 23.41
CA VAL L 97 -8.95 -6.02 24.54
C VAL L 97 -7.85 -5.77 25.57
N GLU L 98 -8.25 -5.46 26.79
CA GLU L 98 -7.29 -5.27 27.89
C GLU L 98 -7.46 -6.38 28.92
N LEU L 99 -6.43 -7.22 29.06
CA LEU L 99 -6.48 -8.26 30.06
C LEU L 99 -5.86 -7.75 31.36
N MET L 100 -6.73 -7.62 32.36
CA MET L 100 -6.36 -7.07 33.65
C MET L 100 -5.77 -8.15 34.54
N TYR L 101 -6.65 -9.01 35.06
CA TYR L 101 -6.25 -10.04 36.01
C TYR L 101 -6.21 -11.42 35.37
N PRO L 102 -5.23 -12.25 35.75
CA PRO L 102 -4.15 -11.99 36.71
C PRO L 102 -2.97 -11.27 36.03
N PRO L 103 -2.03 -10.74 36.83
CA PRO L 103 -0.82 -10.13 36.29
C PRO L 103 -0.10 -11.04 35.28
N PRO L 104 0.56 -10.43 34.28
CA PRO L 104 0.62 -8.98 34.10
C PRO L 104 -0.51 -8.45 33.22
N TYR L 105 -0.78 -7.14 33.34
CA TYR L 105 -1.72 -6.47 32.47
C TYR L 105 -1.25 -6.56 31.02
N TYR L 106 -2.19 -6.74 30.09
CA TYR L 106 -1.86 -6.74 28.67
C TYR L 106 -2.83 -5.86 27.88
N LEU L 107 -2.29 -5.12 26.91
CA LEU L 107 -3.11 -4.32 26.02
C LEU L 107 -3.04 -4.86 24.59
N GLY L 108 -4.20 -5.00 23.96
CA GLY L 108 -4.25 -5.46 22.58
C GLY L 108 -5.17 -4.60 21.75
N ILE L 109 -4.62 -3.91 20.77
CA ILE L 109 -5.44 -3.07 19.90
C ILE L 109 -5.74 -3.80 18.59
N GLY L 110 -7.02 -3.84 18.24
CA GLY L 110 -7.44 -4.47 17.00
C GLY L 110 -7.01 -3.68 15.78
N ASN L 111 -6.76 -4.37 14.68
CA ASN L 111 -6.32 -3.72 13.46
C ASN L 111 -7.41 -2.82 12.89
N GLY L 112 -8.66 -3.26 13.04
CA GLY L 112 -9.79 -2.46 12.60
C GLY L 112 -10.77 -3.21 11.73
N THR L 113 -12.03 -2.82 11.80
CA THR L 113 -13.07 -3.42 10.96
C THR L 113 -13.88 -2.35 10.25
N GLN L 114 -13.82 -2.33 8.93
CA GLN L 114 -14.54 -1.35 8.15
C GLN L 114 -16.02 -1.72 8.06
N ILE L 115 -16.84 -1.03 8.85
CA ILE L 115 -18.28 -1.31 8.87
C ILE L 115 -19.04 -0.34 7.97
N TYR L 116 -19.75 -0.90 6.98
CA TYR L 116 -20.59 -0.13 6.08
C TYR L 116 -22.07 -0.33 6.41
N VAL L 117 -22.79 0.78 6.51
CA VAL L 117 -24.22 0.74 6.83
C VAL L 117 -25.04 1.59 5.87
N ILE L 118 -26.16 1.04 5.40
CA ILE L 118 -27.13 1.84 4.63
C ILE L 118 -28.54 1.64 5.18
N ASP L 119 -29.43 2.58 4.82
CA ASP L 119 -30.77 2.63 5.39
C ASP L 119 -31.86 2.41 4.35
N PRO L 120 -33.03 1.90 4.79
CA PRO L 120 -34.18 1.69 3.90
C PRO L 120 -34.74 3.01 3.35
#